data_2UWQ
#
_entry.id   2UWQ
#
_cell.length_a   1.000
_cell.length_b   1.000
_cell.length_c   1.000
_cell.angle_alpha   90.00
_cell.angle_beta   90.00
_cell.angle_gamma   90.00
#
_symmetry.space_group_name_H-M   'P 1'
#
_entity_poly.entity_id   1
_entity_poly.type   'polypeptide(L)'
_entity_poly.pdbx_seq_one_letter_code
;GGSMMPMFLTVYLSNNEQHFTEVPVTPETICRDVVDLCKEPGESDCHLAEVWCGSERPVADNERMFDVLQRFGSQRNEVR
FFLRHE
;
_entity_poly.pdbx_strand_id   A
#
# COMPACT_ATOMS: atom_id res chain seq x y z
N GLY A 1 -15.29 -17.95 -12.44
CA GLY A 1 -14.96 -16.67 -11.72
C GLY A 1 -13.74 -15.99 -12.30
N GLY A 2 -12.76 -15.71 -11.46
CA GLY A 2 -11.55 -15.05 -11.91
C GLY A 2 -10.50 -14.94 -10.83
N SER A 3 -10.22 -16.06 -10.16
CA SER A 3 -9.23 -16.08 -9.09
C SER A 3 -7.86 -15.65 -9.61
N MET A 4 -7.11 -14.94 -8.78
CA MET A 4 -5.78 -14.47 -9.16
C MET A 4 -4.73 -14.95 -8.17
N MET A 5 -3.62 -15.46 -8.69
CA MET A 5 -2.53 -15.96 -7.86
C MET A 5 -2.01 -14.87 -6.92
N PRO A 6 -1.63 -13.70 -7.47
CA PRO A 6 -1.11 -12.59 -6.67
C PRO A 6 -2.10 -12.15 -5.59
N MET A 7 -1.80 -11.05 -4.91
CA MET A 7 -2.66 -10.52 -3.86
C MET A 7 -2.90 -9.03 -4.07
N PHE A 8 -3.64 -8.41 -3.16
CA PHE A 8 -3.93 -7.00 -3.28
C PHE A 8 -3.80 -6.26 -1.94
N LEU A 9 -3.69 -4.94 -2.04
CA LEU A 9 -3.56 -4.08 -0.87
C LEU A 9 -4.58 -2.96 -0.91
N THR A 10 -5.13 -2.61 0.24
CA THR A 10 -6.12 -1.55 0.34
C THR A 10 -5.45 -0.22 0.70
N VAL A 11 -5.45 0.70 -0.25
CA VAL A 11 -4.84 2.01 -0.04
C VAL A 11 -5.88 3.05 0.38
N TYR A 12 -5.44 4.08 1.07
CA TYR A 12 -6.33 5.14 1.54
C TYR A 12 -6.06 6.44 0.82
N LEU A 13 -7.14 7.07 0.40
CA LEU A 13 -7.03 8.32 -0.33
C LEU A 13 -8.16 9.28 0.02
N SER A 14 -7.81 10.56 0.09
CA SER A 14 -8.75 11.62 0.42
C SER A 14 -8.94 11.75 1.93
N ASN A 15 -9.21 12.96 2.39
CA ASN A 15 -9.41 13.22 3.81
C ASN A 15 -10.60 12.42 4.33
N ASN A 16 -10.33 11.17 4.69
CA ASN A 16 -11.37 10.29 5.21
C ASN A 16 -10.80 8.92 5.55
N GLU A 17 -11.27 8.33 6.65
CA GLU A 17 -10.80 7.02 7.08
C GLU A 17 -11.69 5.92 6.56
N GLN A 18 -12.47 6.22 5.51
CA GLN A 18 -13.37 5.23 4.93
C GLN A 18 -13.21 5.14 3.42
N HIS A 19 -12.46 6.06 2.81
CA HIS A 19 -12.26 5.96 1.37
C HIS A 19 -10.89 5.35 1.13
N PHE A 20 -10.91 4.24 0.42
CA PHE A 20 -9.70 3.51 0.11
C PHE A 20 -9.78 2.92 -1.28
N THR A 21 -8.64 2.60 -1.84
CA THR A 21 -8.62 1.96 -3.14
C THR A 21 -7.75 0.71 -3.06
N GLU A 22 -8.38 -0.44 -3.25
CA GLU A 22 -7.67 -1.71 -3.20
C GLU A 22 -7.22 -2.13 -4.58
N VAL A 23 -6.13 -2.89 -4.65
CA VAL A 23 -5.59 -3.31 -5.93
C VAL A 23 -4.75 -4.57 -5.86
N PRO A 24 -4.89 -5.47 -6.85
CA PRO A 24 -4.11 -6.71 -6.93
C PRO A 24 -2.85 -6.51 -7.75
N VAL A 25 -1.70 -6.48 -7.09
CA VAL A 25 -0.43 -6.26 -7.78
C VAL A 25 0.51 -7.45 -7.63
N THR A 26 1.17 -7.79 -8.73
CA THR A 26 2.13 -8.87 -8.74
C THR A 26 3.48 -8.28 -8.35
N PRO A 27 4.50 -9.09 -8.05
CA PRO A 27 5.81 -8.55 -7.67
C PRO A 27 6.55 -7.95 -8.86
N GLU A 28 5.93 -6.94 -9.47
CA GLU A 28 6.51 -6.24 -10.60
C GLU A 28 6.30 -4.75 -10.44
N THR A 29 5.05 -4.36 -10.17
CA THR A 29 4.72 -2.96 -9.96
C THR A 29 4.89 -2.60 -8.49
N ILE A 30 5.17 -1.33 -8.19
CA ILE A 30 5.35 -0.95 -6.80
C ILE A 30 4.69 0.39 -6.45
N CYS A 31 3.88 0.36 -5.39
CA CYS A 31 3.22 1.54 -4.87
C CYS A 31 2.72 2.48 -5.97
N ARG A 32 2.52 1.94 -7.16
CA ARG A 32 2.01 2.73 -8.27
C ARG A 32 0.52 2.78 -8.11
N ASP A 33 0.00 1.69 -7.57
CA ASP A 33 -1.41 1.56 -7.31
C ASP A 33 -1.81 2.52 -6.20
N VAL A 34 -1.03 2.52 -5.12
CA VAL A 34 -1.30 3.38 -3.98
C VAL A 34 -1.25 4.86 -4.40
N VAL A 35 -0.19 5.25 -5.10
CA VAL A 35 -0.05 6.64 -5.52
C VAL A 35 -1.02 7.01 -6.65
N ASP A 36 -1.06 6.20 -7.69
CA ASP A 36 -1.92 6.47 -8.85
C ASP A 36 -3.37 6.69 -8.44
N LEU A 37 -3.91 5.81 -7.59
CA LEU A 37 -5.30 5.93 -7.17
C LEU A 37 -5.48 6.93 -6.03
N CYS A 38 -4.49 6.99 -5.13
CA CYS A 38 -4.57 7.89 -3.99
C CYS A 38 -3.76 9.16 -4.22
N LYS A 39 -3.72 9.59 -5.47
CA LYS A 39 -3.02 10.81 -5.86
C LYS A 39 -3.98 11.99 -5.85
N GLU A 40 -3.48 13.17 -6.24
CA GLU A 40 -4.31 14.37 -6.29
C GLU A 40 -3.49 15.58 -6.71
N PRO A 41 -2.48 15.96 -5.91
CA PRO A 41 -1.62 17.11 -6.21
C PRO A 41 -0.43 16.74 -7.10
N GLY A 42 -0.54 15.60 -7.79
CA GLY A 42 0.54 15.16 -8.65
C GLY A 42 1.63 14.47 -7.88
N GLU A 43 2.05 13.29 -8.35
CA GLU A 43 3.09 12.53 -7.68
C GLU A 43 4.39 13.34 -7.62
N SER A 44 4.61 14.00 -6.49
CA SER A 44 5.82 14.79 -6.29
C SER A 44 6.40 14.57 -4.90
N ASP A 45 7.43 13.73 -4.82
CA ASP A 45 8.07 13.44 -3.55
C ASP A 45 7.05 12.93 -2.52
N CYS A 46 6.29 11.92 -2.92
CA CYS A 46 5.28 11.35 -2.03
C CYS A 46 5.65 9.92 -1.64
N HIS A 47 5.07 9.44 -0.54
CA HIS A 47 5.35 8.09 -0.07
C HIS A 47 4.08 7.40 0.43
N LEU A 48 4.13 6.07 0.46
CA LEU A 48 3.01 5.28 0.92
C LEU A 48 3.24 4.82 2.34
N ALA A 49 2.17 4.66 3.10
CA ALA A 49 2.29 4.27 4.51
C ALA A 49 1.66 2.91 4.80
N GLU A 50 2.20 2.23 5.81
CA GLU A 50 1.69 0.93 6.23
C GLU A 50 1.44 0.91 7.74
N VAL A 51 0.16 0.82 8.11
CA VAL A 51 -0.24 0.77 9.52
C VAL A 51 -1.10 -0.47 9.79
N TRP A 52 -0.70 -1.27 10.76
CA TRP A 52 -1.48 -2.46 11.08
C TRP A 52 -1.43 -2.78 12.58
N CYS A 53 -2.62 -2.91 13.18
CA CYS A 53 -2.72 -3.22 14.60
C CYS A 53 -1.83 -2.31 15.44
N GLY A 54 -1.71 -1.05 15.02
CA GLY A 54 -0.88 -0.11 15.74
C GLY A 54 0.53 -0.01 15.19
N SER A 55 0.88 -0.93 14.29
CA SER A 55 2.21 -0.94 13.69
C SER A 55 2.24 -0.08 12.44
N GLU A 56 2.65 1.17 12.58
CA GLU A 56 2.73 2.08 11.45
C GLU A 56 4.17 2.30 11.02
N ARG A 57 4.42 2.28 9.71
CA ARG A 57 5.76 2.46 9.19
C ARG A 57 5.74 3.18 7.84
N PRO A 58 6.83 3.89 7.49
CA PRO A 58 6.92 4.61 6.22
C PRO A 58 7.31 3.68 5.08
N VAL A 59 6.39 3.51 4.13
CA VAL A 59 6.64 2.62 2.98
C VAL A 59 7.01 3.41 1.73
N ALA A 60 8.03 2.93 1.03
CA ALA A 60 8.50 3.56 -0.20
C ALA A 60 7.63 3.21 -1.40
N ASP A 61 7.55 4.13 -2.36
CA ASP A 61 6.75 3.92 -3.56
C ASP A 61 7.28 2.76 -4.41
N ASN A 62 8.47 2.28 -4.07
CA ASN A 62 9.06 1.18 -4.82
C ASN A 62 8.92 -0.15 -4.08
N GLU A 63 7.99 -0.20 -3.12
CA GLU A 63 7.77 -1.42 -2.35
C GLU A 63 6.72 -2.31 -3.02
N ARG A 64 7.14 -3.48 -3.49
CA ARG A 64 6.24 -4.41 -4.16
C ARG A 64 5.15 -4.88 -3.21
N MET A 65 3.92 -5.00 -3.74
CA MET A 65 2.76 -5.44 -2.95
C MET A 65 3.18 -6.39 -1.83
N PHE A 66 3.39 -7.64 -2.20
CA PHE A 66 3.81 -8.65 -1.22
C PHE A 66 5.07 -8.22 -0.50
N ASP A 67 5.97 -7.53 -1.22
CA ASP A 67 7.22 -7.06 -0.62
C ASP A 67 6.93 -6.27 0.64
N VAL A 68 5.87 -5.48 0.57
CA VAL A 68 5.46 -4.67 1.71
C VAL A 68 4.70 -5.55 2.70
N LEU A 69 4.03 -6.57 2.17
CA LEU A 69 3.24 -7.49 2.98
C LEU A 69 4.12 -8.51 3.70
N GLN A 70 5.41 -8.53 3.37
CA GLN A 70 6.34 -9.47 3.99
C GLN A 70 7.08 -8.84 5.18
N ARG A 71 6.99 -7.52 5.31
CA ARG A 71 7.65 -6.81 6.39
C ARG A 71 6.79 -6.78 7.65
N PHE A 72 5.47 -6.78 7.47
CA PHE A 72 4.55 -6.75 8.60
C PHE A 72 4.76 -7.96 9.51
N GLY A 73 4.54 -9.15 8.95
CA GLY A 73 4.70 -10.37 9.71
C GLY A 73 3.75 -11.46 9.27
N SER A 74 3.19 -12.19 10.24
CA SER A 74 2.25 -13.27 9.94
C SER A 74 0.94 -12.72 9.41
N GLN A 75 0.48 -11.62 10.01
CA GLN A 75 -0.77 -10.99 9.59
C GLN A 75 -0.54 -10.07 8.39
N ARG A 76 -0.54 -10.65 7.21
CA ARG A 76 -0.32 -9.88 5.98
C ARG A 76 -1.60 -9.15 5.57
N ASN A 77 -2.75 -9.71 5.94
CA ASN A 77 -4.03 -9.10 5.61
C ASN A 77 -4.58 -8.32 6.79
N GLU A 78 -3.68 -7.68 7.54
CA GLU A 78 -4.06 -6.90 8.71
C GLU A 78 -3.53 -5.47 8.62
N VAL A 79 -2.84 -5.16 7.52
CA VAL A 79 -2.25 -3.84 7.32
C VAL A 79 -3.16 -2.90 6.53
N ARG A 80 -2.82 -1.62 6.58
CA ARG A 80 -3.55 -0.59 5.85
C ARG A 80 -2.56 0.23 5.04
N PHE A 81 -2.97 0.61 3.83
CA PHE A 81 -2.12 1.41 2.96
C PHE A 81 -2.70 2.82 2.89
N PHE A 82 -1.84 3.82 2.98
CA PHE A 82 -2.31 5.21 2.99
C PHE A 82 -1.36 6.12 2.21
N LEU A 83 -1.92 7.06 1.44
CA LEU A 83 -1.10 7.98 0.66
C LEU A 83 -0.79 9.26 1.42
N ARG A 84 0.50 9.55 1.57
CA ARG A 84 0.93 10.76 2.28
C ARG A 84 1.55 11.76 1.32
N HIS A 85 0.92 12.92 1.20
CA HIS A 85 1.42 13.97 0.31
C HIS A 85 1.80 15.22 1.11
N GLU A 86 3.11 15.50 1.16
CA GLU A 86 3.60 16.67 1.88
C GLU A 86 3.24 17.96 1.16
N GLY A 1 -6.01 -15.46 3.18
CA GLY A 1 -7.27 -16.27 3.22
C GLY A 1 -8.18 -15.98 2.05
N GLY A 2 -8.31 -16.95 1.15
CA GLY A 2 -9.16 -16.78 -0.02
C GLY A 2 -8.40 -16.26 -1.22
N SER A 3 -7.24 -16.85 -1.48
CA SER A 3 -6.41 -16.43 -2.61
C SER A 3 -5.32 -17.46 -2.89
N MET A 4 -5.04 -17.70 -4.17
CA MET A 4 -4.02 -18.66 -4.56
C MET A 4 -2.63 -18.18 -4.13
N MET A 5 -2.02 -17.32 -4.94
CA MET A 5 -0.70 -16.79 -4.65
C MET A 5 -0.69 -15.27 -4.62
N PRO A 6 -1.03 -14.59 -5.73
CA PRO A 6 -1.03 -13.12 -5.79
C PRO A 6 -1.75 -12.49 -4.60
N MET A 7 -1.33 -11.28 -4.23
CA MET A 7 -1.93 -10.57 -3.11
C MET A 7 -2.36 -9.17 -3.55
N PHE A 8 -2.84 -8.38 -2.60
CA PHE A 8 -3.30 -7.03 -2.91
C PHE A 8 -3.24 -6.12 -1.69
N LEU A 9 -3.19 -4.82 -1.95
CA LEU A 9 -3.12 -3.84 -0.87
C LEU A 9 -4.21 -2.76 -1.03
N THR A 10 -4.80 -2.36 0.09
CA THR A 10 -5.83 -1.32 0.08
C THR A 10 -5.28 -0.01 0.60
N VAL A 11 -5.16 0.97 -0.31
CA VAL A 11 -4.65 2.28 0.04
C VAL A 11 -5.77 3.23 0.44
N TYR A 12 -5.40 4.31 1.13
CA TYR A 12 -6.37 5.29 1.59
C TYR A 12 -6.20 6.61 0.87
N LEU A 13 -7.32 7.12 0.36
CA LEU A 13 -7.35 8.37 -0.38
C LEU A 13 -7.62 9.55 0.54
N SER A 14 -6.84 10.61 0.39
CA SER A 14 -7.01 11.81 1.20
C SER A 14 -6.82 11.49 2.68
N ASN A 15 -7.29 12.40 3.53
CA ASN A 15 -7.17 12.21 4.98
C ASN A 15 -8.42 11.57 5.55
N ASN A 16 -9.00 10.63 4.81
CA ASN A 16 -10.20 9.94 5.25
C ASN A 16 -9.88 8.50 5.63
N GLU A 17 -10.52 8.02 6.70
CA GLU A 17 -10.30 6.66 7.17
C GLU A 17 -11.33 5.69 6.58
N GLN A 18 -12.10 6.16 5.62
CA GLN A 18 -13.12 5.32 4.98
C GLN A 18 -12.96 5.30 3.47
N HIS A 19 -12.13 6.18 2.92
CA HIS A 19 -11.93 6.14 1.48
C HIS A 19 -10.62 5.42 1.20
N PHE A 20 -10.71 4.35 0.45
CA PHE A 20 -9.55 3.56 0.11
C PHE A 20 -9.63 3.02 -1.29
N THR A 21 -8.49 2.64 -1.82
CA THR A 21 -8.44 2.05 -3.14
C THR A 21 -7.58 0.79 -3.10
N GLU A 22 -8.21 -0.35 -3.32
CA GLU A 22 -7.51 -1.62 -3.26
C GLU A 22 -7.03 -2.04 -4.65
N VAL A 23 -5.96 -2.80 -4.68
CA VAL A 23 -5.38 -3.25 -5.94
C VAL A 23 -4.63 -4.57 -5.81
N PRO A 24 -4.93 -5.55 -6.69
CA PRO A 24 -4.28 -6.84 -6.71
C PRO A 24 -3.04 -6.82 -7.60
N VAL A 25 -1.90 -7.19 -7.05
CA VAL A 25 -0.66 -7.17 -7.82
C VAL A 25 0.32 -8.24 -7.37
N THR A 26 1.29 -8.52 -8.24
CA THR A 26 2.34 -9.49 -7.95
C THR A 26 3.60 -8.73 -7.53
N PRO A 27 4.62 -9.40 -7.02
CA PRO A 27 5.85 -8.72 -6.60
C PRO A 27 6.67 -8.22 -7.80
N GLU A 28 6.02 -7.40 -8.62
CA GLU A 28 6.65 -6.82 -9.80
C GLU A 28 6.41 -5.31 -9.80
N THR A 29 5.17 -4.92 -9.55
CA THR A 29 4.81 -3.51 -9.49
C THR A 29 4.96 -3.02 -8.06
N ILE A 30 5.29 -1.74 -7.89
CA ILE A 30 5.44 -1.20 -6.54
C ILE A 30 4.85 0.20 -6.39
N CYS A 31 3.99 0.35 -5.38
CA CYS A 31 3.35 1.63 -5.03
C CYS A 31 2.98 2.45 -6.27
N ARG A 32 2.84 1.77 -7.39
CA ARG A 32 2.46 2.42 -8.64
C ARG A 32 0.96 2.53 -8.66
N ASP A 33 0.34 1.42 -8.30
CA ASP A 33 -1.11 1.36 -8.21
C ASP A 33 -1.55 2.09 -6.95
N VAL A 34 -0.70 2.05 -5.92
CA VAL A 34 -0.98 2.71 -4.66
C VAL A 34 -1.06 4.23 -4.85
N VAL A 35 -0.02 4.81 -5.45
CA VAL A 35 0.00 6.25 -5.68
C VAL A 35 -0.96 6.64 -6.82
N ASP A 36 -0.85 5.92 -7.94
CA ASP A 36 -1.67 6.21 -9.11
C ASP A 36 -3.15 6.28 -8.76
N LEU A 37 -3.62 5.38 -7.91
CA LEU A 37 -5.03 5.37 -7.53
C LEU A 37 -5.34 6.31 -6.37
N CYS A 38 -4.41 6.45 -5.43
CA CYS A 38 -4.63 7.33 -4.29
C CYS A 38 -4.01 8.71 -4.49
N LYS A 39 -3.99 9.15 -5.74
CA LYS A 39 -3.45 10.45 -6.09
C LYS A 39 -4.60 11.43 -6.34
N GLU A 40 -4.27 12.73 -6.41
CA GLU A 40 -5.28 13.75 -6.65
C GLU A 40 -4.65 15.12 -6.86
N PRO A 41 -3.96 15.66 -5.84
CA PRO A 41 -3.30 16.96 -5.95
C PRO A 41 -2.22 17.00 -7.03
N GLY A 42 -1.80 15.82 -7.48
CA GLY A 42 -0.78 15.75 -8.51
C GLY A 42 0.50 16.45 -8.10
N GLU A 43 1.15 15.92 -7.07
CA GLU A 43 2.40 16.51 -6.58
C GLU A 43 3.55 15.51 -6.69
N SER A 44 4.76 16.03 -6.77
CA SER A 44 5.96 15.21 -6.88
C SER A 44 6.54 14.91 -5.50
N ASP A 45 7.21 13.77 -5.39
CA ASP A 45 7.83 13.36 -4.12
C ASP A 45 6.76 12.95 -3.10
N CYS A 46 6.23 11.75 -3.27
CA CYS A 46 5.21 11.23 -2.37
C CYS A 46 5.60 9.84 -1.86
N HIS A 47 4.87 9.35 -0.87
CA HIS A 47 5.16 8.03 -0.30
C HIS A 47 3.89 7.38 0.25
N LEU A 48 3.92 6.05 0.37
CA LEU A 48 2.80 5.30 0.89
C LEU A 48 3.09 4.85 2.32
N ALA A 49 2.07 4.75 3.15
CA ALA A 49 2.26 4.36 4.54
C ALA A 49 1.63 3.01 4.84
N GLU A 50 2.17 2.31 5.84
CA GLU A 50 1.64 1.00 6.25
C GLU A 50 1.39 0.96 7.76
N VAL A 51 0.13 0.90 8.16
CA VAL A 51 -0.26 0.82 9.57
C VAL A 51 -1.13 -0.39 9.83
N TRP A 52 -0.75 -1.24 10.77
CA TRP A 52 -1.56 -2.40 11.09
C TRP A 52 -1.50 -2.75 12.57
N CYS A 53 -2.67 -2.78 13.21
CA CYS A 53 -2.78 -3.11 14.63
C CYS A 53 -1.69 -2.42 15.45
N GLY A 54 -1.55 -1.12 15.27
CA GLY A 54 -0.55 -0.37 16.02
C GLY A 54 0.80 -0.36 15.34
N SER A 55 0.97 -1.19 14.30
CA SER A 55 2.23 -1.25 13.58
C SER A 55 2.21 -0.27 12.41
N GLU A 56 2.76 0.91 12.63
CA GLU A 56 2.81 1.94 11.60
C GLU A 56 4.24 2.16 11.12
N ARG A 57 4.43 2.15 9.80
CA ARG A 57 5.75 2.35 9.22
C ARG A 57 5.65 3.07 7.88
N PRO A 58 6.71 3.80 7.48
CA PRO A 58 6.73 4.53 6.22
C PRO A 58 7.11 3.64 5.05
N VAL A 59 6.22 3.55 4.06
CA VAL A 59 6.46 2.71 2.89
C VAL A 59 6.88 3.55 1.69
N ALA A 60 7.96 3.11 1.05
CA ALA A 60 8.48 3.79 -0.13
C ALA A 60 7.66 3.42 -1.35
N ASP A 61 7.57 4.32 -2.31
CA ASP A 61 6.79 4.06 -3.52
C ASP A 61 7.42 2.93 -4.34
N ASN A 62 8.65 2.56 -4.02
CA ASN A 62 9.32 1.51 -4.77
C ASN A 62 9.22 0.16 -4.07
N GLU A 63 8.36 0.06 -3.05
CA GLU A 63 8.19 -1.19 -2.32
C GLU A 63 7.12 -2.07 -2.98
N ARG A 64 7.55 -3.20 -3.53
CA ARG A 64 6.63 -4.12 -4.20
C ARG A 64 5.60 -4.68 -3.22
N MET A 65 4.34 -4.66 -3.64
CA MET A 65 3.20 -5.14 -2.85
C MET A 65 3.63 -6.24 -1.88
N PHE A 66 3.82 -7.43 -2.42
CA PHE A 66 4.25 -8.57 -1.62
C PHE A 66 5.35 -8.22 -0.65
N ASP A 67 6.40 -7.57 -1.14
CA ASP A 67 7.52 -7.21 -0.29
C ASP A 67 7.03 -6.39 0.89
N VAL A 68 6.11 -5.48 0.61
CA VAL A 68 5.53 -4.66 1.65
C VAL A 68 4.57 -5.50 2.49
N LEU A 69 4.03 -6.54 1.83
CA LEU A 69 3.09 -7.45 2.47
C LEU A 69 3.80 -8.49 3.34
N GLN A 70 5.11 -8.58 3.19
CA GLN A 70 5.90 -9.54 3.97
C GLN A 70 6.39 -8.94 5.28
N ARG A 71 6.49 -7.62 5.33
CA ARG A 71 6.96 -6.94 6.53
C ARG A 71 5.90 -6.94 7.63
N PHE A 72 4.64 -7.16 7.25
CA PHE A 72 3.54 -7.19 8.21
C PHE A 72 3.48 -8.54 8.93
N GLY A 73 4.60 -8.99 9.46
CA GLY A 73 4.63 -10.27 10.15
C GLY A 73 4.04 -11.39 9.34
N SER A 74 2.74 -11.64 9.53
CA SER A 74 2.04 -12.69 8.81
C SER A 74 0.66 -12.22 8.36
N GLN A 75 -0.03 -11.52 9.25
CA GLN A 75 -1.37 -11.01 8.95
C GLN A 75 -1.32 -9.96 7.83
N ARG A 76 -1.44 -10.41 6.60
CA ARG A 76 -1.41 -9.51 5.44
C ARG A 76 -2.74 -8.76 5.30
N ASN A 77 -3.82 -9.33 5.83
CA ASN A 77 -5.13 -8.71 5.74
C ASN A 77 -5.45 -7.90 7.00
N GLU A 78 -4.40 -7.40 7.66
CA GLU A 78 -4.57 -6.61 8.87
C GLU A 78 -3.92 -5.23 8.74
N VAL A 79 -3.25 -5.00 7.61
CA VAL A 79 -2.56 -3.74 7.37
C VAL A 79 -3.42 -2.75 6.60
N ARG A 80 -3.01 -1.50 6.64
CA ARG A 80 -3.67 -0.43 5.92
C ARG A 80 -2.65 0.35 5.11
N PHE A 81 -3.02 0.72 3.89
CA PHE A 81 -2.15 1.49 3.02
C PHE A 81 -2.71 2.89 2.92
N PHE A 82 -1.86 3.89 2.96
CA PHE A 82 -2.33 5.28 2.93
C PHE A 82 -1.41 6.18 2.11
N LEU A 83 -2.00 7.10 1.36
CA LEU A 83 -1.23 8.01 0.52
C LEU A 83 -0.91 9.30 1.27
N ARG A 84 0.39 9.58 1.44
CA ARG A 84 0.82 10.78 2.13
C ARG A 84 1.85 11.54 1.29
N HIS A 85 1.73 12.87 1.28
CA HIS A 85 2.64 13.72 0.51
C HIS A 85 3.45 14.61 1.44
N GLU A 86 4.77 14.47 1.39
CA GLU A 86 5.66 15.27 2.22
C GLU A 86 5.70 16.71 1.74
N GLY A 1 7.70 -21.43 -6.21
CA GLY A 1 8.30 -21.86 -7.51
C GLY A 1 7.31 -21.81 -8.65
N GLY A 2 6.12 -22.38 -8.43
CA GLY A 2 5.11 -22.38 -9.46
C GLY A 2 4.58 -20.99 -9.76
N SER A 3 3.28 -20.89 -10.03
CA SER A 3 2.64 -19.62 -10.32
C SER A 3 2.14 -18.96 -9.05
N MET A 4 1.53 -19.74 -8.18
CA MET A 4 1.00 -19.24 -6.91
C MET A 4 -0.07 -18.19 -7.17
N MET A 5 -0.85 -17.88 -6.14
CA MET A 5 -1.91 -16.89 -6.25
C MET A 5 -1.42 -15.52 -5.79
N PRO A 6 -1.42 -14.51 -6.69
CA PRO A 6 -0.97 -13.16 -6.37
C PRO A 6 -1.66 -12.60 -5.13
N MET A 7 -1.36 -11.35 -4.79
CA MET A 7 -1.94 -10.70 -3.63
C MET A 7 -2.38 -9.28 -3.98
N PHE A 8 -2.80 -8.52 -2.97
CA PHE A 8 -3.24 -7.15 -3.20
C PHE A 8 -3.08 -6.29 -1.95
N LEU A 9 -3.15 -4.98 -2.15
CA LEU A 9 -3.02 -4.03 -1.06
C LEU A 9 -4.09 -2.95 -1.14
N THR A 10 -4.61 -2.55 0.03
CA THR A 10 -5.64 -1.52 0.09
C THR A 10 -5.05 -0.19 0.55
N VAL A 11 -5.03 0.78 -0.37
CA VAL A 11 -4.49 2.11 -0.10
C VAL A 11 -5.58 3.04 0.39
N TYR A 12 -5.18 4.12 1.06
CA TYR A 12 -6.13 5.09 1.58
C TYR A 12 -6.06 6.41 0.83
N LEU A 13 -7.23 6.82 0.33
CA LEU A 13 -7.36 8.05 -0.45
C LEU A 13 -7.61 9.23 0.46
N SER A 14 -6.94 10.35 0.17
CA SER A 14 -7.11 11.57 0.94
C SER A 14 -6.76 11.34 2.40
N ASN A 15 -6.93 12.38 3.22
CA ASN A 15 -6.63 12.30 4.64
C ASN A 15 -7.84 11.78 5.42
N ASN A 16 -8.15 10.50 5.24
CA ASN A 16 -9.28 9.88 5.92
C ASN A 16 -8.93 8.49 6.40
N GLU A 17 -9.88 7.83 7.05
CA GLU A 17 -9.67 6.47 7.55
C GLU A 17 -10.71 5.51 7.01
N GLN A 18 -11.55 5.98 6.08
CA GLN A 18 -12.58 5.14 5.49
C GLN A 18 -12.53 5.15 3.97
N HIS A 19 -11.71 6.01 3.38
CA HIS A 19 -11.59 6.01 1.93
C HIS A 19 -10.33 5.26 1.57
N PHE A 20 -10.50 4.21 0.80
CA PHE A 20 -9.37 3.39 0.37
C PHE A 20 -9.57 2.87 -1.04
N THR A 21 -8.47 2.49 -1.66
CA THR A 21 -8.54 1.90 -2.97
C THR A 21 -7.64 0.67 -3.01
N GLU A 22 -8.25 -0.50 -3.16
CA GLU A 22 -7.52 -1.75 -3.18
C GLU A 22 -7.19 -2.16 -4.59
N VAL A 23 -6.09 -2.89 -4.75
CA VAL A 23 -5.65 -3.35 -6.06
C VAL A 23 -4.77 -4.58 -5.98
N PRO A 24 -4.98 -5.55 -6.89
CA PRO A 24 -4.19 -6.78 -6.94
C PRO A 24 -2.95 -6.61 -7.81
N VAL A 25 -1.81 -7.07 -7.31
CA VAL A 25 -0.57 -6.94 -8.05
C VAL A 25 0.44 -8.02 -7.63
N THR A 26 1.38 -8.29 -8.52
CA THR A 26 2.43 -9.27 -8.25
C THR A 26 3.66 -8.52 -7.76
N PRO A 27 4.65 -9.20 -7.17
CA PRO A 27 5.85 -8.54 -6.67
C PRO A 27 6.73 -8.01 -7.79
N GLU A 28 6.15 -7.14 -8.60
CA GLU A 28 6.84 -6.52 -9.72
C GLU A 28 6.59 -5.02 -9.67
N THR A 29 5.33 -4.64 -9.46
CA THR A 29 4.96 -3.24 -9.34
C THR A 29 5.13 -2.79 -7.91
N ILE A 30 5.44 -1.51 -7.72
CA ILE A 30 5.61 -1.00 -6.36
C ILE A 30 5.00 0.39 -6.15
N CYS A 31 4.16 0.50 -5.12
CA CYS A 31 3.51 1.77 -4.75
C CYS A 31 3.09 2.58 -5.98
N ARG A 32 2.93 1.91 -7.09
CA ARG A 32 2.51 2.56 -8.32
C ARG A 32 1.01 2.64 -8.31
N ASP A 33 0.42 1.52 -7.93
CA ASP A 33 -1.03 1.44 -7.81
C ASP A 33 -1.47 2.21 -6.57
N VAL A 34 -0.59 2.24 -5.57
CA VAL A 34 -0.87 2.94 -4.32
C VAL A 34 -0.92 4.45 -4.56
N VAL A 35 0.12 4.99 -5.19
CA VAL A 35 0.17 6.42 -5.48
C VAL A 35 -0.77 6.79 -6.62
N ASP A 36 -0.72 6.05 -7.72
CA ASP A 36 -1.57 6.33 -8.86
C ASP A 36 -3.04 6.33 -8.47
N LEU A 37 -3.45 5.37 -7.64
CA LEU A 37 -4.84 5.28 -7.22
C LEU A 37 -5.17 6.32 -6.15
N CYS A 38 -4.20 6.61 -5.28
CA CYS A 38 -4.41 7.58 -4.22
C CYS A 38 -3.60 8.85 -4.45
N LYS A 39 -3.58 9.31 -5.69
CA LYS A 39 -2.85 10.53 -6.04
C LYS A 39 -3.78 11.74 -6.00
N GLU A 40 -3.20 12.93 -6.13
CA GLU A 40 -3.96 14.17 -6.11
C GLU A 40 -3.81 14.92 -7.43
N PRO A 41 -4.66 15.93 -7.66
CA PRO A 41 -4.61 16.74 -8.89
C PRO A 41 -3.22 17.28 -9.17
N GLY A 42 -2.43 16.52 -9.90
CA GLY A 42 -1.08 16.94 -10.22
C GLY A 42 -0.20 17.09 -9.00
N GLU A 43 0.30 15.96 -8.49
CA GLU A 43 1.16 15.96 -7.32
C GLU A 43 2.48 15.26 -7.60
N SER A 44 3.53 15.68 -6.91
CA SER A 44 4.85 15.08 -7.08
C SER A 44 5.53 14.85 -5.74
N ASP A 45 6.41 13.85 -5.68
CA ASP A 45 7.12 13.54 -4.45
C ASP A 45 6.16 13.13 -3.34
N CYS A 46 5.94 11.83 -3.19
CA CYS A 46 5.04 11.32 -2.17
C CYS A 46 5.46 9.92 -1.72
N HIS A 47 5.00 9.52 -0.54
CA HIS A 47 5.33 8.21 0.01
C HIS A 47 4.07 7.52 0.53
N LEU A 48 4.12 6.20 0.64
CA LEU A 48 2.97 5.44 1.13
C LEU A 48 3.25 4.97 2.56
N ALA A 49 2.20 4.90 3.38
CA ALA A 49 2.36 4.50 4.78
C ALA A 49 1.72 3.15 5.06
N GLU A 50 2.25 2.45 6.08
CA GLU A 50 1.72 1.16 6.48
C GLU A 50 1.40 1.12 7.98
N VAL A 51 0.12 1.06 8.31
CA VAL A 51 -0.32 1.00 9.70
C VAL A 51 -1.19 -0.22 9.95
N TRP A 52 -0.79 -1.10 10.85
CA TRP A 52 -1.59 -2.27 11.15
C TRP A 52 -1.48 -2.70 12.61
N CYS A 53 -2.63 -2.73 13.29
CA CYS A 53 -2.68 -3.14 14.70
C CYS A 53 -1.55 -2.52 15.51
N GLY A 54 -1.48 -1.19 15.51
CA GLY A 54 -0.44 -0.51 16.26
C GLY A 54 0.91 -0.52 15.56
N SER A 55 0.98 -1.13 14.39
CA SER A 55 2.22 -1.19 13.62
C SER A 55 2.18 -0.18 12.50
N GLU A 56 2.75 1.00 12.74
CA GLU A 56 2.76 2.06 11.74
C GLU A 56 4.19 2.40 11.32
N ARG A 57 4.53 2.13 10.07
CA ARG A 57 5.86 2.42 9.55
C ARG A 57 5.77 3.09 8.18
N PRO A 58 6.79 3.89 7.81
CA PRO A 58 6.82 4.59 6.52
C PRO A 58 7.17 3.64 5.38
N VAL A 59 6.33 3.64 4.34
CA VAL A 59 6.56 2.77 3.19
C VAL A 59 7.04 3.57 1.98
N ALA A 60 8.11 3.08 1.37
CA ALA A 60 8.68 3.71 0.19
C ALA A 60 7.86 3.36 -1.04
N ASP A 61 7.72 4.31 -1.95
CA ASP A 61 6.93 4.07 -3.15
C ASP A 61 7.56 2.99 -4.04
N ASN A 62 8.80 2.63 -3.75
CA ASN A 62 9.47 1.62 -4.56
C ASN A 62 9.34 0.22 -3.95
N GLU A 63 8.47 0.07 -2.95
CA GLU A 63 8.27 -1.22 -2.31
C GLU A 63 7.17 -2.02 -3.01
N ARG A 64 7.53 -3.22 -3.49
CA ARG A 64 6.57 -4.08 -4.21
C ARG A 64 5.53 -4.67 -3.26
N MET A 65 4.26 -4.58 -3.67
CA MET A 65 3.12 -5.08 -2.90
C MET A 65 3.55 -6.18 -1.93
N PHE A 66 3.68 -7.38 -2.45
CA PHE A 66 4.09 -8.54 -1.65
C PHE A 66 5.19 -8.20 -0.66
N ASP A 67 6.27 -7.61 -1.15
CA ASP A 67 7.41 -7.28 -0.30
C ASP A 67 6.94 -6.55 0.94
N VAL A 68 6.07 -5.57 0.73
CA VAL A 68 5.51 -4.80 1.83
C VAL A 68 4.39 -5.59 2.50
N LEU A 69 3.78 -6.47 1.72
CA LEU A 69 2.67 -7.29 2.20
C LEU A 69 3.16 -8.52 2.98
N GLN A 70 4.48 -8.69 3.07
CA GLN A 70 5.05 -9.81 3.79
C GLN A 70 5.67 -9.35 5.11
N ARG A 71 5.93 -8.06 5.22
CA ARG A 71 6.53 -7.49 6.43
C ARG A 71 5.50 -7.40 7.55
N PHE A 72 4.22 -7.36 7.19
CA PHE A 72 3.15 -7.27 8.18
C PHE A 72 2.94 -8.60 8.89
N GLY A 73 4.00 -9.10 9.53
CA GLY A 73 3.91 -10.37 10.23
C GLY A 73 3.30 -11.48 9.37
N SER A 74 2.28 -12.14 9.90
CA SER A 74 1.61 -13.22 9.19
C SER A 74 0.16 -12.87 8.91
N GLN A 75 -0.11 -11.57 8.73
CA GLN A 75 -1.47 -11.11 8.47
C GLN A 75 -1.46 -10.03 7.38
N ARG A 76 -1.49 -10.47 6.12
CA ARG A 76 -1.49 -9.54 4.99
C ARG A 76 -2.80 -8.76 4.91
N ASN A 77 -3.88 -9.36 5.41
CA ASN A 77 -5.19 -8.73 5.38
C ASN A 77 -5.49 -8.03 6.71
N GLU A 78 -4.44 -7.52 7.35
CA GLU A 78 -4.59 -6.84 8.63
C GLU A 78 -3.89 -5.48 8.62
N VAL A 79 -3.35 -5.09 7.46
CA VAL A 79 -2.64 -3.83 7.33
C VAL A 79 -3.45 -2.79 6.55
N ARG A 80 -3.09 -1.53 6.76
CA ARG A 80 -3.73 -0.44 6.06
C ARG A 80 -2.67 0.35 5.29
N PHE A 81 -2.96 0.66 4.04
CA PHE A 81 -2.02 1.42 3.21
C PHE A 81 -2.62 2.80 3.00
N PHE A 82 -1.78 3.83 3.05
CA PHE A 82 -2.28 5.20 2.93
C PHE A 82 -1.33 6.09 2.14
N LEU A 83 -1.91 6.97 1.32
CA LEU A 83 -1.11 7.87 0.50
C LEU A 83 -0.88 9.21 1.21
N ARG A 84 0.39 9.55 1.42
CA ARG A 84 0.75 10.79 2.08
C ARG A 84 1.45 11.75 1.12
N HIS A 85 0.90 12.95 1.00
CA HIS A 85 1.48 13.96 0.11
C HIS A 85 2.47 14.84 0.86
N GLU A 86 3.70 14.88 0.37
CA GLU A 86 4.75 15.68 0.99
C GLU A 86 5.25 16.76 0.04
N GLY A 1 -2.45 -24.15 -1.16
CA GLY A 1 -1.04 -24.17 -0.69
C GLY A 1 -0.13 -24.97 -1.62
N GLY A 2 -0.41 -24.90 -2.92
CA GLY A 2 0.39 -25.62 -3.88
C GLY A 2 0.46 -24.92 -5.23
N SER A 3 0.33 -23.59 -5.21
CA SER A 3 0.37 -22.81 -6.42
C SER A 3 0.85 -21.38 -6.14
N MET A 4 0.72 -20.51 -7.14
CA MET A 4 1.14 -19.12 -7.00
C MET A 4 -0.06 -18.18 -7.12
N MET A 5 -0.57 -17.73 -5.97
CA MET A 5 -1.72 -16.83 -5.95
C MET A 5 -1.33 -15.48 -5.34
N PRO A 6 -1.38 -14.40 -6.14
CA PRO A 6 -1.03 -13.05 -5.67
C PRO A 6 -2.05 -12.50 -4.69
N MET A 7 -1.83 -11.28 -4.22
CA MET A 7 -2.72 -10.64 -3.27
C MET A 7 -2.95 -9.17 -3.64
N PHE A 8 -3.68 -8.46 -2.80
CA PHE A 8 -3.96 -7.05 -3.05
C PHE A 8 -3.93 -6.25 -1.74
N LEU A 9 -3.66 -4.95 -1.86
CA LEU A 9 -3.60 -4.08 -0.70
C LEU A 9 -4.56 -2.91 -0.84
N THR A 10 -5.19 -2.54 0.26
CA THR A 10 -6.15 -1.43 0.27
C THR A 10 -5.47 -0.13 0.71
N VAL A 11 -5.35 0.80 -0.24
CA VAL A 11 -4.73 2.09 0.02
C VAL A 11 -5.79 3.12 0.40
N TYR A 12 -5.37 4.18 1.08
CA TYR A 12 -6.30 5.22 1.51
C TYR A 12 -6.06 6.52 0.77
N LEU A 13 -7.15 7.12 0.29
CA LEU A 13 -7.10 8.37 -0.47
C LEU A 13 -7.24 9.59 0.42
N SER A 14 -6.36 10.57 0.18
CA SER A 14 -6.37 11.83 0.93
C SER A 14 -6.70 11.63 2.41
N ASN A 15 -7.92 11.97 2.81
CA ASN A 15 -8.33 11.82 4.21
C ASN A 15 -8.54 10.35 4.54
N ASN A 16 -7.46 9.67 4.90
CA ASN A 16 -7.53 8.25 5.23
C ASN A 16 -8.45 8.02 6.43
N GLU A 17 -9.52 7.25 6.19
CA GLU A 17 -10.47 6.93 7.23
C GLU A 17 -11.52 5.95 6.69
N GLN A 18 -12.15 6.34 5.60
CA GLN A 18 -13.17 5.50 4.96
C GLN A 18 -12.99 5.48 3.45
N HIS A 19 -12.13 6.34 2.90
CA HIS A 19 -11.91 6.31 1.47
C HIS A 19 -10.62 5.56 1.21
N PHE A 20 -10.73 4.49 0.44
CA PHE A 20 -9.58 3.68 0.11
C PHE A 20 -9.67 3.14 -1.30
N THR A 21 -8.53 2.75 -1.82
CA THR A 21 -8.48 2.14 -3.13
C THR A 21 -7.60 0.91 -3.07
N GLU A 22 -8.20 -0.25 -3.29
CA GLU A 22 -7.47 -1.50 -3.22
C GLU A 22 -6.98 -1.92 -4.59
N VAL A 23 -5.89 -2.67 -4.62
CA VAL A 23 -5.29 -3.09 -5.88
C VAL A 23 -4.59 -4.44 -5.77
N PRO A 24 -4.82 -5.35 -6.76
CA PRO A 24 -4.19 -6.65 -6.81
C PRO A 24 -2.90 -6.59 -7.61
N VAL A 25 -1.76 -6.66 -6.92
CA VAL A 25 -0.48 -6.57 -7.59
C VAL A 25 0.35 -7.84 -7.42
N THR A 26 1.21 -8.07 -8.40
CA THR A 26 2.12 -9.20 -8.39
C THR A 26 3.50 -8.69 -7.99
N PRO A 27 4.47 -9.56 -7.70
CA PRO A 27 5.79 -9.10 -7.31
C PRO A 27 6.56 -8.50 -8.48
N GLU A 28 6.01 -7.43 -9.04
CA GLU A 28 6.61 -6.73 -10.16
C GLU A 28 6.40 -5.22 -10.02
N THR A 29 5.15 -4.82 -9.86
CA THR A 29 4.80 -3.41 -9.68
C THR A 29 4.91 -3.04 -8.21
N ILE A 30 5.24 -1.79 -7.93
CA ILE A 30 5.35 -1.33 -6.55
C ILE A 30 4.77 0.05 -6.32
N CYS A 31 3.90 0.16 -5.32
CA CYS A 31 3.27 1.42 -4.93
C CYS A 31 2.93 2.30 -6.13
N ARG A 32 2.77 1.68 -7.29
CA ARG A 32 2.42 2.39 -8.51
C ARG A 32 0.93 2.57 -8.51
N ASP A 33 0.26 1.51 -8.14
CA ASP A 33 -1.19 1.51 -8.05
C ASP A 33 -1.60 2.26 -6.79
N VAL A 34 -0.76 2.20 -5.77
CA VAL A 34 -1.01 2.87 -4.50
C VAL A 34 -0.99 4.39 -4.69
N VAL A 35 0.08 4.89 -5.28
CA VAL A 35 0.21 6.34 -5.53
C VAL A 35 -0.71 6.79 -6.66
N ASP A 36 -0.70 6.04 -7.76
CA ASP A 36 -1.51 6.37 -8.93
C ASP A 36 -2.99 6.55 -8.55
N LEU A 37 -3.51 5.65 -7.73
CA LEU A 37 -4.91 5.71 -7.33
C LEU A 37 -5.13 6.70 -6.19
N CYS A 38 -4.17 6.79 -5.27
CA CYS A 38 -4.29 7.70 -4.15
C CYS A 38 -3.49 8.98 -4.37
N LYS A 39 -3.47 9.44 -5.61
CA LYS A 39 -2.76 10.66 -5.96
C LYS A 39 -3.70 11.86 -5.95
N GLU A 40 -3.21 13.00 -6.42
CA GLU A 40 -4.01 14.23 -6.45
C GLU A 40 -3.57 15.12 -7.60
N PRO A 41 -4.37 16.17 -7.91
CA PRO A 41 -4.06 17.11 -8.99
C PRO A 41 -2.65 17.67 -8.87
N GLY A 42 -1.74 17.18 -9.71
CA GLY A 42 -0.38 17.65 -9.68
C GLY A 42 0.31 17.36 -8.37
N GLU A 43 0.45 16.08 -8.06
CA GLU A 43 1.10 15.66 -6.82
C GLU A 43 2.53 15.21 -7.07
N SER A 44 3.45 15.69 -6.24
CA SER A 44 4.86 15.34 -6.37
C SER A 44 5.49 15.02 -5.02
N ASP A 45 6.38 14.04 -5.00
CA ASP A 45 7.04 13.63 -3.76
C ASP A 45 6.02 13.15 -2.74
N CYS A 46 5.78 11.85 -2.71
CA CYS A 46 4.83 11.26 -1.77
C CYS A 46 5.15 9.79 -1.50
N HIS A 47 4.97 9.38 -0.26
CA HIS A 47 5.24 7.99 0.12
C HIS A 47 3.97 7.32 0.65
N LEU A 48 3.96 5.98 0.62
CA LEU A 48 2.83 5.21 1.10
C LEU A 48 3.11 4.77 2.53
N ALA A 49 2.05 4.65 3.34
CA ALA A 49 2.21 4.26 4.73
C ALA A 49 1.59 2.90 5.01
N GLU A 50 2.11 2.21 6.03
CA GLU A 50 1.60 0.91 6.43
C GLU A 50 1.29 0.88 7.94
N VAL A 51 0.01 0.81 8.28
CA VAL A 51 -0.42 0.77 9.67
C VAL A 51 -1.26 -0.47 9.96
N TRP A 52 -0.84 -1.28 10.92
CA TRP A 52 -1.61 -2.46 11.25
C TRP A 52 -1.55 -2.79 12.75
N CYS A 53 -2.71 -2.84 13.39
CA CYS A 53 -2.80 -3.15 14.81
C CYS A 53 -1.73 -2.42 15.62
N GLY A 54 -1.66 -1.11 15.45
CA GLY A 54 -0.69 -0.32 16.17
C GLY A 54 0.68 -0.32 15.51
N SER A 55 0.84 -1.10 14.46
CA SER A 55 2.12 -1.17 13.74
C SER A 55 2.11 -0.22 12.56
N GLU A 56 2.65 0.97 12.77
CA GLU A 56 2.70 1.97 11.71
C GLU A 56 4.14 2.18 11.23
N ARG A 57 4.35 2.07 9.93
CA ARG A 57 5.67 2.25 9.35
C ARG A 57 5.58 2.95 7.99
N PRO A 58 6.64 3.66 7.58
CA PRO A 58 6.67 4.37 6.30
C PRO A 58 7.06 3.45 5.14
N VAL A 59 6.14 3.27 4.19
CA VAL A 59 6.39 2.43 3.03
C VAL A 59 6.80 3.27 1.82
N ALA A 60 7.90 2.86 1.18
CA ALA A 60 8.42 3.54 0.01
C ALA A 60 7.62 3.16 -1.23
N ASP A 61 7.47 4.10 -2.15
CA ASP A 61 6.71 3.85 -3.36
C ASP A 61 7.33 2.75 -4.21
N ASN A 62 8.57 2.36 -3.89
CA ASN A 62 9.24 1.33 -4.65
C ASN A 62 9.15 -0.04 -3.97
N GLU A 63 8.20 -0.19 -3.04
CA GLU A 63 8.03 -1.46 -2.33
C GLU A 63 7.01 -2.35 -3.04
N ARG A 64 7.42 -3.58 -3.37
CA ARG A 64 6.54 -4.53 -4.04
C ARG A 64 5.40 -4.96 -3.13
N MET A 65 4.22 -5.20 -3.72
CA MET A 65 3.04 -5.63 -2.96
C MET A 65 3.45 -6.49 -1.76
N PHE A 66 3.65 -7.76 -2.03
CA PHE A 66 4.06 -8.72 -1.00
C PHE A 66 5.34 -8.26 -0.31
N ASP A 67 6.19 -7.52 -1.05
CA ASP A 67 7.44 -7.04 -0.46
C ASP A 67 7.17 -6.26 0.81
N VAL A 68 6.11 -5.45 0.75
CA VAL A 68 5.70 -4.68 1.91
C VAL A 68 4.93 -5.57 2.87
N LEU A 69 4.32 -6.60 2.29
CA LEU A 69 3.52 -7.56 3.03
C LEU A 69 4.39 -8.56 3.80
N GLN A 70 5.69 -8.55 3.52
CA GLN A 70 6.62 -9.47 4.18
C GLN A 70 7.11 -8.92 5.52
N ARG A 71 7.02 -7.61 5.71
CA ARG A 71 7.49 -7.00 6.95
C ARG A 71 6.41 -7.04 8.03
N PHE A 72 5.15 -7.02 7.63
CA PHE A 72 4.04 -7.07 8.59
C PHE A 72 4.09 -8.36 9.39
N GLY A 73 4.79 -9.36 8.86
CA GLY A 73 4.90 -10.64 9.53
C GLY A 73 4.18 -11.74 8.79
N SER A 74 2.90 -11.53 8.53
CA SER A 74 2.08 -12.51 7.81
C SER A 74 0.66 -11.99 7.62
N GLN A 75 0.15 -11.32 8.65
CA GLN A 75 -1.20 -10.77 8.61
C GLN A 75 -1.30 -9.62 7.61
N ARG A 76 -1.59 -9.95 6.36
CA ARG A 76 -1.71 -8.95 5.32
C ARG A 76 -3.10 -8.31 5.34
N ASN A 77 -4.07 -9.03 5.90
CA ASN A 77 -5.43 -8.53 5.99
C ASN A 77 -5.63 -7.67 7.24
N GLU A 78 -4.53 -7.39 7.95
CA GLU A 78 -4.59 -6.58 9.16
C GLU A 78 -3.92 -5.23 8.95
N VAL A 79 -3.20 -5.09 7.83
CA VAL A 79 -2.49 -3.84 7.53
C VAL A 79 -3.32 -2.92 6.66
N ARG A 80 -2.99 -1.64 6.72
CA ARG A 80 -3.67 -0.62 5.94
C ARG A 80 -2.65 0.18 5.14
N PHE A 81 -3.04 0.56 3.93
CA PHE A 81 -2.17 1.34 3.06
C PHE A 81 -2.73 2.75 2.95
N PHE A 82 -1.87 3.75 3.06
CA PHE A 82 -2.34 5.14 3.03
C PHE A 82 -1.38 6.04 2.26
N LEU A 83 -1.93 6.96 1.49
CA LEU A 83 -1.11 7.88 0.70
C LEU A 83 -0.83 9.17 1.45
N ARG A 84 0.44 9.42 1.75
CA ARG A 84 0.84 10.62 2.48
C ARG A 84 1.44 11.65 1.53
N HIS A 85 1.13 12.92 1.78
CA HIS A 85 1.63 14.01 0.95
C HIS A 85 2.74 14.77 1.67
N GLU A 86 3.96 14.31 1.52
CA GLU A 86 5.11 14.95 2.17
C GLU A 86 5.99 15.64 1.13
N GLY A 1 4.02 -26.78 -5.82
CA GLY A 1 5.15 -25.81 -5.85
C GLY A 1 5.34 -25.18 -7.21
N GLY A 2 5.66 -23.89 -7.23
CA GLY A 2 5.87 -23.19 -8.49
C GLY A 2 6.04 -21.70 -8.30
N SER A 3 4.96 -21.02 -7.93
CA SER A 3 5.00 -19.58 -7.72
C SER A 3 4.06 -19.17 -6.58
N MET A 4 4.40 -18.07 -5.91
CA MET A 4 3.60 -17.58 -4.80
C MET A 4 2.18 -17.23 -5.27
N MET A 5 1.25 -17.12 -4.33
CA MET A 5 -0.13 -16.79 -4.64
C MET A 5 -0.32 -15.28 -4.77
N PRO A 6 -1.15 -14.84 -5.72
CA PRO A 6 -1.41 -13.41 -5.94
C PRO A 6 -2.32 -12.81 -4.88
N MET A 7 -2.18 -11.51 -4.66
CA MET A 7 -3.00 -10.81 -3.67
C MET A 7 -3.17 -9.35 -4.08
N PHE A 8 -3.65 -8.52 -3.16
CA PHE A 8 -3.85 -7.12 -3.47
C PHE A 8 -3.50 -6.23 -2.28
N LEU A 9 -3.55 -4.93 -2.53
CA LEU A 9 -3.19 -3.94 -1.53
C LEU A 9 -4.22 -2.79 -1.49
N THR A 10 -4.75 -2.49 -0.30
CA THR A 10 -5.77 -1.43 -0.15
C THR A 10 -5.14 -0.12 0.31
N VAL A 11 -5.12 0.86 -0.59
CA VAL A 11 -4.58 2.17 -0.30
C VAL A 11 -5.65 3.11 0.24
N TYR A 12 -5.23 4.14 0.97
CA TYR A 12 -6.16 5.09 1.54
C TYR A 12 -6.06 6.44 0.85
N LEU A 13 -7.22 6.89 0.36
CA LEU A 13 -7.32 8.16 -0.35
C LEU A 13 -7.59 9.32 0.61
N SER A 14 -6.89 10.42 0.39
CA SER A 14 -7.05 11.60 1.22
C SER A 14 -6.74 11.30 2.69
N ASN A 15 -7.14 12.20 3.58
CA ASN A 15 -6.90 12.02 5.00
C ASN A 15 -8.11 11.39 5.69
N ASN A 16 -8.78 10.47 4.99
CA ASN A 16 -9.94 9.80 5.52
C ASN A 16 -9.62 8.34 5.87
N GLU A 17 -10.18 7.86 6.97
CA GLU A 17 -9.95 6.49 7.40
C GLU A 17 -10.98 5.53 6.81
N GLN A 18 -11.78 6.03 5.86
CA GLN A 18 -12.81 5.21 5.22
C GLN A 18 -12.69 5.25 3.71
N HIS A 19 -11.85 6.12 3.17
CA HIS A 19 -11.69 6.15 1.73
C HIS A 19 -10.41 5.41 1.38
N PHE A 20 -10.56 4.37 0.58
CA PHE A 20 -9.44 3.57 0.16
C PHE A 20 -9.59 3.10 -1.27
N THR A 21 -8.48 2.72 -1.86
CA THR A 21 -8.51 2.18 -3.20
C THR A 21 -7.56 0.99 -3.25
N GLU A 22 -8.13 -0.19 -3.44
CA GLU A 22 -7.35 -1.41 -3.47
C GLU A 22 -7.12 -1.88 -4.90
N VAL A 23 -6.00 -2.57 -5.11
CA VAL A 23 -5.65 -3.06 -6.44
C VAL A 23 -4.91 -4.39 -6.37
N PRO A 24 -5.25 -5.32 -7.29
CA PRO A 24 -4.59 -6.63 -7.35
C PRO A 24 -3.21 -6.51 -7.99
N VAL A 25 -2.17 -6.67 -7.19
CA VAL A 25 -0.81 -6.54 -7.69
C VAL A 25 0.01 -7.79 -7.43
N THR A 26 0.92 -8.06 -8.36
CA THR A 26 1.83 -9.17 -8.27
C THR A 26 3.19 -8.63 -7.84
N PRO A 27 4.15 -9.46 -7.47
CA PRO A 27 5.47 -8.97 -7.06
C PRO A 27 6.25 -8.40 -8.24
N GLU A 28 5.72 -7.33 -8.81
CA GLU A 28 6.32 -6.65 -9.94
C GLU A 28 6.11 -5.14 -9.82
N THR A 29 4.85 -4.75 -9.56
CA THR A 29 4.52 -3.34 -9.40
C THR A 29 4.69 -2.92 -7.95
N ILE A 30 5.09 -1.67 -7.75
CA ILE A 30 5.27 -1.15 -6.39
C ILE A 30 4.75 0.28 -6.22
N CYS A 31 3.92 0.46 -5.20
CA CYS A 31 3.35 1.77 -4.85
C CYS A 31 3.00 2.59 -6.10
N ARG A 32 2.80 1.90 -7.21
CA ARG A 32 2.42 2.55 -8.45
C ARG A 32 0.93 2.70 -8.44
N ASP A 33 0.28 1.61 -8.05
CA ASP A 33 -1.16 1.59 -7.92
C ASP A 33 -1.57 2.39 -6.69
N VAL A 34 -0.70 2.41 -5.69
CA VAL A 34 -0.94 3.14 -4.45
C VAL A 34 -0.94 4.64 -4.71
N VAL A 35 0.13 5.13 -5.33
CA VAL A 35 0.24 6.56 -5.64
C VAL A 35 -0.69 6.97 -6.77
N ASP A 36 -0.73 6.17 -7.84
CA ASP A 36 -1.56 6.46 -8.99
C ASP A 36 -3.03 6.59 -8.61
N LEU A 37 -3.52 5.67 -7.79
CA LEU A 37 -4.92 5.70 -7.38
C LEU A 37 -5.18 6.72 -6.28
N CYS A 38 -4.21 6.89 -5.38
CA CYS A 38 -4.37 7.84 -4.29
C CYS A 38 -3.55 9.10 -4.51
N LYS A 39 -3.49 9.55 -5.76
CA LYS A 39 -2.75 10.76 -6.10
C LYS A 39 -3.65 11.99 -6.00
N GLU A 40 -3.08 13.16 -6.31
CA GLU A 40 -3.84 14.40 -6.25
C GLU A 40 -3.56 15.26 -7.48
N PRO A 41 -4.39 16.28 -7.71
CA PRO A 41 -4.23 17.18 -8.86
C PRO A 41 -2.88 17.90 -8.85
N GLY A 42 -1.87 17.22 -9.39
CA GLY A 42 -0.54 17.80 -9.44
C GLY A 42 0.27 17.49 -8.19
N GLU A 43 0.61 16.21 -8.02
CA GLU A 43 1.39 15.78 -6.86
C GLU A 43 2.78 15.34 -7.27
N SER A 44 3.77 15.71 -6.47
CA SER A 44 5.16 15.34 -6.75
C SER A 44 5.87 14.90 -5.48
N ASP A 45 6.62 13.81 -5.59
CA ASP A 45 7.35 13.27 -4.44
C ASP A 45 6.40 12.88 -3.32
N CYS A 46 6.11 11.59 -3.22
CA CYS A 46 5.20 11.09 -2.19
C CYS A 46 5.55 9.66 -1.80
N HIS A 47 5.22 9.29 -0.56
CA HIS A 47 5.49 7.95 -0.06
C HIS A 47 4.20 7.30 0.44
N LEU A 48 4.20 5.97 0.50
CA LEU A 48 3.04 5.24 0.98
C LEU A 48 3.27 4.77 2.41
N ALA A 49 2.20 4.70 3.19
CA ALA A 49 2.32 4.28 4.59
C ALA A 49 1.63 2.94 4.83
N GLU A 50 2.10 2.20 5.83
CA GLU A 50 1.51 0.91 6.16
C GLU A 50 1.33 0.77 7.68
N VAL A 51 0.08 0.77 8.11
CA VAL A 51 -0.26 0.64 9.53
C VAL A 51 -1.21 -0.53 9.76
N TRP A 52 -0.89 -1.40 10.71
CA TRP A 52 -1.76 -2.52 11.02
C TRP A 52 -1.74 -2.87 12.50
N CYS A 53 -2.92 -3.02 13.09
CA CYS A 53 -3.04 -3.35 14.50
C CYS A 53 -2.26 -2.37 15.37
N GLY A 54 -2.18 -1.13 14.93
CA GLY A 54 -1.46 -0.11 15.67
C GLY A 54 -0.02 0.04 15.22
N SER A 55 0.48 -0.97 14.50
CA SER A 55 1.85 -0.94 14.01
C SER A 55 1.95 -0.11 12.75
N GLU A 56 2.32 1.16 12.91
CA GLU A 56 2.46 2.07 11.77
C GLU A 56 3.90 2.11 11.28
N ARG A 57 4.08 1.97 9.97
CA ARG A 57 5.41 2.01 9.37
C ARG A 57 5.37 2.70 8.02
N PRO A 58 6.47 3.38 7.64
CA PRO A 58 6.57 4.09 6.36
C PRO A 58 6.96 3.17 5.21
N VAL A 59 6.12 3.10 4.18
CA VAL A 59 6.40 2.26 3.02
C VAL A 59 6.93 3.08 1.86
N ALA A 60 8.00 2.58 1.26
CA ALA A 60 8.62 3.23 0.12
C ALA A 60 7.82 2.93 -1.14
N ASP A 61 7.69 3.92 -2.02
CA ASP A 61 6.93 3.74 -3.23
C ASP A 61 7.50 2.64 -4.12
N ASN A 62 8.71 2.19 -3.83
CA ASN A 62 9.33 1.15 -4.63
C ASN A 62 9.16 -0.23 -4.00
N GLU A 63 8.19 -0.37 -3.10
CA GLU A 63 7.94 -1.64 -2.44
C GLU A 63 6.82 -2.43 -3.12
N ARG A 64 7.07 -3.71 -3.38
CA ARG A 64 6.07 -4.57 -4.03
C ARG A 64 4.96 -4.91 -3.06
N MET A 65 3.74 -5.07 -3.58
CA MET A 65 2.57 -5.40 -2.75
C MET A 65 2.98 -6.29 -1.57
N PHE A 66 3.14 -7.57 -1.84
CA PHE A 66 3.55 -8.53 -0.81
C PHE A 66 4.86 -8.08 -0.14
N ASP A 67 5.73 -7.44 -0.91
CA ASP A 67 7.02 -6.97 -0.39
C ASP A 67 6.80 -6.12 0.84
N VAL A 68 5.78 -5.29 0.79
CA VAL A 68 5.45 -4.44 1.92
C VAL A 68 4.73 -5.27 2.99
N LEU A 69 4.05 -6.32 2.53
CA LEU A 69 3.32 -7.20 3.42
C LEU A 69 4.24 -8.18 4.15
N GLN A 70 5.50 -8.26 3.70
CA GLN A 70 6.47 -9.15 4.32
C GLN A 70 7.17 -8.51 5.52
N ARG A 71 6.96 -7.20 5.72
CA ARG A 71 7.59 -6.50 6.83
C ARG A 71 6.73 -6.54 8.08
N PHE A 72 5.41 -6.59 7.90
CA PHE A 72 4.48 -6.63 9.03
C PHE A 72 4.74 -7.86 9.89
N GLY A 73 4.54 -9.04 9.30
CA GLY A 73 4.75 -10.28 10.01
C GLY A 73 3.99 -11.44 9.41
N SER A 74 3.15 -12.08 10.22
CA SER A 74 2.35 -13.21 9.77
C SER A 74 1.06 -12.72 9.09
N GLN A 75 0.30 -11.91 9.82
CA GLN A 75 -0.95 -11.37 9.30
C GLN A 75 -0.68 -10.37 8.19
N ARG A 76 -0.61 -10.86 6.96
CA ARG A 76 -0.35 -10.00 5.81
C ARG A 76 -1.61 -9.25 5.37
N ASN A 77 -2.76 -9.87 5.59
CA ASN A 77 -4.03 -9.25 5.22
C ASN A 77 -4.66 -8.53 6.41
N GLU A 78 -3.83 -7.81 7.15
CA GLU A 78 -4.30 -7.07 8.34
C GLU A 78 -3.79 -5.63 8.34
N VAL A 79 -3.03 -5.26 7.32
CA VAL A 79 -2.46 -3.92 7.23
C VAL A 79 -3.34 -2.96 6.44
N ARG A 80 -3.04 -1.68 6.57
CA ARG A 80 -3.74 -0.63 5.86
C ARG A 80 -2.73 0.21 5.10
N PHE A 81 -3.03 0.51 3.85
CA PHE A 81 -2.14 1.31 3.03
C PHE A 81 -2.73 2.70 2.87
N PHE A 82 -1.88 3.71 2.94
CA PHE A 82 -2.35 5.09 2.87
C PHE A 82 -1.37 5.96 2.10
N LEU A 83 -1.90 6.93 1.35
CA LEU A 83 -1.07 7.82 0.55
C LEU A 83 -0.72 9.08 1.33
N ARG A 84 0.58 9.32 1.50
CA ARG A 84 1.06 10.49 2.22
C ARG A 84 1.47 11.60 1.26
N HIS A 85 0.79 12.72 1.34
CA HIS A 85 1.08 13.86 0.47
C HIS A 85 1.80 14.96 1.23
N GLU A 86 3.04 15.24 0.85
CA GLU A 86 3.83 16.28 1.50
C GLU A 86 3.60 17.63 0.86
N GLY A 1 -4.11 -21.34 2.38
CA GLY A 1 -3.67 -20.66 3.62
C GLY A 1 -2.17 -20.71 3.80
N GLY A 2 -1.50 -19.61 3.49
CA GLY A 2 -0.05 -19.55 3.62
C GLY A 2 0.67 -20.10 2.41
N SER A 3 0.04 -19.96 1.25
CA SER A 3 0.63 -20.45 0.00
C SER A 3 0.07 -19.69 -1.20
N MET A 4 -0.27 -18.42 -0.98
CA MET A 4 -0.82 -17.58 -2.04
C MET A 4 0.11 -16.42 -2.35
N MET A 5 0.82 -16.52 -3.47
CA MET A 5 1.74 -15.47 -3.89
C MET A 5 0.99 -14.21 -4.31
N PRO A 6 0.15 -14.29 -5.35
CA PRO A 6 -0.62 -13.15 -5.84
C PRO A 6 -1.62 -12.64 -4.81
N MET A 7 -1.52 -11.35 -4.50
CA MET A 7 -2.41 -10.72 -3.52
C MET A 7 -2.70 -9.27 -3.92
N PHE A 8 -3.14 -8.47 -2.97
CA PHE A 8 -3.46 -7.08 -3.23
C PHE A 8 -3.29 -6.21 -2.00
N LEU A 9 -3.30 -4.90 -2.21
CA LEU A 9 -3.14 -3.95 -1.12
C LEU A 9 -4.24 -2.88 -1.16
N THR A 10 -4.72 -2.50 0.02
CA THR A 10 -5.77 -1.49 0.13
C THR A 10 -5.18 -0.17 0.60
N VAL A 11 -5.15 0.81 -0.31
CA VAL A 11 -4.60 2.12 0.00
C VAL A 11 -5.70 3.09 0.45
N TYR A 12 -5.29 4.18 1.10
CA TYR A 12 -6.24 5.17 1.59
C TYR A 12 -6.10 6.47 0.83
N LEU A 13 -7.24 6.97 0.35
CA LEU A 13 -7.30 8.22 -0.40
C LEU A 13 -7.43 9.41 0.53
N SER A 14 -6.62 10.42 0.29
CA SER A 14 -6.65 11.64 1.10
C SER A 14 -6.45 11.32 2.58
N ASN A 15 -6.70 12.30 3.43
CA ASN A 15 -6.56 12.13 4.87
C ASN A 15 -7.86 11.62 5.49
N ASN A 16 -8.29 10.44 5.07
CA ASN A 16 -9.52 9.84 5.59
C ASN A 16 -9.23 8.49 6.24
N GLU A 17 -10.25 7.91 6.86
CA GLU A 17 -10.11 6.62 7.52
C GLU A 17 -11.09 5.59 6.95
N GLN A 18 -11.94 6.01 6.02
CA GLN A 18 -12.91 5.11 5.42
C GLN A 18 -12.81 5.10 3.90
N HIS A 19 -12.00 5.98 3.32
CA HIS A 19 -11.84 5.95 1.88
C HIS A 19 -10.55 5.23 1.56
N PHE A 20 -10.67 4.16 0.79
CA PHE A 20 -9.52 3.37 0.39
C PHE A 20 -9.68 2.84 -1.01
N THR A 21 -8.58 2.47 -1.61
CA THR A 21 -8.63 1.88 -2.92
C THR A 21 -7.73 0.65 -2.96
N GLU A 22 -8.35 -0.51 -3.12
CA GLU A 22 -7.62 -1.78 -3.15
C GLU A 22 -7.34 -2.20 -4.58
N VAL A 23 -6.23 -2.91 -4.76
CA VAL A 23 -5.83 -3.36 -6.08
C VAL A 23 -4.91 -4.57 -6.03
N PRO A 24 -5.09 -5.54 -6.95
CA PRO A 24 -4.25 -6.72 -7.04
C PRO A 24 -3.03 -6.48 -7.92
N VAL A 25 -1.88 -7.02 -7.52
CA VAL A 25 -0.66 -6.81 -8.29
C VAL A 25 0.32 -7.95 -8.09
N THR A 26 1.22 -8.10 -9.06
CA THR A 26 2.26 -9.11 -9.01
C THR A 26 3.50 -8.50 -8.39
N PRO A 27 4.52 -9.29 -8.03
CA PRO A 27 5.72 -8.75 -7.43
C PRO A 27 6.61 -8.06 -8.45
N GLU A 28 6.01 -7.13 -9.18
CA GLU A 28 6.71 -6.36 -10.20
C GLU A 28 6.42 -4.88 -10.01
N THR A 29 5.15 -4.56 -9.74
CA THR A 29 4.75 -3.19 -9.51
C THR A 29 4.90 -2.83 -8.04
N ILE A 30 5.23 -1.58 -7.76
CA ILE A 30 5.40 -1.15 -6.38
C ILE A 30 4.81 0.24 -6.13
N CYS A 31 3.97 0.35 -5.11
CA CYS A 31 3.34 1.61 -4.71
C CYS A 31 2.96 2.46 -5.91
N ARG A 32 2.79 1.83 -7.06
CA ARG A 32 2.40 2.53 -8.26
C ARG A 32 0.90 2.64 -8.25
N ASP A 33 0.28 1.53 -7.90
CA ASP A 33 -1.17 1.47 -7.78
C ASP A 33 -1.59 2.24 -6.53
N VAL A 34 -0.73 2.23 -5.53
CA VAL A 34 -0.99 2.93 -4.28
C VAL A 34 -1.01 4.44 -4.51
N VAL A 35 0.04 4.96 -5.15
CA VAL A 35 0.11 6.39 -5.44
C VAL A 35 -0.83 6.77 -6.57
N ASP A 36 -0.77 6.03 -7.68
CA ASP A 36 -1.62 6.31 -8.83
C ASP A 36 -3.10 6.38 -8.45
N LEU A 37 -3.53 5.50 -7.55
CA LEU A 37 -4.92 5.47 -7.12
C LEU A 37 -5.21 6.51 -6.06
N CYS A 38 -4.25 6.76 -5.18
CA CYS A 38 -4.42 7.74 -4.11
C CYS A 38 -3.58 8.99 -4.34
N LYS A 39 -3.55 9.45 -5.58
CA LYS A 39 -2.79 10.65 -5.93
C LYS A 39 -3.69 11.87 -5.98
N GLU A 40 -3.16 12.98 -6.50
CA GLU A 40 -3.91 14.22 -6.61
C GLU A 40 -3.56 14.93 -7.92
N PRO A 41 -4.35 15.95 -8.31
CA PRO A 41 -4.12 16.71 -9.55
C PRO A 41 -2.73 17.32 -9.58
N GLY A 42 -1.76 16.55 -10.05
CA GLY A 42 -0.39 17.04 -10.13
C GLY A 42 0.32 16.97 -8.80
N GLU A 43 0.76 15.77 -8.43
CA GLU A 43 1.46 15.57 -7.17
C GLU A 43 2.84 14.96 -7.40
N SER A 44 3.86 15.56 -6.80
CA SER A 44 5.23 15.08 -6.95
C SER A 44 5.85 14.80 -5.58
N ASP A 45 6.73 13.80 -5.52
CA ASP A 45 7.40 13.44 -4.28
C ASP A 45 6.38 13.03 -3.22
N CYS A 46 6.12 11.72 -3.12
CA CYS A 46 5.17 11.21 -2.15
C CYS A 46 5.57 9.81 -1.68
N HIS A 47 5.03 9.40 -0.54
CA HIS A 47 5.33 8.10 0.03
C HIS A 47 4.05 7.44 0.56
N LEU A 48 4.08 6.11 0.69
CA LEU A 48 2.93 5.38 1.19
C LEU A 48 3.19 4.93 2.61
N ALA A 49 2.15 4.86 3.43
CA ALA A 49 2.29 4.45 4.83
C ALA A 49 1.64 3.10 5.11
N GLU A 50 2.16 2.41 6.13
CA GLU A 50 1.62 1.11 6.52
C GLU A 50 1.30 1.08 8.02
N VAL A 51 0.01 1.02 8.35
CA VAL A 51 -0.43 0.95 9.73
C VAL A 51 -1.32 -0.25 9.98
N TRP A 52 -0.92 -1.12 10.89
CA TRP A 52 -1.75 -2.29 11.19
C TRP A 52 -1.66 -2.68 12.67
N CYS A 53 -2.83 -2.82 13.30
CA CYS A 53 -2.90 -3.20 14.71
C CYS A 53 -1.91 -2.39 15.57
N GLY A 54 -1.93 -1.08 15.39
CA GLY A 54 -1.05 -0.22 16.16
C GLY A 54 0.37 -0.19 15.61
N SER A 55 0.61 -0.94 14.54
CA SER A 55 1.93 -0.98 13.91
C SER A 55 1.98 -0.06 12.71
N GLU A 56 2.46 1.16 12.92
CA GLU A 56 2.56 2.13 11.84
C GLU A 56 4.01 2.34 11.42
N ARG A 57 4.27 2.27 10.12
CA ARG A 57 5.62 2.45 9.60
C ARG A 57 5.58 3.10 8.21
N PRO A 58 6.65 3.83 7.84
CA PRO A 58 6.73 4.50 6.53
C PRO A 58 7.07 3.52 5.41
N VAL A 59 6.23 3.50 4.38
CA VAL A 59 6.46 2.61 3.23
C VAL A 59 6.96 3.39 2.02
N ALA A 60 8.01 2.86 1.41
CA ALA A 60 8.60 3.47 0.23
C ALA A 60 7.79 3.12 -1.00
N ASP A 61 7.61 4.10 -1.88
CA ASP A 61 6.82 3.87 -3.09
C ASP A 61 7.44 2.80 -3.98
N ASN A 62 8.68 2.43 -3.72
CA ASN A 62 9.34 1.42 -4.54
C ASN A 62 9.27 0.03 -3.92
N GLU A 63 8.34 -0.16 -2.97
CA GLU A 63 8.19 -1.46 -2.33
C GLU A 63 7.12 -2.31 -3.03
N ARG A 64 7.48 -3.54 -3.38
CA ARG A 64 6.55 -4.44 -4.06
C ARG A 64 5.34 -4.74 -3.17
N MET A 65 4.16 -4.78 -3.78
CA MET A 65 2.91 -5.04 -3.06
C MET A 65 3.14 -6.01 -1.91
N PHE A 66 3.24 -7.28 -2.23
CA PHE A 66 3.48 -8.29 -1.19
C PHE A 66 4.76 -7.99 -0.42
N ASP A 67 5.76 -7.40 -1.08
CA ASP A 67 7.01 -7.08 -0.42
C ASP A 67 6.75 -6.23 0.80
N VAL A 68 5.77 -5.35 0.69
CA VAL A 68 5.39 -4.49 1.79
C VAL A 68 4.51 -5.28 2.76
N LEU A 69 3.78 -6.25 2.20
CA LEU A 69 2.88 -7.08 2.99
C LEU A 69 3.64 -8.16 3.75
N GLN A 70 4.93 -8.31 3.45
CA GLN A 70 5.75 -9.33 4.10
C GLN A 70 6.42 -8.78 5.37
N ARG A 71 6.61 -7.47 5.41
CA ARG A 71 7.24 -6.84 6.58
C ARG A 71 6.30 -6.86 7.79
N PHE A 72 5.00 -6.81 7.53
CA PHE A 72 4.01 -6.83 8.61
C PHE A 72 4.11 -8.13 9.39
N GLY A 73 4.12 -9.25 8.67
CA GLY A 73 4.19 -10.55 9.32
C GLY A 73 3.27 -11.57 8.67
N SER A 74 2.83 -12.54 9.46
CA SER A 74 1.94 -13.58 8.96
C SER A 74 0.61 -12.98 8.51
N GLN A 75 0.11 -12.01 9.27
CA GLN A 75 -1.15 -11.35 8.94
C GLN A 75 -0.93 -10.27 7.90
N ARG A 76 -0.81 -10.69 6.64
CA ARG A 76 -0.60 -9.76 5.54
C ARG A 76 -1.89 -9.01 5.20
N ASN A 77 -3.02 -9.63 5.48
CA ASN A 77 -4.32 -9.03 5.21
C ASN A 77 -4.87 -8.36 6.47
N GLU A 78 -3.99 -7.72 7.22
CA GLU A 78 -4.36 -7.04 8.46
C GLU A 78 -3.79 -5.63 8.51
N VAL A 79 -3.18 -5.18 7.41
CA VAL A 79 -2.56 -3.86 7.36
C VAL A 79 -3.40 -2.86 6.58
N ARG A 80 -3.10 -1.59 6.78
CA ARG A 80 -3.77 -0.51 6.07
C ARG A 80 -2.73 0.29 5.30
N PHE A 81 -3.05 0.64 4.05
CA PHE A 81 -2.13 1.41 3.23
C PHE A 81 -2.72 2.79 3.03
N PHE A 82 -1.89 3.82 3.10
CA PHE A 82 -2.38 5.19 3.00
C PHE A 82 -1.41 6.08 2.22
N LEU A 83 -1.96 6.99 1.43
CA LEU A 83 -1.13 7.90 0.63
C LEU A 83 -0.86 9.21 1.37
N ARG A 84 0.42 9.52 1.55
CA ARG A 84 0.80 10.75 2.25
C ARG A 84 1.27 11.80 1.26
N HIS A 85 0.46 12.85 1.09
CA HIS A 85 0.78 13.93 0.17
C HIS A 85 1.62 14.99 0.87
N GLU A 86 2.92 15.01 0.56
CA GLU A 86 3.83 15.97 1.15
C GLU A 86 4.80 16.51 0.11
N GLY A 1 4.19 -23.75 -3.10
CA GLY A 1 3.02 -24.36 -2.42
C GLY A 1 1.82 -23.44 -2.38
N GLY A 2 0.66 -24.00 -2.04
CA GLY A 2 -0.56 -23.21 -1.99
C GLY A 2 -1.25 -23.09 -3.34
N SER A 3 -2.28 -22.26 -3.40
CA SER A 3 -3.02 -22.06 -4.64
C SER A 3 -3.11 -20.58 -4.99
N MET A 4 -3.68 -19.79 -4.10
CA MET A 4 -3.81 -18.36 -4.31
C MET A 4 -2.51 -17.64 -4.00
N MET A 5 -1.63 -17.58 -5.00
CA MET A 5 -0.34 -16.93 -4.84
C MET A 5 -0.48 -15.41 -4.81
N PRO A 6 -0.98 -14.81 -5.91
CA PRO A 6 -1.17 -13.36 -6.00
C PRO A 6 -2.13 -12.82 -4.95
N MET A 7 -2.05 -11.51 -4.69
CA MET A 7 -2.92 -10.87 -3.71
C MET A 7 -3.15 -9.42 -4.12
N PHE A 8 -3.60 -8.59 -3.18
CA PHE A 8 -3.86 -7.20 -3.47
C PHE A 8 -3.48 -6.29 -2.31
N LEU A 9 -3.57 -5.00 -2.56
CA LEU A 9 -3.23 -3.99 -1.58
C LEU A 9 -4.29 -2.88 -1.54
N THR A 10 -4.76 -2.54 -0.34
CA THR A 10 -5.77 -1.49 -0.20
C THR A 10 -5.16 -0.18 0.29
N VAL A 11 -5.17 0.81 -0.59
CA VAL A 11 -4.62 2.13 -0.27
C VAL A 11 -5.71 3.06 0.24
N TYR A 12 -5.30 4.12 0.93
CA TYR A 12 -6.24 5.08 1.48
C TYR A 12 -6.11 6.43 0.79
N LEU A 13 -7.26 6.94 0.34
CA LEU A 13 -7.33 8.22 -0.35
C LEU A 13 -7.52 9.37 0.62
N SER A 14 -6.73 10.43 0.46
CA SER A 14 -6.83 11.60 1.32
C SER A 14 -6.85 11.20 2.79
N ASN A 15 -7.42 12.07 3.63
CA ASN A 15 -7.52 11.80 5.08
C ASN A 15 -8.00 10.38 5.32
N ASN A 16 -7.06 9.47 5.57
CA ASN A 16 -7.38 8.06 5.81
C ASN A 16 -8.46 7.92 6.88
N GLU A 17 -9.40 7.00 6.63
CA GLU A 17 -10.49 6.73 7.54
C GLU A 17 -11.41 5.64 6.99
N GLN A 18 -12.06 5.94 5.88
CA GLN A 18 -12.96 4.98 5.24
C GLN A 18 -12.84 5.01 3.73
N HIS A 19 -12.01 5.91 3.18
CA HIS A 19 -11.85 5.92 1.74
C HIS A 19 -10.55 5.21 1.41
N PHE A 20 -10.67 4.18 0.60
CA PHE A 20 -9.51 3.40 0.20
C PHE A 20 -9.66 2.92 -1.23
N THR A 21 -8.54 2.58 -1.84
CA THR A 21 -8.57 2.03 -3.17
C THR A 21 -7.64 0.83 -3.23
N GLU A 22 -8.23 -0.34 -3.44
CA GLU A 22 -7.46 -1.57 -3.50
C GLU A 22 -7.23 -2.02 -4.92
N VAL A 23 -6.13 -2.72 -5.14
CA VAL A 23 -5.79 -3.20 -6.48
C VAL A 23 -5.02 -4.52 -6.42
N PRO A 24 -5.28 -5.43 -7.38
CA PRO A 24 -4.59 -6.72 -7.46
C PRO A 24 -3.22 -6.57 -8.10
N VAL A 25 -2.19 -6.64 -7.29
CA VAL A 25 -0.82 -6.47 -7.78
C VAL A 25 0.05 -7.70 -7.53
N THR A 26 0.83 -8.05 -8.53
CA THR A 26 1.76 -9.16 -8.43
C THR A 26 3.09 -8.59 -7.98
N PRO A 27 4.07 -9.40 -7.60
CA PRO A 27 5.36 -8.88 -7.15
C PRO A 27 6.17 -8.32 -8.31
N GLU A 28 5.61 -7.29 -8.94
CA GLU A 28 6.24 -6.61 -10.07
C GLU A 28 6.04 -5.11 -9.95
N THR A 29 4.79 -4.70 -9.69
CA THR A 29 4.47 -3.29 -9.52
C THR A 29 4.63 -2.89 -8.07
N ILE A 30 5.04 -1.65 -7.83
CA ILE A 30 5.20 -1.17 -6.46
C ILE A 30 4.70 0.26 -6.27
N CYS A 31 3.85 0.43 -5.26
CA CYS A 31 3.29 1.73 -4.89
C CYS A 31 2.97 2.58 -6.12
N ARG A 32 2.78 1.94 -7.25
CA ARG A 32 2.42 2.62 -8.48
C ARG A 32 0.93 2.78 -8.50
N ASP A 33 0.27 1.71 -8.13
CA ASP A 33 -1.18 1.69 -8.03
C ASP A 33 -1.59 2.46 -6.78
N VAL A 34 -0.73 2.42 -5.76
CA VAL A 34 -0.97 3.12 -4.50
C VAL A 34 -0.95 4.62 -4.70
N VAL A 35 0.13 5.12 -5.30
CA VAL A 35 0.27 6.54 -5.56
C VAL A 35 -0.64 7.00 -6.70
N ASP A 36 -0.69 6.21 -7.76
CA ASP A 36 -1.51 6.54 -8.92
C ASP A 36 -2.98 6.69 -8.55
N LEU A 37 -3.48 5.82 -7.68
CA LEU A 37 -4.89 5.88 -7.29
C LEU A 37 -5.14 6.91 -6.20
N CYS A 38 -4.18 7.07 -5.28
CA CYS A 38 -4.33 8.03 -4.20
C CYS A 38 -3.50 9.29 -4.44
N LYS A 39 -3.39 9.66 -5.70
CA LYS A 39 -2.63 10.85 -6.09
C LYS A 39 -3.54 12.07 -6.14
N GLU A 40 -3.02 13.17 -6.67
CA GLU A 40 -3.77 14.40 -6.79
C GLU A 40 -3.22 15.27 -7.92
N PRO A 41 -4.07 16.15 -8.50
CA PRO A 41 -3.66 17.03 -9.59
C PRO A 41 -2.39 17.82 -9.27
N GLY A 42 -1.25 17.27 -9.66
CA GLY A 42 0.01 17.93 -9.40
C GLY A 42 0.71 17.37 -8.18
N GLU A 43 0.83 16.06 -8.11
CA GLU A 43 1.49 15.39 -6.99
C GLU A 43 2.98 15.26 -7.23
N SER A 44 3.79 15.84 -6.35
CA SER A 44 5.24 15.78 -6.47
C SER A 44 5.86 15.19 -5.22
N ASP A 45 6.56 14.07 -5.37
CA ASP A 45 7.21 13.40 -4.25
C ASP A 45 6.18 12.99 -3.20
N CYS A 46 5.94 11.69 -3.10
CA CYS A 46 4.99 11.16 -2.12
C CYS A 46 5.34 9.73 -1.73
N HIS A 47 5.05 9.39 -0.47
CA HIS A 47 5.33 8.05 0.03
C HIS A 47 4.04 7.38 0.53
N LEU A 48 4.05 6.06 0.60
CA LEU A 48 2.90 5.32 1.06
C LEU A 48 3.14 4.83 2.48
N ALA A 49 2.09 4.74 3.29
CA ALA A 49 2.23 4.30 4.68
C ALA A 49 1.58 2.95 4.94
N GLU A 50 2.10 2.24 5.95
CA GLU A 50 1.57 0.93 6.31
C GLU A 50 1.25 0.88 7.81
N VAL A 51 -0.04 0.80 8.13
CA VAL A 51 -0.48 0.73 9.52
C VAL A 51 -1.36 -0.49 9.77
N TRP A 52 -0.99 -1.31 10.74
CA TRP A 52 -1.78 -2.49 11.05
C TRP A 52 -1.76 -2.81 12.55
N CYS A 53 -2.94 -2.99 13.13
CA CYS A 53 -3.07 -3.30 14.55
C CYS A 53 -2.27 -2.33 15.40
N GLY A 54 -2.27 -1.06 15.00
CA GLY A 54 -1.53 -0.05 15.74
C GLY A 54 -0.08 0.07 15.30
N SER A 55 0.37 -0.87 14.47
CA SER A 55 1.74 -0.85 13.98
C SER A 55 1.85 -0.01 12.72
N GLU A 56 2.23 1.25 12.87
CA GLU A 56 2.37 2.16 11.74
C GLU A 56 3.83 2.25 11.31
N ARG A 57 4.06 2.17 9.99
CA ARG A 57 5.40 2.25 9.44
C ARG A 57 5.39 2.92 8.08
N PRO A 58 6.51 3.56 7.69
CA PRO A 58 6.62 4.24 6.40
C PRO A 58 6.96 3.29 5.26
N VAL A 59 6.16 3.31 4.20
CA VAL A 59 6.38 2.46 3.05
C VAL A 59 6.88 3.25 1.85
N ALA A 60 7.95 2.74 1.24
CA ALA A 60 8.54 3.37 0.08
C ALA A 60 7.74 3.05 -1.17
N ASP A 61 7.63 4.02 -2.07
CA ASP A 61 6.86 3.83 -3.29
C ASP A 61 7.42 2.69 -4.14
N ASN A 62 8.63 2.24 -3.84
CA ASN A 62 9.24 1.17 -4.62
C ASN A 62 9.05 -0.19 -3.98
N GLU A 63 8.09 -0.31 -3.07
CA GLU A 63 7.83 -1.59 -2.40
C GLU A 63 6.72 -2.37 -3.09
N ARG A 64 6.99 -3.64 -3.38
CA ARG A 64 6.01 -4.52 -4.04
C ARG A 64 4.86 -4.86 -3.08
N MET A 65 3.66 -5.01 -3.63
CA MET A 65 2.48 -5.34 -2.81
C MET A 65 2.88 -6.23 -1.64
N PHE A 66 3.05 -7.51 -1.91
CA PHE A 66 3.45 -8.47 -0.88
C PHE A 66 4.75 -8.04 -0.21
N ASP A 67 5.65 -7.40 -0.96
CA ASP A 67 6.93 -6.96 -0.41
C ASP A 67 6.71 -6.16 0.85
N VAL A 68 5.68 -5.32 0.83
CA VAL A 68 5.35 -4.51 1.99
C VAL A 68 4.61 -5.36 3.00
N LEU A 69 3.87 -6.35 2.50
CA LEU A 69 3.09 -7.24 3.34
C LEU A 69 3.99 -8.27 4.05
N GLN A 70 5.25 -8.34 3.65
CA GLN A 70 6.19 -9.29 4.24
C GLN A 70 6.92 -8.69 5.44
N ARG A 71 6.85 -7.37 5.60
CA ARG A 71 7.53 -6.71 6.71
C ARG A 71 6.66 -6.69 7.97
N PHE A 72 5.35 -6.66 7.79
CA PHE A 72 4.42 -6.65 8.92
C PHE A 72 4.62 -7.87 9.81
N GLY A 73 4.68 -9.05 9.18
CA GLY A 73 4.87 -10.28 9.92
C GLY A 73 3.96 -11.39 9.44
N SER A 74 3.31 -12.07 10.37
CA SER A 74 2.40 -13.16 10.04
C SER A 74 1.07 -12.62 9.51
N GLN A 75 0.70 -11.44 9.99
CA GLN A 75 -0.55 -10.82 9.57
C GLN A 75 -0.34 -9.97 8.32
N ARG A 76 -0.47 -10.58 7.15
CA ARG A 76 -0.28 -9.88 5.89
C ARG A 76 -1.57 -9.19 5.45
N ASN A 77 -2.71 -9.81 5.76
CA ASN A 77 -4.00 -9.24 5.39
C ASN A 77 -4.62 -8.50 6.58
N GLU A 78 -3.78 -7.82 7.34
CA GLU A 78 -4.23 -7.07 8.51
C GLU A 78 -3.74 -5.62 8.46
N VAL A 79 -2.98 -5.29 7.42
CA VAL A 79 -2.41 -3.94 7.28
C VAL A 79 -3.30 -3.03 6.44
N ARG A 80 -3.00 -1.74 6.52
CA ARG A 80 -3.70 -0.72 5.76
C ARG A 80 -2.68 0.12 5.01
N PHE A 81 -2.99 0.49 3.78
CA PHE A 81 -2.09 1.30 2.98
C PHE A 81 -2.71 2.68 2.80
N PHE A 82 -1.89 3.71 2.93
CA PHE A 82 -2.41 5.09 2.86
C PHE A 82 -1.43 6.02 2.14
N LEU A 83 -1.98 7.00 1.42
CA LEU A 83 -1.15 7.94 0.69
C LEU A 83 -0.84 9.18 1.52
N ARG A 84 0.45 9.46 1.70
CA ARG A 84 0.89 10.61 2.48
C ARG A 84 1.62 11.61 1.60
N HIS A 85 1.28 12.89 1.75
CA HIS A 85 1.90 13.95 0.96
C HIS A 85 3.11 14.53 1.70
N GLU A 86 4.30 14.09 1.29
CA GLU A 86 5.53 14.56 1.91
C GLU A 86 6.71 14.38 0.96
N GLY A 1 10.78 -21.31 -9.64
CA GLY A 1 11.21 -21.72 -8.26
C GLY A 1 10.06 -21.69 -7.27
N GLY A 2 9.08 -22.56 -7.47
CA GLY A 2 7.94 -22.63 -6.58
C GLY A 2 6.73 -21.88 -7.13
N SER A 3 5.81 -21.53 -6.24
CA SER A 3 4.61 -20.81 -6.64
C SER A 3 4.23 -19.76 -5.59
N MET A 4 3.47 -18.76 -6.02
CA MET A 4 3.04 -17.69 -5.12
C MET A 4 1.59 -17.29 -5.41
N MET A 5 0.78 -17.21 -4.36
CA MET A 5 -0.62 -16.84 -4.51
C MET A 5 -0.76 -15.32 -4.60
N PRO A 6 -1.27 -14.81 -5.75
CA PRO A 6 -1.46 -13.37 -5.95
C PRO A 6 -2.23 -12.72 -4.81
N MET A 7 -2.01 -11.43 -4.62
CA MET A 7 -2.69 -10.69 -3.57
C MET A 7 -2.87 -9.22 -3.97
N PHE A 8 -3.33 -8.41 -3.03
CA PHE A 8 -3.55 -6.99 -3.31
C PHE A 8 -3.49 -6.16 -2.04
N LEU A 9 -3.32 -4.85 -2.20
CA LEU A 9 -3.23 -3.95 -1.07
C LEU A 9 -4.24 -2.80 -1.19
N THR A 10 -4.85 -2.43 -0.06
CA THR A 10 -5.82 -1.34 -0.04
C THR A 10 -5.18 -0.04 0.41
N VAL A 11 -5.08 0.92 -0.51
CA VAL A 11 -4.48 2.22 -0.22
C VAL A 11 -5.55 3.20 0.27
N TYR A 12 -5.12 4.24 0.96
CA TYR A 12 -6.04 5.23 1.50
C TYR A 12 -5.90 6.57 0.80
N LEU A 13 -7.03 7.09 0.36
CA LEU A 13 -7.10 8.37 -0.33
C LEU A 13 -7.48 9.48 0.63
N SER A 14 -6.92 10.65 0.38
CA SER A 14 -7.19 11.84 1.18
C SER A 14 -8.64 11.90 1.66
N ASN A 15 -8.82 11.91 2.97
CA ASN A 15 -10.17 11.97 3.55
C ASN A 15 -10.11 11.88 5.08
N ASN A 16 -9.79 10.70 5.58
CA ASN A 16 -9.70 10.49 7.03
C ASN A 16 -9.30 9.05 7.33
N GLU A 17 -10.24 8.13 7.19
CA GLU A 17 -9.99 6.71 7.46
C GLU A 17 -11.06 5.83 6.83
N GLN A 18 -11.68 6.32 5.76
CA GLN A 18 -12.73 5.58 5.07
C GLN A 18 -12.56 5.63 3.56
N HIS A 19 -11.66 6.46 3.05
CA HIS A 19 -11.46 6.49 1.62
C HIS A 19 -10.21 5.69 1.31
N PHE A 20 -10.38 4.67 0.48
CA PHE A 20 -9.29 3.81 0.11
C PHE A 20 -9.41 3.34 -1.32
N THR A 21 -8.29 2.92 -1.88
CA THR A 21 -8.28 2.38 -3.21
C THR A 21 -7.41 1.13 -3.22
N GLU A 22 -8.04 -0.01 -3.46
CA GLU A 22 -7.33 -1.28 -3.45
C GLU A 22 -6.86 -1.64 -4.85
N VAL A 23 -5.78 -2.41 -4.91
CA VAL A 23 -5.20 -2.80 -6.19
C VAL A 23 -4.50 -4.15 -6.12
N PRO A 24 -4.76 -5.03 -7.11
CA PRO A 24 -4.14 -6.34 -7.21
C PRO A 24 -2.84 -6.25 -7.99
N VAL A 25 -1.81 -6.96 -7.53
CA VAL A 25 -0.52 -6.91 -8.20
C VAL A 25 0.31 -8.17 -7.99
N THR A 26 1.32 -8.30 -8.83
CA THR A 26 2.28 -9.39 -8.74
C THR A 26 3.58 -8.78 -8.24
N PRO A 27 4.53 -9.57 -7.73
CA PRO A 27 5.78 -9.01 -7.23
C PRO A 27 6.64 -8.44 -8.36
N GLU A 28 6.10 -7.41 -9.01
CA GLU A 28 6.77 -6.72 -10.09
C GLU A 28 6.48 -5.23 -9.98
N THR A 29 5.19 -4.91 -9.80
CA THR A 29 4.78 -3.52 -9.65
C THR A 29 4.91 -3.11 -8.19
N ILE A 30 5.27 -1.86 -7.96
CA ILE A 30 5.41 -1.38 -6.59
C ILE A 30 4.86 0.03 -6.39
N CYS A 31 4.00 0.18 -5.39
CA CYS A 31 3.41 1.47 -5.02
C CYS A 31 3.07 2.32 -6.24
N ARG A 32 2.90 1.67 -7.38
CA ARG A 32 2.55 2.36 -8.61
C ARG A 32 1.06 2.50 -8.63
N ASP A 33 0.41 1.40 -8.32
CA ASP A 33 -1.04 1.37 -8.23
C ASP A 33 -1.46 2.10 -6.97
N VAL A 34 -0.61 2.05 -5.94
CA VAL A 34 -0.87 2.71 -4.69
C VAL A 34 -0.91 4.23 -4.89
N VAL A 35 0.14 4.77 -5.49
CA VAL A 35 0.20 6.21 -5.74
C VAL A 35 -0.74 6.62 -6.87
N ASP A 36 -0.65 5.91 -8.00
CA ASP A 36 -1.49 6.21 -9.15
C ASP A 36 -2.95 6.36 -8.76
N LEU A 37 -3.44 5.40 -7.97
CA LEU A 37 -4.83 5.43 -7.54
C LEU A 37 -5.05 6.45 -6.42
N CYS A 38 -4.05 6.63 -5.55
CA CYS A 38 -4.19 7.61 -4.47
C CYS A 38 -3.60 8.95 -4.84
N LYS A 39 -3.65 9.25 -6.12
CA LYS A 39 -3.15 10.51 -6.65
C LYS A 39 -4.21 11.22 -7.49
N GLU A 40 -4.14 12.54 -7.55
CA GLU A 40 -5.10 13.32 -8.31
C GLU A 40 -4.79 14.82 -8.21
N PRO A 41 -4.73 15.36 -6.99
CA PRO A 41 -4.45 16.78 -6.77
C PRO A 41 -3.18 17.24 -7.50
N GLY A 42 -2.26 16.30 -7.71
CA GLY A 42 -1.02 16.63 -8.39
C GLY A 42 0.08 17.02 -7.43
N GLU A 43 0.49 16.08 -6.58
CA GLU A 43 1.54 16.34 -5.61
C GLU A 43 2.86 15.72 -6.07
N SER A 44 3.96 16.31 -5.62
CA SER A 44 5.29 15.82 -5.98
C SER A 44 6.01 15.25 -4.76
N ASP A 45 6.77 14.19 -4.98
CA ASP A 45 7.51 13.54 -3.89
C ASP A 45 6.56 13.06 -2.81
N CYS A 46 6.06 11.84 -2.96
CA CYS A 46 5.14 11.25 -2.00
C CYS A 46 5.52 9.82 -1.67
N HIS A 47 5.04 9.32 -0.54
CA HIS A 47 5.33 7.96 -0.11
C HIS A 47 4.08 7.28 0.44
N LEU A 48 4.09 5.95 0.44
CA LEU A 48 2.95 5.19 0.95
C LEU A 48 3.25 4.75 2.39
N ALA A 49 2.21 4.64 3.21
CA ALA A 49 2.39 4.25 4.61
C ALA A 49 1.74 2.88 4.90
N GLU A 50 2.27 2.19 5.91
CA GLU A 50 1.73 0.89 6.31
C GLU A 50 1.44 0.88 7.82
N VAL A 51 0.16 0.82 8.16
CA VAL A 51 -0.26 0.78 9.56
C VAL A 51 -1.13 -0.43 9.85
N TRP A 52 -0.77 -1.21 10.87
CA TRP A 52 -1.57 -2.37 11.21
C TRP A 52 -1.58 -2.64 12.71
N CYS A 53 -2.77 -2.60 13.30
CA CYS A 53 -2.95 -2.84 14.74
C CYS A 53 -1.89 -2.12 15.57
N GLY A 54 -1.63 -0.87 15.24
CA GLY A 54 -0.64 -0.09 15.96
C GLY A 54 0.74 -0.13 15.33
N SER A 55 0.93 -1.03 14.37
CA SER A 55 2.21 -1.15 13.69
C SER A 55 2.24 -0.23 12.47
N GLU A 56 2.79 0.96 12.65
CA GLU A 56 2.87 1.93 11.56
C GLU A 56 4.31 2.08 11.07
N ARG A 57 4.48 2.05 9.75
CA ARG A 57 5.80 2.19 9.15
C ARG A 57 5.72 2.91 7.81
N PRO A 58 6.80 3.59 7.41
CA PRO A 58 6.84 4.32 6.13
C PRO A 58 7.21 3.42 4.97
N VAL A 59 6.27 3.22 4.04
CA VAL A 59 6.51 2.37 2.87
C VAL A 59 6.93 3.22 1.67
N ALA A 60 8.03 2.81 1.05
CA ALA A 60 8.56 3.50 -0.12
C ALA A 60 7.78 3.12 -1.37
N ASP A 61 7.64 4.07 -2.28
CA ASP A 61 6.89 3.82 -3.50
C ASP A 61 7.50 2.69 -4.33
N ASN A 62 8.72 2.29 -4.00
CA ASN A 62 9.38 1.24 -4.76
C ASN A 62 9.29 -0.12 -4.05
N GLU A 63 8.34 -0.26 -3.13
CA GLU A 63 8.16 -1.51 -2.41
C GLU A 63 7.12 -2.41 -3.09
N ARG A 64 7.51 -3.65 -3.38
CA ARG A 64 6.61 -4.60 -4.03
C ARG A 64 5.45 -4.96 -3.09
N MET A 65 4.24 -5.01 -3.65
CA MET A 65 3.04 -5.33 -2.88
C MET A 65 3.35 -6.35 -1.79
N PHE A 66 3.34 -7.63 -2.14
CA PHE A 66 3.65 -8.68 -1.18
C PHE A 66 4.93 -8.35 -0.41
N ASP A 67 5.89 -7.71 -1.08
CA ASP A 67 7.15 -7.36 -0.44
C ASP A 67 6.89 -6.58 0.83
N VAL A 68 6.01 -5.60 0.73
CA VAL A 68 5.65 -4.78 1.88
C VAL A 68 4.80 -5.62 2.84
N LEU A 69 4.10 -6.60 2.28
CA LEU A 69 3.24 -7.48 3.06
C LEU A 69 4.05 -8.53 3.83
N GLN A 70 5.32 -8.68 3.45
CA GLN A 70 6.19 -9.66 4.11
C GLN A 70 6.84 -9.08 5.37
N ARG A 71 6.80 -7.75 5.52
CA ARG A 71 7.39 -7.10 6.68
C ARG A 71 6.42 -7.07 7.86
N PHE A 72 5.13 -7.03 7.58
CA PHE A 72 4.12 -7.01 8.64
C PHE A 72 4.20 -8.27 9.49
N GLY A 73 4.29 -9.42 8.83
CA GLY A 73 4.37 -10.69 9.54
C GLY A 73 3.37 -11.69 9.02
N SER A 74 2.67 -12.35 9.93
CA SER A 74 1.67 -13.35 9.57
C SER A 74 0.27 -12.75 9.58
N GLN A 75 0.19 -11.45 9.31
CA GLN A 75 -1.10 -10.76 9.29
C GLN A 75 -1.14 -9.73 8.17
N ARG A 76 -1.46 -10.18 6.96
CA ARG A 76 -1.54 -9.30 5.81
C ARG A 76 -2.90 -8.63 5.70
N ASN A 77 -3.90 -9.22 6.34
CA ASN A 77 -5.26 -8.67 6.31
C ASN A 77 -5.49 -7.77 7.53
N GLU A 78 -4.42 -7.30 8.14
CA GLU A 78 -4.50 -6.43 9.31
C GLU A 78 -3.85 -5.07 9.04
N VAL A 79 -3.14 -4.96 7.93
CA VAL A 79 -2.45 -3.73 7.57
C VAL A 79 -3.28 -2.84 6.67
N ARG A 80 -2.89 -1.56 6.60
CA ARG A 80 -3.57 -0.59 5.77
C ARG A 80 -2.52 0.22 4.99
N PHE A 81 -2.86 0.57 3.76
CA PHE A 81 -1.97 1.35 2.91
C PHE A 81 -2.54 2.75 2.80
N PHE A 82 -1.70 3.77 2.95
CA PHE A 82 -2.18 5.15 2.92
C PHE A 82 -1.20 6.07 2.21
N LEU A 83 -1.71 6.97 1.38
CA LEU A 83 -0.83 7.89 0.65
C LEU A 83 -0.65 9.20 1.42
N ARG A 84 0.60 9.53 1.70
CA ARG A 84 0.91 10.76 2.42
C ARG A 84 1.57 11.78 1.49
N HIS A 85 0.99 12.98 1.45
CA HIS A 85 1.53 14.05 0.60
C HIS A 85 2.57 14.88 1.35
N GLU A 86 3.81 14.84 0.87
CA GLU A 86 4.90 15.58 1.50
C GLU A 86 5.55 16.53 0.50
N GLY A 1 9.44 -23.58 -9.55
CA GLY A 1 9.04 -22.30 -10.20
C GLY A 1 9.40 -21.09 -9.36
N GLY A 2 8.98 -21.09 -8.10
CA GLY A 2 9.28 -19.99 -7.21
C GLY A 2 8.04 -19.48 -6.49
N SER A 3 7.82 -18.17 -6.55
CA SER A 3 6.67 -17.55 -5.90
C SER A 3 5.41 -17.75 -6.73
N MET A 4 4.31 -18.09 -6.07
CA MET A 4 3.04 -18.31 -6.74
C MET A 4 1.87 -17.95 -5.83
N MET A 5 2.05 -16.92 -5.02
CA MET A 5 1.01 -16.48 -4.10
C MET A 5 0.63 -15.02 -4.36
N PRO A 6 -0.31 -14.78 -5.29
CA PRO A 6 -0.76 -13.43 -5.63
C PRO A 6 -1.53 -12.77 -4.49
N MET A 7 -1.38 -11.46 -4.36
CA MET A 7 -2.07 -10.71 -3.31
C MET A 7 -2.36 -9.29 -3.78
N PHE A 8 -2.82 -8.45 -2.87
CA PHE A 8 -3.13 -7.07 -3.20
C PHE A 8 -3.04 -6.16 -1.98
N LEU A 9 -3.01 -4.86 -2.24
CA LEU A 9 -2.90 -3.88 -1.17
C LEU A 9 -4.00 -2.81 -1.27
N THR A 10 -4.52 -2.40 -0.10
CA THR A 10 -5.57 -1.39 -0.04
C THR A 10 -4.99 -0.05 0.41
N VAL A 11 -5.00 0.92 -0.50
CA VAL A 11 -4.47 2.25 -0.21
C VAL A 11 -5.54 3.16 0.35
N TYR A 12 -5.11 4.22 1.01
CA TYR A 12 -6.04 5.17 1.62
C TYR A 12 -5.99 6.51 0.94
N LEU A 13 -7.19 6.98 0.57
CA LEU A 13 -7.37 8.25 -0.09
C LEU A 13 -7.85 9.30 0.91
N SER A 14 -7.44 10.53 0.68
CA SER A 14 -7.80 11.67 1.51
C SER A 14 -9.19 11.50 2.14
N ASN A 15 -9.23 11.24 3.44
CA ASN A 15 -10.50 11.07 4.15
C ASN A 15 -10.25 10.71 5.62
N ASN A 16 -11.29 10.18 6.28
CA ASN A 16 -11.18 9.80 7.68
C ASN A 16 -10.88 8.31 7.84
N GLU A 17 -9.79 7.87 7.21
CA GLU A 17 -9.39 6.47 7.28
C GLU A 17 -10.48 5.53 6.79
N GLN A 18 -11.40 6.07 5.98
CA GLN A 18 -12.50 5.27 5.44
C GLN A 18 -12.46 5.27 3.91
N HIS A 19 -11.66 6.14 3.31
CA HIS A 19 -11.55 6.13 1.86
C HIS A 19 -10.29 5.39 1.49
N PHE A 20 -10.45 4.33 0.73
CA PHE A 20 -9.33 3.52 0.31
C PHE A 20 -9.51 3.01 -1.10
N THR A 21 -8.42 2.62 -1.72
CA THR A 21 -8.48 2.05 -3.04
C THR A 21 -7.57 0.82 -3.08
N GLU A 22 -8.19 -0.34 -3.24
CA GLU A 22 -7.44 -1.59 -3.28
C GLU A 22 -7.10 -1.99 -4.70
N VAL A 23 -6.00 -2.70 -4.85
CA VAL A 23 -5.54 -3.14 -6.16
C VAL A 23 -4.62 -4.36 -6.09
N PRO A 24 -4.79 -5.31 -7.02
CA PRO A 24 -3.96 -6.51 -7.09
C PRO A 24 -2.74 -6.27 -7.95
N VAL A 25 -1.60 -6.85 -7.57
CA VAL A 25 -0.37 -6.67 -8.33
C VAL A 25 0.55 -7.87 -8.22
N THR A 26 1.63 -7.79 -8.99
CA THR A 26 2.67 -8.79 -8.98
C THR A 26 3.89 -8.16 -8.33
N PRO A 27 4.94 -8.92 -8.00
CA PRO A 27 6.12 -8.36 -7.36
C PRO A 27 6.91 -7.46 -8.31
N GLU A 28 6.29 -7.06 -9.43
CA GLU A 28 6.93 -6.18 -10.40
C GLU A 28 6.52 -4.73 -10.14
N THR A 29 5.22 -4.48 -10.06
CA THR A 29 4.72 -3.14 -9.80
C THR A 29 4.83 -2.80 -8.33
N ILE A 30 5.15 -1.54 -8.05
CA ILE A 30 5.28 -1.11 -6.66
C ILE A 30 4.68 0.28 -6.43
N CYS A 31 3.82 0.38 -5.42
CA CYS A 31 3.19 1.65 -5.04
C CYS A 31 2.83 2.49 -6.26
N ARG A 32 2.67 1.85 -7.40
CA ARG A 32 2.30 2.54 -8.63
C ARG A 32 0.81 2.67 -8.64
N ASP A 33 0.16 1.58 -8.27
CA ASP A 33 -1.28 1.55 -8.16
C ASP A 33 -1.69 2.30 -6.90
N VAL A 34 -0.82 2.23 -5.88
CA VAL A 34 -1.08 2.90 -4.61
C VAL A 34 -1.11 4.41 -4.82
N VAL A 35 -0.07 4.95 -5.44
CA VAL A 35 -0.02 6.39 -5.71
C VAL A 35 -0.95 6.79 -6.85
N ASP A 36 -0.86 6.08 -7.96
CA ASP A 36 -1.68 6.37 -9.13
C ASP A 36 -3.17 6.47 -8.77
N LEU A 37 -3.63 5.60 -7.87
CA LEU A 37 -5.03 5.61 -7.47
C LEU A 37 -5.29 6.60 -6.35
N CYS A 38 -4.33 6.78 -5.44
CA CYS A 38 -4.50 7.71 -4.34
C CYS A 38 -3.93 9.09 -4.65
N LYS A 39 -3.93 9.44 -5.92
CA LYS A 39 -3.43 10.73 -6.37
C LYS A 39 -4.58 11.59 -6.88
N GLU A 40 -4.25 12.78 -7.38
CA GLU A 40 -5.26 13.70 -7.91
C GLU A 40 -4.62 15.02 -8.35
N PRO A 41 -3.98 15.75 -7.40
CA PRO A 41 -3.33 17.02 -7.71
C PRO A 41 -1.98 16.84 -8.40
N GLY A 42 -1.36 15.67 -8.19
CA GLY A 42 -0.08 15.40 -8.79
C GLY A 42 1.05 16.12 -8.09
N GLU A 43 1.37 15.68 -6.87
CA GLU A 43 2.44 16.29 -6.09
C GLU A 43 3.75 15.54 -6.27
N SER A 44 4.87 16.23 -6.05
CA SER A 44 6.19 15.62 -6.18
C SER A 44 6.65 15.05 -4.85
N ASP A 45 7.45 13.99 -4.92
CA ASP A 45 7.96 13.34 -3.72
C ASP A 45 6.83 12.78 -2.87
N CYS A 46 6.23 11.69 -3.35
CA CYS A 46 5.13 11.06 -2.63
C CYS A 46 5.55 9.69 -2.11
N HIS A 47 4.93 9.26 -1.01
CA HIS A 47 5.23 7.97 -0.41
C HIS A 47 3.98 7.31 0.15
N LEU A 48 4.03 5.99 0.30
CA LEU A 48 2.91 5.24 0.84
C LEU A 48 3.22 4.79 2.26
N ALA A 49 2.23 4.79 3.14
CA ALA A 49 2.43 4.41 4.53
C ALA A 49 1.78 3.07 4.86
N GLU A 50 2.35 2.38 5.86
CA GLU A 50 1.82 1.09 6.29
C GLU A 50 1.52 1.09 7.78
N VAL A 51 0.24 1.03 8.14
CA VAL A 51 -0.17 0.99 9.54
C VAL A 51 -1.04 -0.23 9.83
N TRP A 52 -0.67 -1.01 10.83
CA TRP A 52 -1.46 -2.17 11.20
C TRP A 52 -1.44 -2.43 12.70
N CYS A 53 -2.62 -2.46 13.30
CA CYS A 53 -2.75 -2.71 14.74
C CYS A 53 -1.74 -1.90 15.55
N GLY A 54 -1.64 -0.61 15.25
CA GLY A 54 -0.71 0.24 15.96
C GLY A 54 0.68 0.24 15.35
N SER A 55 0.92 -0.68 14.42
CA SER A 55 2.21 -0.77 13.76
C SER A 55 2.25 0.11 12.52
N GLU A 56 2.78 1.32 12.67
CA GLU A 56 2.86 2.26 11.55
C GLU A 56 4.30 2.42 11.09
N ARG A 57 4.51 2.32 9.79
CA ARG A 57 5.84 2.47 9.21
C ARG A 57 5.76 3.11 7.82
N PRO A 58 6.84 3.79 7.39
CA PRO A 58 6.88 4.45 6.09
C PRO A 58 7.19 3.47 4.95
N VAL A 59 6.32 3.42 3.96
CA VAL A 59 6.51 2.52 2.81
C VAL A 59 6.98 3.28 1.58
N ALA A 60 8.03 2.75 0.96
CA ALA A 60 8.60 3.34 -0.25
C ALA A 60 7.75 2.98 -1.46
N ASP A 61 7.68 3.90 -2.41
CA ASP A 61 6.89 3.69 -3.61
C ASP A 61 7.41 2.51 -4.43
N ASN A 62 8.60 2.02 -4.11
CA ASN A 62 9.19 0.91 -4.85
C ASN A 62 9.18 -0.40 -4.04
N GLU A 63 8.29 -0.48 -3.05
CA GLU A 63 8.21 -1.68 -2.22
C GLU A 63 7.18 -2.67 -2.80
N ARG A 64 7.66 -3.84 -3.22
CA ARG A 64 6.79 -4.88 -3.79
C ARG A 64 5.58 -5.13 -2.90
N MET A 65 4.39 -4.97 -3.47
CA MET A 65 3.13 -5.17 -2.72
C MET A 65 3.29 -6.27 -1.68
N PHE A 66 3.25 -7.52 -2.11
CA PHE A 66 3.41 -8.63 -1.18
C PHE A 66 4.64 -8.42 -0.30
N ASP A 67 5.72 -7.92 -0.90
CA ASP A 67 6.96 -7.69 -0.15
C ASP A 67 6.67 -6.81 1.04
N VAL A 68 5.88 -5.78 0.82
CA VAL A 68 5.49 -4.87 1.87
C VAL A 68 4.54 -5.59 2.82
N LEU A 69 3.78 -6.52 2.25
CA LEU A 69 2.81 -7.32 3.01
C LEU A 69 3.50 -8.43 3.81
N GLN A 70 4.78 -8.65 3.54
CA GLN A 70 5.53 -9.70 4.23
C GLN A 70 6.20 -9.16 5.50
N ARG A 71 6.48 -7.85 5.51
CA ARG A 71 7.12 -7.23 6.66
C ARG A 71 6.17 -7.16 7.85
N PHE A 72 4.88 -7.04 7.57
CA PHE A 72 3.88 -6.96 8.63
C PHE A 72 3.86 -8.25 9.44
N GLY A 73 4.06 -9.37 8.77
CA GLY A 73 4.07 -10.66 9.44
C GLY A 73 3.04 -11.61 8.87
N SER A 74 2.56 -12.53 9.69
CA SER A 74 1.56 -13.51 9.25
C SER A 74 0.24 -12.82 8.95
N GLN A 75 -0.03 -11.71 9.64
CA GLN A 75 -1.26 -10.97 9.44
C GLN A 75 -1.11 -9.96 8.30
N ARG A 76 -1.41 -10.40 7.08
CA ARG A 76 -1.31 -9.54 5.91
C ARG A 76 -2.60 -8.75 5.69
N ASN A 77 -3.70 -9.26 6.22
CA ASN A 77 -4.99 -8.59 6.09
C ASN A 77 -5.29 -7.71 7.30
N GLU A 78 -4.24 -7.27 7.98
CA GLU A 78 -4.37 -6.43 9.16
C GLU A 78 -3.73 -5.06 8.94
N VAL A 79 -3.03 -4.91 7.82
CA VAL A 79 -2.34 -3.66 7.50
C VAL A 79 -3.20 -2.74 6.65
N ARG A 80 -2.82 -1.47 6.63
CA ARG A 80 -3.49 -0.47 5.83
C ARG A 80 -2.45 0.33 5.06
N PHE A 81 -2.77 0.68 3.83
CA PHE A 81 -1.86 1.47 3.01
C PHE A 81 -2.48 2.83 2.81
N PHE A 82 -1.67 3.88 2.91
CA PHE A 82 -2.19 5.25 2.83
C PHE A 82 -1.24 6.17 2.08
N LEU A 83 -1.78 7.05 1.24
CA LEU A 83 -0.93 7.96 0.48
C LEU A 83 -0.74 9.28 1.21
N ARG A 84 0.52 9.66 1.41
CA ARG A 84 0.86 10.90 2.10
C ARG A 84 1.25 11.99 1.10
N HIS A 85 0.31 12.88 0.80
CA HIS A 85 0.57 13.97 -0.12
C HIS A 85 1.19 15.16 0.58
N GLU A 86 2.49 15.36 0.36
CA GLU A 86 3.21 16.47 0.98
C GLU A 86 3.15 16.38 2.49
N GLY A 1 5.09 -28.82 -4.43
CA GLY A 1 3.71 -28.35 -4.10
C GLY A 1 3.31 -27.12 -4.89
N GLY A 2 3.56 -25.95 -4.34
CA GLY A 2 3.21 -24.71 -5.02
C GLY A 2 2.58 -23.70 -4.10
N SER A 3 3.34 -22.65 -3.77
CA SER A 3 2.85 -21.60 -2.88
C SER A 3 2.93 -20.24 -3.55
N MET A 4 2.58 -20.19 -4.83
CA MET A 4 2.61 -18.95 -5.59
C MET A 4 1.22 -18.37 -5.75
N MET A 5 0.76 -17.64 -4.74
CA MET A 5 -0.57 -17.04 -4.77
C MET A 5 -0.47 -15.52 -4.60
N PRO A 6 -0.99 -14.74 -5.56
CA PRO A 6 -0.96 -13.28 -5.49
C PRO A 6 -1.94 -12.72 -4.47
N MET A 7 -1.84 -11.41 -4.23
CA MET A 7 -2.73 -10.75 -3.27
C MET A 7 -2.96 -9.29 -3.68
N PHE A 8 -3.46 -8.48 -2.76
CA PHE A 8 -3.72 -7.08 -3.04
C PHE A 8 -3.66 -6.24 -1.77
N LEU A 9 -3.53 -4.93 -1.95
CA LEU A 9 -3.46 -4.00 -0.83
C LEU A 9 -4.48 -2.89 -0.98
N THR A 10 -5.09 -2.49 0.14
CA THR A 10 -6.10 -1.43 0.13
C THR A 10 -5.50 -0.12 0.63
N VAL A 11 -5.35 0.83 -0.29
CA VAL A 11 -4.79 2.13 0.04
C VAL A 11 -5.88 3.12 0.40
N TYR A 12 -5.50 4.20 1.08
CA TYR A 12 -6.46 5.22 1.51
C TYR A 12 -6.26 6.53 0.77
N LEU A 13 -7.37 7.07 0.27
CA LEU A 13 -7.36 8.32 -0.46
C LEU A 13 -7.68 9.49 0.45
N SER A 14 -6.90 10.56 0.32
CA SER A 14 -7.09 11.75 1.12
C SER A 14 -6.89 11.46 2.60
N ASN A 15 -7.10 12.47 3.45
CA ASN A 15 -6.94 12.31 4.88
C ASN A 15 -8.23 11.81 5.52
N ASN A 16 -8.63 10.59 5.16
CA ASN A 16 -9.85 10.00 5.69
C ASN A 16 -9.59 8.58 6.19
N GLU A 17 -10.60 7.97 6.79
CA GLU A 17 -10.46 6.60 7.31
C GLU A 17 -11.52 5.68 6.69
N GLN A 18 -12.20 6.14 5.65
CA GLN A 18 -13.23 5.35 5.00
C GLN A 18 -13.06 5.35 3.48
N HIS A 19 -12.20 6.21 2.95
CA HIS A 19 -11.99 6.21 1.51
C HIS A 19 -10.69 5.47 1.24
N PHE A 20 -10.80 4.41 0.46
CA PHE A 20 -9.66 3.59 0.12
C PHE A 20 -9.75 3.07 -1.30
N THR A 21 -8.61 2.69 -1.83
CA THR A 21 -8.56 2.10 -3.15
C THR A 21 -7.69 0.86 -3.10
N GLU A 22 -8.31 -0.28 -3.34
CA GLU A 22 -7.59 -1.55 -3.29
C GLU A 22 -7.09 -1.94 -4.68
N VAL A 23 -6.01 -2.70 -4.71
CA VAL A 23 -5.41 -3.10 -5.98
C VAL A 23 -4.62 -4.41 -5.87
N PRO A 24 -4.84 -5.33 -6.83
CA PRO A 24 -4.12 -6.60 -6.87
C PRO A 24 -2.81 -6.45 -7.64
N VAL A 25 -1.73 -6.94 -7.08
CA VAL A 25 -0.42 -6.82 -7.73
C VAL A 25 0.47 -8.03 -7.48
N THR A 26 1.27 -8.34 -8.49
CA THR A 26 2.24 -9.43 -8.40
C THR A 26 3.57 -8.81 -8.02
N PRO A 27 4.59 -9.60 -7.66
CA PRO A 27 5.87 -9.05 -7.28
C PRO A 27 6.63 -8.48 -8.47
N GLU A 28 6.03 -7.47 -9.10
CA GLU A 28 6.61 -6.80 -10.26
C GLU A 28 6.38 -5.30 -10.15
N THR A 29 5.12 -4.91 -9.99
CA THR A 29 4.76 -3.50 -9.85
C THR A 29 4.87 -3.10 -8.39
N ILE A 30 5.18 -1.84 -8.13
CA ILE A 30 5.31 -1.38 -6.75
C ILE A 30 4.69 0.00 -6.50
N CYS A 31 3.83 0.07 -5.50
CA CYS A 31 3.19 1.32 -5.07
C CYS A 31 2.82 2.22 -6.26
N ARG A 32 2.67 1.61 -7.43
CA ARG A 32 2.28 2.34 -8.61
C ARG A 32 0.78 2.48 -8.60
N ASP A 33 0.14 1.37 -8.27
CA ASP A 33 -1.31 1.35 -8.16
C ASP A 33 -1.73 2.12 -6.92
N VAL A 34 -0.89 2.07 -5.88
CA VAL A 34 -1.14 2.76 -4.63
C VAL A 34 -1.16 4.28 -4.85
N VAL A 35 -0.11 4.79 -5.47
CA VAL A 35 -0.02 6.22 -5.74
C VAL A 35 -0.97 6.63 -6.87
N ASP A 36 -0.91 5.91 -7.98
CA ASP A 36 -1.74 6.21 -9.14
C ASP A 36 -3.21 6.37 -8.76
N LEU A 37 -3.71 5.48 -7.89
CA LEU A 37 -5.11 5.54 -7.48
C LEU A 37 -5.33 6.57 -6.37
N CYS A 38 -4.36 6.72 -5.47
CA CYS A 38 -4.50 7.68 -4.38
C CYS A 38 -3.83 9.01 -4.70
N LYS A 39 -3.81 9.34 -5.97
CA LYS A 39 -3.23 10.60 -6.44
C LYS A 39 -4.31 11.49 -7.02
N GLU A 40 -4.07 12.80 -6.99
CA GLU A 40 -5.02 13.78 -7.53
C GLU A 40 -4.34 15.12 -7.75
N PRO A 41 -3.88 15.78 -6.67
CA PRO A 41 -3.21 17.09 -6.77
C PRO A 41 -1.77 16.95 -7.26
N GLY A 42 -1.32 17.90 -8.06
CA GLY A 42 0.04 17.87 -8.57
C GLY A 42 1.07 17.91 -7.47
N GLU A 43 1.36 16.75 -6.88
CA GLU A 43 2.33 16.67 -5.80
C GLU A 43 3.51 15.78 -6.21
N SER A 44 4.71 16.29 -6.04
CA SER A 44 5.92 15.53 -6.38
C SER A 44 6.57 14.94 -5.13
N ASP A 45 7.21 13.80 -5.30
CA ASP A 45 7.88 13.12 -4.18
C ASP A 45 6.87 12.74 -3.10
N CYS A 46 6.18 11.61 -3.32
CA CYS A 46 5.19 11.14 -2.36
C CYS A 46 5.49 9.69 -1.97
N HIS A 47 5.07 9.31 -0.75
CA HIS A 47 5.28 7.96 -0.26
C HIS A 47 4.00 7.37 0.31
N LEU A 48 3.94 6.05 0.37
CA LEU A 48 2.78 5.35 0.90
C LEU A 48 3.06 4.89 2.32
N ALA A 49 2.02 4.86 3.16
CA ALA A 49 2.18 4.44 4.54
C ALA A 49 1.51 3.09 4.80
N GLU A 50 2.02 2.35 5.79
CA GLU A 50 1.43 1.05 6.11
C GLU A 50 1.31 0.88 7.64
N VAL A 51 0.07 0.86 8.11
CA VAL A 51 -0.23 0.71 9.54
C VAL A 51 -1.17 -0.47 9.79
N TRP A 52 -0.83 -1.32 10.75
CA TRP A 52 -1.69 -2.44 11.07
C TRP A 52 -1.65 -2.77 12.57
N CYS A 53 -2.84 -2.90 13.17
CA CYS A 53 -2.94 -3.22 14.59
C CYS A 53 -2.08 -2.28 15.44
N GLY A 54 -1.98 -1.03 15.00
CA GLY A 54 -1.18 -0.06 15.74
C GLY A 54 0.23 0.05 15.21
N SER A 55 0.68 -0.96 14.46
CA SER A 55 2.02 -0.96 13.90
C SER A 55 2.07 -0.10 12.65
N GLU A 56 2.48 1.15 12.80
CA GLU A 56 2.58 2.07 11.68
C GLU A 56 4.02 2.17 11.19
N ARG A 57 4.19 2.07 9.87
CA ARG A 57 5.51 2.15 9.27
C ARG A 57 5.45 2.81 7.90
N PRO A 58 6.52 3.53 7.50
CA PRO A 58 6.58 4.21 6.22
C PRO A 58 6.90 3.26 5.08
N VAL A 59 6.11 3.32 4.01
CA VAL A 59 6.32 2.45 2.85
C VAL A 59 6.75 3.26 1.62
N ALA A 60 7.83 2.81 1.01
CA ALA A 60 8.37 3.45 -0.17
C ALA A 60 7.57 3.07 -1.41
N ASP A 61 7.37 4.04 -2.31
CA ASP A 61 6.60 3.78 -3.52
C ASP A 61 7.23 2.69 -4.37
N ASN A 62 8.49 2.34 -4.09
CA ASN A 62 9.16 1.32 -4.87
C ASN A 62 9.13 -0.05 -4.18
N GLU A 63 8.18 -0.24 -3.27
CA GLU A 63 8.06 -1.51 -2.57
C GLU A 63 7.01 -2.42 -3.23
N ARG A 64 7.38 -3.69 -3.43
CA ARG A 64 6.48 -4.67 -4.04
C ARG A 64 5.33 -5.00 -3.10
N MET A 65 4.13 -5.14 -3.64
CA MET A 65 2.93 -5.46 -2.84
C MET A 65 3.28 -6.36 -1.67
N PHE A 66 3.49 -7.63 -1.95
CA PHE A 66 3.84 -8.60 -0.92
C PHE A 66 5.10 -8.15 -0.17
N ASP A 67 6.02 -7.51 -0.89
CA ASP A 67 7.26 -7.04 -0.29
C ASP A 67 6.96 -6.18 0.92
N VAL A 68 5.91 -5.38 0.78
CA VAL A 68 5.48 -4.51 1.87
C VAL A 68 4.68 -5.31 2.88
N LEU A 69 4.01 -6.36 2.38
CA LEU A 69 3.19 -7.23 3.22
C LEU A 69 4.04 -8.24 4.00
N GLN A 70 5.33 -8.30 3.69
CA GLN A 70 6.23 -9.23 4.37
C GLN A 70 6.93 -8.57 5.55
N ARG A 71 6.88 -7.24 5.62
CA ARG A 71 7.51 -6.51 6.72
C ARG A 71 6.65 -6.53 7.98
N PHE A 72 5.34 -6.59 7.79
CA PHE A 72 4.41 -6.62 8.91
C PHE A 72 4.63 -7.87 9.75
N GLY A 73 4.39 -9.03 9.14
CA GLY A 73 4.56 -10.29 9.84
C GLY A 73 3.75 -11.41 9.21
N SER A 74 3.12 -12.24 10.06
CA SER A 74 2.30 -13.33 9.57
C SER A 74 0.98 -12.82 9.02
N GLN A 75 0.44 -11.79 9.66
CA GLN A 75 -0.82 -11.20 9.24
C GLN A 75 -0.60 -10.17 8.13
N ARG A 76 -0.61 -10.64 6.89
CA ARG A 76 -0.40 -9.76 5.74
C ARG A 76 -1.68 -9.03 5.35
N ASN A 77 -2.82 -9.64 5.65
CA ASN A 77 -4.11 -9.04 5.33
C ASN A 77 -4.70 -8.33 6.55
N GLU A 78 -3.83 -7.69 7.32
CA GLU A 78 -4.25 -6.97 8.52
C GLU A 78 -3.74 -5.53 8.51
N VAL A 79 -3.02 -5.16 7.46
CA VAL A 79 -2.44 -3.82 7.34
C VAL A 79 -3.35 -2.86 6.58
N ARG A 80 -3.02 -1.58 6.66
CA ARG A 80 -3.76 -0.54 5.96
C ARG A 80 -2.78 0.28 5.12
N PHE A 81 -3.17 0.57 3.89
CA PHE A 81 -2.33 1.36 3.01
C PHE A 81 -2.90 2.77 2.92
N PHE A 82 -2.05 3.78 2.96
CA PHE A 82 -2.51 5.16 2.93
C PHE A 82 -1.57 6.03 2.10
N LEU A 83 -2.12 7.00 1.38
CA LEU A 83 -1.30 7.87 0.55
C LEU A 83 -0.89 9.14 1.30
N ARG A 84 0.41 9.37 1.40
CA ARG A 84 0.93 10.54 2.09
C ARG A 84 1.74 11.41 1.15
N HIS A 85 1.34 12.68 1.03
CA HIS A 85 2.03 13.63 0.16
C HIS A 85 3.29 14.17 0.82
N GLU A 86 4.42 13.99 0.17
CA GLU A 86 5.70 14.46 0.69
C GLU A 86 6.00 13.81 2.04
N GLY A 1 -0.34 -25.78 -5.68
CA GLY A 1 -0.52 -24.46 -6.36
C GLY A 1 0.22 -24.38 -7.67
N GLY A 2 0.50 -23.16 -8.12
CA GLY A 2 1.21 -22.96 -9.37
C GLY A 2 2.48 -22.18 -9.20
N SER A 3 2.40 -20.87 -9.40
CA SER A 3 3.56 -19.99 -9.25
C SER A 3 3.24 -18.79 -8.37
N MET A 4 3.54 -18.92 -7.09
CA MET A 4 3.29 -17.83 -6.13
C MET A 4 1.80 -17.52 -6.06
N MET A 5 1.37 -16.95 -4.94
CA MET A 5 -0.03 -16.59 -4.75
C MET A 5 -0.22 -15.07 -4.83
N PRO A 6 -0.98 -14.59 -5.84
CA PRO A 6 -1.22 -13.16 -6.02
C PRO A 6 -2.07 -12.57 -4.90
N MET A 7 -1.91 -11.27 -4.67
CA MET A 7 -2.67 -10.59 -3.63
C MET A 7 -2.87 -9.12 -3.99
N PHE A 8 -3.35 -8.34 -3.03
CA PHE A 8 -3.60 -6.92 -3.27
C PHE A 8 -3.56 -6.13 -1.97
N LEU A 9 -3.34 -4.82 -2.10
CA LEU A 9 -3.29 -3.94 -0.95
C LEU A 9 -4.33 -2.83 -1.06
N THR A 10 -4.95 -2.49 0.07
CA THR A 10 -5.97 -1.44 0.11
C THR A 10 -5.36 -0.12 0.55
N VAL A 11 -5.28 0.82 -0.40
CA VAL A 11 -4.71 2.14 -0.12
C VAL A 11 -5.79 3.10 0.34
N TYR A 12 -5.38 4.17 1.04
CA TYR A 12 -6.32 5.15 1.55
C TYR A 12 -6.16 6.49 0.84
N LEU A 13 -7.30 7.00 0.37
CA LEU A 13 -7.34 8.28 -0.34
C LEU A 13 -7.53 9.44 0.63
N SER A 14 -6.73 10.48 0.45
CA SER A 14 -6.79 11.66 1.30
C SER A 14 -6.57 11.30 2.76
N ASN A 15 -6.80 12.26 3.65
CA ASN A 15 -6.62 12.05 5.07
C ASN A 15 -7.92 11.55 5.72
N ASN A 16 -8.45 10.46 5.18
CA ASN A 16 -9.69 9.88 5.70
C ASN A 16 -9.43 8.49 6.29
N GLU A 17 -10.49 7.87 6.81
CA GLU A 17 -10.38 6.55 7.40
C GLU A 17 -11.38 5.57 6.78
N GLN A 18 -12.15 6.03 5.80
CA GLN A 18 -13.14 5.19 5.14
C GLN A 18 -12.98 5.22 3.63
N HIS A 19 -12.14 6.10 3.10
CA HIS A 19 -11.93 6.11 1.66
C HIS A 19 -10.64 5.39 1.36
N PHE A 20 -10.74 4.35 0.57
CA PHE A 20 -9.60 3.55 0.20
C PHE A 20 -9.70 3.07 -1.23
N THR A 21 -8.57 2.71 -1.79
CA THR A 21 -8.52 2.15 -3.11
C THR A 21 -7.63 0.93 -3.10
N GLU A 22 -8.21 -0.23 -3.35
CA GLU A 22 -7.45 -1.46 -3.34
C GLU A 22 -6.96 -1.82 -4.74
N VAL A 23 -5.86 -2.54 -4.79
CA VAL A 23 -5.26 -2.89 -6.07
C VAL A 23 -4.43 -4.18 -6.00
N PRO A 24 -4.64 -5.10 -6.96
CA PRO A 24 -3.89 -6.35 -7.04
C PRO A 24 -2.59 -6.13 -7.81
N VAL A 25 -1.49 -6.61 -7.26
CA VAL A 25 -0.19 -6.41 -7.90
C VAL A 25 0.67 -7.68 -7.85
N THR A 26 1.55 -7.79 -8.83
CA THR A 26 2.48 -8.91 -8.89
C THR A 26 3.85 -8.39 -8.45
N PRO A 27 4.82 -9.28 -8.18
CA PRO A 27 6.14 -8.85 -7.76
C PRO A 27 6.92 -8.15 -8.88
N GLU A 28 6.37 -7.02 -9.33
CA GLU A 28 6.98 -6.24 -10.39
C GLU A 28 6.66 -4.76 -10.19
N THR A 29 5.38 -4.45 -10.05
CA THR A 29 4.95 -3.06 -9.84
C THR A 29 5.02 -2.72 -8.36
N ILE A 30 5.32 -1.46 -8.05
CA ILE A 30 5.40 -1.05 -6.66
C ILE A 30 4.78 0.32 -6.41
N CYS A 31 3.90 0.39 -5.41
CA CYS A 31 3.25 1.64 -5.01
C CYS A 31 2.89 2.52 -6.21
N ARG A 32 2.75 1.90 -7.37
CA ARG A 32 2.38 2.61 -8.58
C ARG A 32 0.89 2.74 -8.61
N ASP A 33 0.24 1.65 -8.23
CA ASP A 33 -1.21 1.61 -8.15
C ASP A 33 -1.65 2.31 -6.87
N VAL A 34 -0.75 2.29 -5.87
CA VAL A 34 -1.02 2.92 -4.59
C VAL A 34 -1.05 4.44 -4.75
N VAL A 35 0.00 5.00 -5.34
CA VAL A 35 0.07 6.43 -5.56
C VAL A 35 -0.87 6.88 -6.68
N ASP A 36 -0.86 6.13 -7.78
CA ASP A 36 -1.72 6.45 -8.91
C ASP A 36 -3.20 6.47 -8.52
N LEU A 37 -3.60 5.54 -7.67
CA LEU A 37 -4.98 5.46 -7.23
C LEU A 37 -5.29 6.49 -6.15
N CYS A 38 -4.32 6.76 -5.29
CA CYS A 38 -4.51 7.72 -4.22
C CYS A 38 -3.73 9.01 -4.49
N LYS A 39 -3.67 9.37 -5.76
CA LYS A 39 -2.97 10.58 -6.17
C LYS A 39 -3.91 11.78 -6.21
N GLU A 40 -3.35 12.97 -6.08
CA GLU A 40 -4.15 14.19 -6.09
C GLU A 40 -3.75 15.08 -7.27
N PRO A 41 -4.56 16.12 -7.57
CA PRO A 41 -4.28 17.05 -8.67
C PRO A 41 -2.87 17.60 -8.62
N GLY A 42 -1.95 16.94 -9.33
CA GLY A 42 -0.57 17.40 -9.34
C GLY A 42 0.23 16.86 -8.18
N GLU A 43 0.47 15.55 -8.18
CA GLU A 43 1.22 14.90 -7.11
C GLU A 43 2.71 14.91 -7.43
N SER A 44 3.51 15.42 -6.50
CA SER A 44 4.96 15.48 -6.68
C SER A 44 5.69 15.08 -5.41
N ASP A 45 6.47 13.99 -5.50
CA ASP A 45 7.22 13.50 -4.36
C ASP A 45 6.29 13.10 -3.21
N CYS A 46 6.05 11.81 -3.09
CA CYS A 46 5.17 11.30 -2.03
C CYS A 46 5.49 9.84 -1.71
N HIS A 47 5.12 9.40 -0.51
CA HIS A 47 5.37 8.04 -0.08
C HIS A 47 4.09 7.39 0.45
N LEU A 48 4.06 6.06 0.45
CA LEU A 48 2.90 5.34 0.95
C LEU A 48 3.16 4.87 2.38
N ALA A 49 2.12 4.79 3.18
CA ALA A 49 2.25 4.38 4.58
C ALA A 49 1.60 3.02 4.84
N GLU A 50 2.10 2.31 5.85
CA GLU A 50 1.54 1.00 6.21
C GLU A 50 1.35 0.91 7.73
N VAL A 51 0.09 0.88 8.15
CA VAL A 51 -0.26 0.78 9.57
C VAL A 51 -1.16 -0.41 9.84
N TRP A 52 -0.81 -1.21 10.84
CA TRP A 52 -1.63 -2.37 11.17
C TRP A 52 -1.61 -2.66 12.67
N CYS A 53 -2.80 -2.65 13.27
CA CYS A 53 -2.94 -2.91 14.70
C CYS A 53 -1.95 -2.08 15.52
N GLY A 54 -1.75 -0.83 15.11
CA GLY A 54 -0.83 0.04 15.83
C GLY A 54 0.56 0.04 15.22
N SER A 55 0.85 -0.96 14.37
CA SER A 55 2.16 -1.06 13.74
C SER A 55 2.20 -0.21 12.47
N GLU A 56 2.71 1.01 12.60
CA GLU A 56 2.81 1.91 11.46
C GLU A 56 4.26 2.04 11.00
N ARG A 57 4.46 1.97 9.69
CA ARG A 57 5.81 2.08 9.12
C ARG A 57 5.77 2.76 7.76
N PRO A 58 6.77 3.62 7.46
CA PRO A 58 6.83 4.33 6.19
C PRO A 58 7.15 3.39 5.03
N VAL A 59 6.25 3.34 4.04
CA VAL A 59 6.45 2.47 2.88
C VAL A 59 6.88 3.29 1.66
N ALA A 60 7.94 2.82 1.02
CA ALA A 60 8.48 3.48 -0.16
C ALA A 60 7.67 3.13 -1.39
N ASP A 61 7.64 4.05 -2.36
CA ASP A 61 6.89 3.82 -3.58
C ASP A 61 7.42 2.63 -4.37
N ASN A 62 8.60 2.15 -4.02
CA ASN A 62 9.19 1.02 -4.72
C ASN A 62 9.13 -0.27 -3.90
N GLU A 63 8.20 -0.32 -2.95
CA GLU A 63 8.06 -1.51 -2.12
C GLU A 63 7.14 -2.54 -2.79
N ARG A 64 7.68 -3.72 -3.09
CA ARG A 64 6.92 -4.79 -3.74
C ARG A 64 5.68 -5.16 -2.93
N MET A 65 4.53 -5.24 -3.62
CA MET A 65 3.26 -5.58 -2.97
C MET A 65 3.47 -6.49 -1.75
N PHE A 66 3.63 -7.76 -2.01
CA PHE A 66 3.86 -8.74 -0.94
C PHE A 66 5.07 -8.37 -0.11
N ASP A 67 6.09 -7.80 -0.75
CA ASP A 67 7.30 -7.45 -0.04
C ASP A 67 6.96 -6.58 1.16
N VAL A 68 5.95 -5.75 0.99
CA VAL A 68 5.49 -4.89 2.06
C VAL A 68 4.62 -5.70 3.01
N LEU A 69 3.88 -6.64 2.43
CA LEU A 69 2.99 -7.51 3.18
C LEU A 69 3.76 -8.57 3.97
N GLN A 70 5.07 -8.64 3.75
CA GLN A 70 5.90 -9.61 4.44
C GLN A 70 6.52 -9.03 5.72
N ARG A 71 6.56 -7.70 5.79
CA ARG A 71 7.14 -7.03 6.95
C ARG A 71 6.16 -7.02 8.14
N PHE A 72 4.87 -7.01 7.83
CA PHE A 72 3.84 -7.02 8.87
C PHE A 72 3.88 -8.32 9.65
N GLY A 73 4.15 -9.41 8.94
CA GLY A 73 4.21 -10.71 9.57
C GLY A 73 3.21 -11.68 8.96
N SER A 74 2.66 -12.56 9.80
CA SER A 74 1.68 -13.54 9.33
C SER A 74 0.36 -12.87 8.99
N GLN A 75 0.08 -11.74 9.65
CA GLN A 75 -1.15 -11.00 9.42
C GLN A 75 -1.00 -10.05 8.24
N ARG A 76 -1.31 -10.53 7.04
CA ARG A 76 -1.20 -9.72 5.83
C ARG A 76 -2.48 -8.93 5.58
N ASN A 77 -3.61 -9.45 6.07
CA ASN A 77 -4.90 -8.79 5.91
C ASN A 77 -5.25 -7.97 7.14
N GLU A 78 -4.22 -7.47 7.82
CA GLU A 78 -4.41 -6.66 9.03
C GLU A 78 -3.82 -5.26 8.86
N VAL A 79 -3.13 -5.04 7.75
CA VAL A 79 -2.48 -3.75 7.48
C VAL A 79 -3.37 -2.82 6.67
N ARG A 80 -2.98 -1.54 6.67
CA ARG A 80 -3.69 -0.51 5.92
C ARG A 80 -2.69 0.27 5.10
N PHE A 81 -3.06 0.58 3.86
CA PHE A 81 -2.20 1.36 2.98
C PHE A 81 -2.77 2.76 2.87
N PHE A 82 -1.91 3.77 2.95
CA PHE A 82 -2.39 5.16 2.90
C PHE A 82 -1.44 6.04 2.10
N LEU A 83 -1.99 7.00 1.37
CA LEU A 83 -1.18 7.90 0.56
C LEU A 83 -0.82 9.17 1.32
N ARG A 84 0.48 9.41 1.50
CA ARG A 84 0.96 10.58 2.20
C ARG A 84 1.68 11.54 1.26
N HIS A 85 1.14 12.75 1.12
CA HIS A 85 1.73 13.75 0.24
C HIS A 85 2.83 14.54 0.97
N GLU A 86 3.90 14.83 0.24
CA GLU A 86 5.01 15.58 0.81
C GLU A 86 5.62 14.82 1.98
N GLY A 1 4.90 -13.16 -3.60
CA GLY A 1 5.17 -14.07 -2.45
C GLY A 1 4.23 -15.26 -2.42
N GLY A 2 2.93 -15.00 -2.51
CA GLY A 2 1.96 -16.08 -2.49
C GLY A 2 2.13 -17.03 -3.66
N SER A 3 2.45 -18.29 -3.35
CA SER A 3 2.65 -19.29 -4.38
C SER A 3 1.35 -19.55 -5.15
N MET A 4 0.22 -19.39 -4.45
CA MET A 4 -1.09 -19.60 -5.08
C MET A 4 -1.81 -18.28 -5.27
N MET A 5 -1.79 -17.77 -6.50
CA MET A 5 -2.44 -16.51 -6.83
C MET A 5 -1.82 -15.35 -6.05
N PRO A 6 -1.79 -14.14 -6.65
CA PRO A 6 -1.21 -12.96 -6.02
C PRO A 6 -2.10 -12.40 -4.92
N MET A 7 -1.81 -11.18 -4.48
CA MET A 7 -2.59 -10.54 -3.42
C MET A 7 -2.87 -9.09 -3.81
N PHE A 8 -3.41 -8.32 -2.86
CA PHE A 8 -3.74 -6.92 -3.12
C PHE A 8 -3.69 -6.09 -1.84
N LEU A 9 -3.49 -4.80 -2.00
CA LEU A 9 -3.42 -3.88 -0.87
C LEU A 9 -4.49 -2.79 -0.97
N THR A 10 -5.07 -2.43 0.16
CA THR A 10 -6.09 -1.38 0.20
C THR A 10 -5.48 -0.07 0.63
N VAL A 11 -5.38 0.87 -0.30
CA VAL A 11 -4.80 2.18 -0.03
C VAL A 11 -5.87 3.16 0.41
N TYR A 12 -5.46 4.23 1.08
CA TYR A 12 -6.40 5.25 1.56
C TYR A 12 -6.20 6.56 0.83
N LEU A 13 -7.31 7.12 0.36
CA LEU A 13 -7.30 8.37 -0.38
C LEU A 13 -7.57 9.57 0.51
N SER A 14 -6.76 10.62 0.33
CA SER A 14 -6.90 11.86 1.07
C SER A 14 -7.28 11.62 2.54
N ASN A 15 -8.55 11.84 2.89
CA ASN A 15 -9.01 11.65 4.25
C ASN A 15 -8.99 10.17 4.62
N ASN A 16 -7.84 9.72 5.10
CA ASN A 16 -7.68 8.31 5.48
C ASN A 16 -8.55 7.97 6.68
N GLU A 17 -9.54 7.14 6.45
CA GLU A 17 -10.46 6.71 7.50
C GLU A 17 -11.50 5.75 6.92
N GLN A 18 -12.12 6.18 5.84
CA GLN A 18 -13.14 5.37 5.17
C GLN A 18 -12.98 5.40 3.66
N HIS A 19 -12.09 6.26 3.14
CA HIS A 19 -11.89 6.28 1.70
C HIS A 19 -10.63 5.50 1.40
N PHE A 20 -10.77 4.47 0.60
CA PHE A 20 -9.64 3.64 0.23
C PHE A 20 -9.75 3.15 -1.19
N THR A 21 -8.63 2.75 -1.74
CA THR A 21 -8.60 2.19 -3.07
C THR A 21 -7.72 0.96 -3.06
N GLU A 22 -8.33 -0.20 -3.29
CA GLU A 22 -7.61 -1.45 -3.28
C GLU A 22 -7.14 -1.83 -4.67
N VAL A 23 -6.05 -2.58 -4.72
CA VAL A 23 -5.47 -2.98 -6.00
C VAL A 23 -4.67 -4.28 -5.90
N PRO A 24 -4.87 -5.20 -6.87
CA PRO A 24 -4.14 -6.46 -6.93
C PRO A 24 -2.83 -6.29 -7.67
N VAL A 25 -1.72 -6.43 -6.96
CA VAL A 25 -0.41 -6.25 -7.55
C VAL A 25 0.46 -7.50 -7.45
N THR A 26 1.37 -7.62 -8.40
CA THR A 26 2.34 -8.70 -8.43
C THR A 26 3.67 -8.13 -7.98
N PRO A 27 4.68 -8.96 -7.72
CA PRO A 27 5.97 -8.45 -7.28
C PRO A 27 6.68 -7.61 -8.35
N GLU A 28 6.03 -7.46 -9.50
CA GLU A 28 6.58 -6.66 -10.59
C GLU A 28 6.31 -5.18 -10.36
N THR A 29 5.03 -4.83 -10.19
CA THR A 29 4.64 -3.44 -9.94
C THR A 29 4.76 -3.11 -8.46
N ILE A 30 5.10 -1.87 -8.16
CA ILE A 30 5.24 -1.45 -6.77
C ILE A 30 4.67 -0.05 -6.49
N CYS A 31 3.81 0.03 -5.48
CA CYS A 31 3.21 1.29 -5.05
C CYS A 31 2.87 2.21 -6.22
N ARG A 32 2.70 1.63 -7.38
CA ARG A 32 2.34 2.39 -8.57
C ARG A 32 0.84 2.57 -8.56
N ASP A 33 0.18 1.46 -8.25
CA ASP A 33 -1.27 1.46 -8.14
C ASP A 33 -1.68 2.23 -6.89
N VAL A 34 -0.82 2.19 -5.87
CA VAL A 34 -1.06 2.88 -4.61
C VAL A 34 -1.03 4.40 -4.83
N VAL A 35 0.05 4.89 -5.42
CA VAL A 35 0.19 6.32 -5.69
C VAL A 35 -0.73 6.76 -6.82
N ASP A 36 -0.83 5.95 -7.87
CA ASP A 36 -1.66 6.28 -9.02
C ASP A 36 -3.12 6.49 -8.62
N LEU A 37 -3.65 5.61 -7.77
CA LEU A 37 -5.04 5.73 -7.35
C LEU A 37 -5.22 6.78 -6.26
N CYS A 38 -4.24 6.91 -5.37
CA CYS A 38 -4.34 7.89 -4.29
C CYS A 38 -3.55 9.15 -4.63
N LYS A 39 -3.48 9.45 -5.91
CA LYS A 39 -2.78 10.64 -6.38
C LYS A 39 -3.73 11.82 -6.52
N GLU A 40 -3.21 13.02 -6.31
CA GLU A 40 -4.01 14.24 -6.41
C GLU A 40 -3.41 15.19 -7.44
N PRO A 41 -4.17 16.23 -7.84
CA PRO A 41 -3.70 17.22 -8.83
C PRO A 41 -2.43 17.93 -8.37
N GLY A 42 -1.30 17.29 -8.60
CA GLY A 42 -0.03 17.87 -8.20
C GLY A 42 0.93 16.85 -7.61
N GLU A 43 1.28 15.86 -8.42
CA GLU A 43 2.19 14.80 -7.98
C GLU A 43 3.59 15.36 -7.73
N SER A 44 3.88 15.66 -6.47
CA SER A 44 5.19 16.20 -6.10
C SER A 44 5.71 15.54 -4.82
N ASP A 45 6.60 14.58 -4.98
CA ASP A 45 7.19 13.87 -3.84
C ASP A 45 6.10 13.31 -2.93
N CYS A 46 5.85 12.01 -3.04
CA CYS A 46 4.84 11.35 -2.22
C CYS A 46 5.26 9.94 -1.85
N HIS A 47 4.83 9.48 -0.68
CA HIS A 47 5.15 8.13 -0.21
C HIS A 47 3.91 7.46 0.37
N LEU A 48 3.92 6.13 0.42
CA LEU A 48 2.80 5.38 0.95
C LEU A 48 3.10 4.94 2.37
N ALA A 49 2.07 4.83 3.20
CA ALA A 49 2.24 4.44 4.60
C ALA A 49 1.60 3.08 4.89
N GLU A 50 2.13 2.38 5.90
CA GLU A 50 1.58 1.08 6.30
C GLU A 50 1.33 1.05 7.80
N VAL A 51 0.05 1.01 8.19
CA VAL A 51 -0.33 0.95 9.59
C VAL A 51 -1.22 -0.25 9.85
N TRP A 52 -0.86 -1.08 10.81
CA TRP A 52 -1.67 -2.23 11.13
C TRP A 52 -1.64 -2.56 12.63
N CYS A 53 -2.81 -2.58 13.24
CA CYS A 53 -2.92 -2.89 14.67
C CYS A 53 -1.88 -2.14 15.50
N GLY A 54 -1.71 -0.87 15.21
CA GLY A 54 -0.74 -0.06 15.94
C GLY A 54 0.64 -0.08 15.30
N SER A 55 0.84 -0.95 14.32
CA SER A 55 2.12 -1.05 13.65
C SER A 55 2.15 -0.14 12.44
N GLU A 56 2.69 1.06 12.61
CA GLU A 56 2.78 2.03 11.53
C GLU A 56 4.23 2.19 11.06
N ARG A 57 4.43 2.15 9.75
CA ARG A 57 5.75 2.31 9.16
C ARG A 57 5.68 3.01 7.81
N PRO A 58 6.76 3.70 7.42
CA PRO A 58 6.82 4.40 6.14
C PRO A 58 7.11 3.47 4.97
N VAL A 59 6.21 3.43 4.00
CA VAL A 59 6.39 2.58 2.83
C VAL A 59 6.74 3.41 1.60
N ALA A 60 7.82 3.02 0.93
CA ALA A 60 8.28 3.71 -0.26
C ALA A 60 7.47 3.30 -1.49
N ASP A 61 7.38 4.21 -2.46
CA ASP A 61 6.62 3.93 -3.67
C ASP A 61 7.22 2.76 -4.45
N ASN A 62 8.44 2.38 -4.10
CA ASN A 62 9.11 1.28 -4.79
C ASN A 62 8.98 -0.03 -4.01
N GLU A 63 8.00 -0.09 -3.11
CA GLU A 63 7.78 -1.30 -2.30
C GLU A 63 6.92 -2.31 -3.05
N ARG A 64 7.42 -3.54 -3.15
CA ARG A 64 6.69 -4.62 -3.82
C ARG A 64 5.52 -5.08 -2.95
N MET A 65 4.33 -5.14 -3.54
CA MET A 65 3.12 -5.56 -2.82
C MET A 65 3.46 -6.48 -1.66
N PHE A 66 3.51 -7.77 -1.96
CA PHE A 66 3.82 -8.77 -0.93
C PHE A 66 5.07 -8.40 -0.15
N ASP A 67 6.06 -7.82 -0.84
CA ASP A 67 7.32 -7.44 -0.20
C ASP A 67 7.08 -6.74 1.13
N VAL A 68 6.15 -5.80 1.13
CA VAL A 68 5.84 -5.08 2.35
C VAL A 68 4.93 -5.92 3.23
N LEU A 69 4.09 -6.71 2.57
CA LEU A 69 3.14 -7.58 3.27
C LEU A 69 3.86 -8.69 4.01
N GLN A 70 5.14 -8.86 3.75
CA GLN A 70 5.94 -9.90 4.41
C GLN A 70 6.55 -9.39 5.70
N ARG A 71 6.63 -8.06 5.85
CA ARG A 71 7.19 -7.46 7.05
C ARG A 71 6.16 -7.36 8.17
N PHE A 72 4.89 -7.26 7.79
CA PHE A 72 3.82 -7.16 8.79
C PHE A 72 3.73 -8.45 9.61
N GLY A 73 4.41 -9.51 9.16
CA GLY A 73 4.39 -10.77 9.88
C GLY A 73 3.41 -11.76 9.30
N SER A 74 2.72 -12.49 10.17
CA SER A 74 1.74 -13.47 9.74
C SER A 74 0.34 -12.87 9.69
N GLN A 75 0.29 -11.57 9.40
CA GLN A 75 -0.97 -10.85 9.31
C GLN A 75 -0.98 -9.95 8.07
N ARG A 76 -0.48 -10.49 6.97
CA ARG A 76 -0.42 -9.77 5.70
C ARG A 76 -1.75 -9.10 5.36
N ASN A 77 -2.85 -9.73 5.76
CA ASN A 77 -4.17 -9.21 5.51
C ASN A 77 -4.71 -8.48 6.73
N GLU A 78 -3.84 -7.73 7.40
CA GLU A 78 -4.22 -6.98 8.60
C GLU A 78 -3.66 -5.57 8.58
N VAL A 79 -3.05 -5.17 7.45
CA VAL A 79 -2.44 -3.86 7.34
C VAL A 79 -3.29 -2.89 6.51
N ARG A 80 -3.00 -1.61 6.67
CA ARG A 80 -3.69 -0.56 5.93
C ARG A 80 -2.69 0.25 5.11
N PHE A 81 -3.08 0.59 3.89
CA PHE A 81 -2.23 1.38 3.00
C PHE A 81 -2.82 2.78 2.91
N PHE A 82 -1.97 3.80 3.00
CA PHE A 82 -2.45 5.18 2.97
C PHE A 82 -1.49 6.08 2.19
N LEU A 83 -2.05 7.03 1.45
CA LEU A 83 -1.24 7.95 0.66
C LEU A 83 -0.92 9.23 1.44
N ARG A 84 0.36 9.53 1.58
CA ARG A 84 0.79 10.71 2.31
C ARG A 84 1.34 11.77 1.34
N HIS A 85 0.94 13.01 1.54
CA HIS A 85 1.39 14.10 0.70
C HIS A 85 2.23 15.10 1.48
N GLU A 86 3.55 15.00 1.34
CA GLU A 86 4.47 15.89 2.04
C GLU A 86 4.81 17.10 1.18
N GLY A 1 10.01 -26.85 -4.64
CA GLY A 1 9.64 -25.45 -4.96
C GLY A 1 8.28 -25.07 -4.41
N GLY A 2 7.33 -24.84 -5.31
CA GLY A 2 5.99 -24.47 -4.89
C GLY A 2 5.30 -23.57 -5.89
N SER A 3 4.64 -22.52 -5.38
CA SER A 3 3.93 -21.57 -6.23
C SER A 3 3.63 -20.28 -5.48
N MET A 4 3.09 -19.30 -6.20
CA MET A 4 2.76 -18.02 -5.59
C MET A 4 1.29 -17.66 -5.87
N MET A 5 0.69 -16.90 -4.96
CA MET A 5 -0.69 -16.49 -5.11
C MET A 5 -0.82 -14.96 -5.08
N PRO A 6 -1.24 -14.35 -6.21
CA PRO A 6 -1.40 -12.89 -6.30
C PRO A 6 -2.24 -12.33 -5.15
N MET A 7 -1.86 -11.14 -4.68
CA MET A 7 -2.59 -10.50 -3.58
C MET A 7 -2.92 -9.06 -3.93
N PHE A 8 -3.55 -8.35 -3.00
CA PHE A 8 -3.94 -6.97 -3.22
C PHE A 8 -3.85 -6.17 -1.93
N LEU A 9 -3.70 -4.86 -2.07
CA LEU A 9 -3.59 -3.96 -0.92
C LEU A 9 -4.58 -2.82 -1.03
N THR A 10 -5.17 -2.44 0.10
CA THR A 10 -6.13 -1.34 0.12
C THR A 10 -5.44 -0.04 0.51
N VAL A 11 -5.30 0.86 -0.46
CA VAL A 11 -4.65 2.14 -0.23
C VAL A 11 -5.68 3.19 0.20
N TYR A 12 -5.23 4.23 0.87
CA TYR A 12 -6.12 5.28 1.34
C TYR A 12 -5.87 6.59 0.61
N LEU A 13 -6.96 7.17 0.12
CA LEU A 13 -6.91 8.43 -0.62
C LEU A 13 -7.01 9.62 0.32
N SER A 14 -6.15 10.61 0.10
CA SER A 14 -6.16 11.81 0.91
C SER A 14 -5.94 11.47 2.39
N ASN A 15 -6.20 12.45 3.26
CA ASN A 15 -6.03 12.26 4.70
C ASN A 15 -7.33 11.80 5.34
N ASN A 16 -7.98 10.80 4.73
CA ASN A 16 -9.23 10.28 5.25
C ASN A 16 -9.03 8.87 5.84
N GLU A 17 -10.09 8.32 6.41
CA GLU A 17 -10.03 6.99 7.00
C GLU A 17 -11.11 6.07 6.43
N GLN A 18 -11.88 6.57 5.47
CA GLN A 18 -12.95 5.78 4.86
C GLN A 18 -12.80 5.73 3.35
N HIS A 19 -11.94 6.57 2.77
CA HIS A 19 -11.75 6.51 1.34
C HIS A 19 -10.47 5.75 1.07
N PHE A 20 -10.60 4.68 0.32
CA PHE A 20 -9.47 3.84 -0.02
C PHE A 20 -9.58 3.28 -1.41
N THR A 21 -8.46 2.86 -1.95
CA THR A 21 -8.44 2.25 -3.25
C THR A 21 -7.61 0.98 -3.19
N GLU A 22 -8.25 -0.16 -3.39
CA GLU A 22 -7.58 -1.44 -3.32
C GLU A 22 -7.10 -1.87 -4.70
N VAL A 23 -6.03 -2.66 -4.73
CA VAL A 23 -5.46 -3.12 -5.98
C VAL A 23 -4.65 -4.40 -5.83
N PRO A 24 -4.77 -5.33 -6.81
CA PRO A 24 -4.02 -6.57 -6.81
C PRO A 24 -2.68 -6.40 -7.51
N VAL A 25 -1.59 -6.54 -6.78
CA VAL A 25 -0.26 -6.34 -7.36
C VAL A 25 0.64 -7.56 -7.17
N THR A 26 1.66 -7.61 -8.02
CA THR A 26 2.67 -8.64 -7.97
C THR A 26 4.01 -7.97 -7.72
N PRO A 27 5.05 -8.71 -7.33
CA PRO A 27 6.35 -8.10 -7.07
C PRO A 27 6.87 -7.30 -8.27
N GLU A 28 6.26 -7.53 -9.44
CA GLU A 28 6.64 -6.81 -10.64
C GLU A 28 6.39 -5.31 -10.47
N THR A 29 5.16 -4.96 -10.08
CA THR A 29 4.81 -3.57 -9.85
C THR A 29 4.90 -3.22 -8.38
N ILE A 30 5.28 -1.98 -8.09
CA ILE A 30 5.40 -1.54 -6.71
C ILE A 30 4.87 -0.12 -6.48
N CYS A 31 4.00 0.01 -5.48
CA CYS A 31 3.42 1.29 -5.07
C CYS A 31 3.12 2.20 -6.26
N ARG A 32 2.96 1.61 -7.43
CA ARG A 32 2.62 2.34 -8.63
C ARG A 32 1.13 2.52 -8.66
N ASP A 33 0.46 1.42 -8.36
CA ASP A 33 -0.99 1.42 -8.29
C ASP A 33 -1.42 2.16 -7.02
N VAL A 34 -0.58 2.07 -5.99
CA VAL A 34 -0.84 2.74 -4.72
C VAL A 34 -0.83 4.26 -4.89
N VAL A 35 0.24 4.78 -5.47
CA VAL A 35 0.36 6.22 -5.70
C VAL A 35 -0.56 6.69 -6.83
N ASP A 36 -0.57 5.93 -7.93
CA ASP A 36 -1.38 6.28 -9.09
C ASP A 36 -2.86 6.44 -8.72
N LEU A 37 -3.36 5.55 -7.86
CA LEU A 37 -4.76 5.60 -7.45
C LEU A 37 -5.00 6.59 -6.31
N CYS A 38 -4.04 6.71 -5.40
CA CYS A 38 -4.18 7.62 -4.27
C CYS A 38 -3.44 8.93 -4.50
N LYS A 39 -3.41 9.34 -5.75
CA LYS A 39 -2.75 10.59 -6.12
C LYS A 39 -3.75 11.73 -6.21
N GLU A 40 -3.46 12.82 -5.54
CA GLU A 40 -4.35 13.99 -5.54
C GLU A 40 -4.41 14.62 -6.93
N PRO A 41 -5.26 15.64 -7.10
CA PRO A 41 -5.42 16.33 -8.40
C PRO A 41 -4.08 16.77 -8.99
N GLY A 42 -3.09 16.95 -8.12
CA GLY A 42 -1.78 17.36 -8.59
C GLY A 42 -0.77 17.44 -7.45
N GLU A 43 -0.21 16.29 -7.09
CA GLU A 43 0.77 16.24 -6.01
C GLU A 43 2.07 15.60 -6.49
N SER A 44 3.20 16.12 -6.01
CA SER A 44 4.50 15.61 -6.40
C SER A 44 5.27 15.11 -5.18
N ASP A 45 6.06 14.05 -5.36
CA ASP A 45 6.84 13.48 -4.28
C ASP A 45 5.93 13.03 -3.13
N CYS A 46 5.60 11.75 -3.11
CA CYS A 46 4.74 11.20 -2.07
C CYS A 46 5.09 9.75 -1.79
N HIS A 47 4.98 9.35 -0.52
CA HIS A 47 5.28 7.98 -0.11
C HIS A 47 4.04 7.30 0.45
N LEU A 48 4.04 5.97 0.44
CA LEU A 48 2.93 5.20 0.95
C LEU A 48 3.23 4.73 2.38
N ALA A 49 2.19 4.61 3.19
CA ALA A 49 2.38 4.18 4.58
C ALA A 49 1.70 2.83 4.85
N GLU A 50 2.22 2.09 5.83
CA GLU A 50 1.65 0.80 6.20
C GLU A 50 1.39 0.74 7.70
N VAL A 51 0.12 0.72 8.08
CA VAL A 51 -0.26 0.65 9.49
C VAL A 51 -1.18 -0.53 9.76
N TRP A 52 -0.83 -1.35 10.74
CA TRP A 52 -1.67 -2.49 11.09
C TRP A 52 -1.64 -2.79 12.59
N CYS A 53 -2.83 -2.85 13.19
CA CYS A 53 -2.94 -3.14 14.62
C CYS A 53 -2.00 -2.27 15.45
N GLY A 54 -1.88 -1.01 15.07
CA GLY A 54 -1.00 -0.10 15.77
C GLY A 54 0.41 -0.09 15.22
N SER A 55 0.71 -1.07 14.36
CA SER A 55 2.05 -1.17 13.77
C SER A 55 2.13 -0.30 12.52
N GLU A 56 2.64 0.92 12.67
CA GLU A 56 2.77 1.83 11.56
C GLU A 56 4.22 1.90 11.08
N ARG A 57 4.40 1.84 9.76
CA ARG A 57 5.74 1.89 9.19
C ARG A 57 5.73 2.59 7.83
N PRO A 58 6.73 3.43 7.54
CA PRO A 58 6.81 4.16 6.27
C PRO A 58 7.14 3.24 5.09
N VAL A 59 6.32 3.31 4.05
CA VAL A 59 6.52 2.48 2.86
C VAL A 59 6.90 3.34 1.64
N ALA A 60 7.98 2.95 0.99
CA ALA A 60 8.46 3.66 -0.20
C ALA A 60 7.64 3.27 -1.42
N ASP A 61 7.61 4.14 -2.43
CA ASP A 61 6.86 3.87 -3.63
C ASP A 61 7.44 2.68 -4.39
N ASN A 62 8.65 2.26 -4.03
CA ASN A 62 9.28 1.13 -4.70
C ASN A 62 9.00 -0.19 -3.97
N GLU A 63 8.09 -0.16 -3.01
CA GLU A 63 7.74 -1.35 -2.25
C GLU A 63 6.76 -2.22 -3.04
N ARG A 64 7.04 -3.50 -3.14
CA ARG A 64 6.16 -4.42 -3.87
C ARG A 64 5.12 -5.00 -2.92
N MET A 65 3.93 -5.25 -3.45
CA MET A 65 2.83 -5.79 -2.65
C MET A 65 3.36 -6.69 -1.54
N PHE A 66 3.62 -7.94 -1.87
CA PHE A 66 4.14 -8.88 -0.88
C PHE A 66 5.36 -8.32 -0.18
N ASP A 67 6.17 -7.57 -0.92
CA ASP A 67 7.39 -6.99 -0.36
C ASP A 67 7.11 -6.36 0.99
N VAL A 68 6.06 -5.56 1.05
CA VAL A 68 5.67 -4.91 2.28
C VAL A 68 4.92 -5.87 3.18
N LEU A 69 4.23 -6.81 2.55
CA LEU A 69 3.45 -7.80 3.25
C LEU A 69 4.34 -8.77 4.03
N GLN A 70 5.64 -8.75 3.74
CA GLN A 70 6.59 -9.62 4.42
C GLN A 70 7.14 -8.97 5.69
N ARG A 71 7.01 -7.65 5.80
CA ARG A 71 7.53 -6.94 6.96
C ARG A 71 6.50 -6.92 8.09
N PHE A 72 5.22 -6.95 7.75
CA PHE A 72 4.16 -6.95 8.76
C PHE A 72 4.28 -8.18 9.65
N GLY A 73 3.96 -9.33 9.08
CA GLY A 73 4.03 -10.58 9.83
C GLY A 73 3.17 -11.67 9.22
N SER A 74 2.41 -12.35 10.06
CA SER A 74 1.53 -13.42 9.59
C SER A 74 0.10 -12.92 9.45
N GLN A 75 -0.05 -11.63 9.11
CA GLN A 75 -1.36 -11.04 8.94
C GLN A 75 -1.33 -9.97 7.86
N ARG A 76 -1.39 -10.40 6.60
CA ARG A 76 -1.38 -9.48 5.48
C ARG A 76 -2.72 -8.78 5.32
N ASN A 77 -3.78 -9.39 5.83
CA ASN A 77 -5.12 -8.82 5.74
C ASN A 77 -5.44 -7.99 6.98
N GLU A 78 -4.40 -7.51 7.66
CA GLU A 78 -4.57 -6.71 8.86
C GLU A 78 -3.93 -5.33 8.71
N VAL A 79 -3.19 -5.13 7.62
CA VAL A 79 -2.51 -3.86 7.36
C VAL A 79 -3.36 -2.93 6.49
N ARG A 80 -3.01 -1.65 6.54
CA ARG A 80 -3.69 -0.64 5.75
C ARG A 80 -2.67 0.16 4.96
N PHE A 81 -3.01 0.51 3.73
CA PHE A 81 -2.15 1.29 2.87
C PHE A 81 -2.69 2.71 2.78
N PHE A 82 -1.82 3.70 2.93
CA PHE A 82 -2.26 5.09 2.91
C PHE A 82 -1.24 5.99 2.22
N LEU A 83 -1.71 6.85 1.32
CA LEU A 83 -0.80 7.75 0.62
C LEU A 83 -0.69 9.09 1.33
N ARG A 84 0.54 9.49 1.64
CA ARG A 84 0.80 10.75 2.32
C ARG A 84 1.42 11.77 1.36
N HIS A 85 0.80 12.93 1.27
CA HIS A 85 1.30 13.99 0.38
C HIS A 85 2.20 14.95 1.15
N GLU A 86 3.48 14.62 1.24
CA GLU A 86 4.45 15.45 1.94
C GLU A 86 5.39 16.14 0.96
N GLY A 1 6.34 -16.14 2.05
CA GLY A 1 7.14 -17.40 2.00
C GLY A 1 6.45 -18.48 1.19
N GLY A 2 7.24 -19.25 0.45
CA GLY A 2 6.68 -20.32 -0.35
C GLY A 2 6.36 -19.88 -1.77
N SER A 3 5.07 -19.81 -2.09
CA SER A 3 4.64 -19.39 -3.41
C SER A 3 4.28 -17.91 -3.43
N MET A 4 3.95 -17.40 -4.62
CA MET A 4 3.59 -16.00 -4.76
C MET A 4 2.17 -15.75 -4.28
N MET A 5 1.20 -16.42 -4.91
CA MET A 5 -0.20 -16.26 -4.55
C MET A 5 -0.66 -14.82 -4.75
N PRO A 6 -1.16 -14.50 -5.95
CA PRO A 6 -1.63 -13.15 -6.27
C PRO A 6 -2.64 -12.63 -5.26
N MET A 7 -2.38 -11.43 -4.73
CA MET A 7 -3.27 -10.82 -3.75
C MET A 7 -3.39 -9.33 -4.01
N PHE A 8 -3.88 -8.57 -3.02
CA PHE A 8 -4.04 -7.13 -3.19
C PHE A 8 -3.92 -6.38 -1.87
N LEU A 9 -3.75 -5.07 -1.99
CA LEU A 9 -3.62 -4.19 -0.84
C LEU A 9 -4.62 -3.04 -0.94
N THR A 10 -5.20 -2.66 0.18
CA THR A 10 -6.17 -1.58 0.21
C THR A 10 -5.50 -0.24 0.54
N VAL A 11 -5.49 0.65 -0.45
CA VAL A 11 -4.89 1.97 -0.29
C VAL A 11 -5.92 2.98 0.18
N TYR A 12 -5.46 4.04 0.83
CA TYR A 12 -6.35 5.08 1.33
C TYR A 12 -6.15 6.38 0.59
N LEU A 13 -7.27 6.93 0.12
CA LEU A 13 -7.26 8.19 -0.62
C LEU A 13 -7.46 9.37 0.31
N SER A 14 -6.66 10.41 0.12
CA SER A 14 -6.75 11.61 0.94
C SER A 14 -6.52 11.29 2.41
N ASN A 15 -6.95 12.19 3.29
CA ASN A 15 -6.79 11.99 4.73
C ASN A 15 -8.04 11.37 5.34
N ASN A 16 -8.77 10.60 4.53
CA ASN A 16 -9.98 9.93 5.00
C ASN A 16 -9.67 8.56 5.60
N GLU A 17 -10.57 8.07 6.45
CA GLU A 17 -10.39 6.77 7.09
C GLU A 17 -11.37 5.75 6.54
N GLN A 18 -12.25 6.17 5.63
CA GLN A 18 -13.23 5.26 5.04
C GLN A 18 -13.11 5.21 3.52
N HIS A 19 -12.31 6.10 2.92
CA HIS A 19 -12.15 6.04 1.49
C HIS A 19 -10.83 5.35 1.19
N PHE A 20 -10.93 4.25 0.45
CA PHE A 20 -9.77 3.49 0.10
C PHE A 20 -9.89 2.91 -1.30
N THR A 21 -8.77 2.57 -1.88
CA THR A 21 -8.77 1.94 -3.18
C THR A 21 -7.86 0.73 -3.14
N GLU A 22 -8.46 -0.45 -3.34
CA GLU A 22 -7.70 -1.68 -3.30
C GLU A 22 -7.23 -2.08 -4.68
N VAL A 23 -6.13 -2.82 -4.73
CA VAL A 23 -5.55 -3.23 -6.00
C VAL A 23 -4.80 -4.56 -5.91
N PRO A 24 -5.02 -5.45 -6.90
CA PRO A 24 -4.35 -6.75 -6.95
C PRO A 24 -3.01 -6.63 -7.66
N VAL A 25 -1.94 -6.79 -6.90
CA VAL A 25 -0.59 -6.65 -7.46
C VAL A 25 0.25 -7.89 -7.19
N THR A 26 1.08 -8.21 -8.18
CA THR A 26 2.02 -9.31 -8.07
C THR A 26 3.37 -8.73 -7.67
N PRO A 27 4.36 -9.53 -7.28
CA PRO A 27 5.65 -9.00 -6.90
C PRO A 27 6.42 -8.45 -8.10
N GLU A 28 5.84 -7.44 -8.74
CA GLU A 28 6.44 -6.79 -9.90
C GLU A 28 6.17 -5.29 -9.83
N THR A 29 4.90 -4.92 -9.66
CA THR A 29 4.53 -3.52 -9.56
C THR A 29 4.66 -3.07 -8.10
N ILE A 30 4.95 -1.80 -7.90
CA ILE A 30 5.11 -1.28 -6.54
C ILE A 30 4.49 0.10 -6.32
N CYS A 31 3.66 0.19 -5.29
CA CYS A 31 3.02 1.44 -4.88
C CYS A 31 2.61 2.31 -6.08
N ARG A 32 2.42 1.67 -7.22
CA ARG A 32 2.00 2.36 -8.42
C ARG A 32 0.51 2.52 -8.34
N ASP A 33 -0.11 1.52 -7.71
CA ASP A 33 -1.55 1.51 -7.51
C ASP A 33 -1.93 2.45 -6.37
N VAL A 34 -1.10 2.51 -5.34
CA VAL A 34 -1.36 3.38 -4.20
C VAL A 34 -1.22 4.84 -4.59
N VAL A 35 -0.14 5.18 -5.29
CA VAL A 35 0.09 6.56 -5.70
C VAL A 35 -0.85 6.97 -6.83
N ASP A 36 -0.99 6.12 -7.83
CA ASP A 36 -1.86 6.42 -8.97
C ASP A 36 -3.31 6.62 -8.57
N LEU A 37 -3.83 5.72 -7.75
CA LEU A 37 -5.22 5.81 -7.31
C LEU A 37 -5.41 6.84 -6.21
N CYS A 38 -4.42 6.96 -5.33
CA CYS A 38 -4.50 7.91 -4.22
C CYS A 38 -3.59 9.10 -4.44
N LYS A 39 -3.47 9.52 -5.68
CA LYS A 39 -2.64 10.66 -6.03
C LYS A 39 -3.38 11.97 -5.77
N GLU A 40 -2.78 13.08 -6.20
CA GLU A 40 -3.38 14.40 -6.03
C GLU A 40 -3.02 15.32 -7.18
N PRO A 41 -3.74 16.44 -7.33
CA PRO A 41 -3.49 17.41 -8.40
C PRO A 41 -2.02 17.82 -8.47
N GLY A 42 -1.25 17.11 -9.29
CA GLY A 42 0.16 17.42 -9.45
C GLY A 42 0.94 17.13 -8.18
N GLU A 43 1.12 15.85 -7.87
CA GLU A 43 1.86 15.45 -6.68
C GLU A 43 3.35 15.73 -6.84
N SER A 44 4.02 16.02 -5.73
CA SER A 44 5.46 16.31 -5.76
C SER A 44 6.17 15.61 -4.61
N ASP A 45 6.82 14.49 -4.91
CA ASP A 45 7.56 13.73 -3.90
C ASP A 45 6.62 13.27 -2.80
N CYS A 46 6.07 12.06 -2.96
CA CYS A 46 5.16 11.49 -1.99
C CYS A 46 5.53 10.04 -1.67
N HIS A 47 5.06 9.54 -0.53
CA HIS A 47 5.35 8.18 -0.12
C HIS A 47 4.08 7.48 0.38
N LEU A 48 4.09 6.15 0.35
CA LEU A 48 2.95 5.38 0.82
C LEU A 48 3.19 4.94 2.25
N ALA A 49 2.11 4.81 3.01
CA ALA A 49 2.21 4.43 4.42
C ALA A 49 1.57 3.06 4.68
N GLU A 50 2.05 2.36 5.71
CA GLU A 50 1.50 1.06 6.03
C GLU A 50 1.34 0.90 7.55
N VAL A 51 0.09 0.84 7.99
CA VAL A 51 -0.23 0.69 9.41
C VAL A 51 -1.12 -0.53 9.64
N TRP A 52 -0.75 -1.37 10.59
CA TRP A 52 -1.55 -2.56 10.87
C TRP A 52 -1.52 -2.91 12.37
N CYS A 53 -2.70 -3.05 12.95
CA CYS A 53 -2.82 -3.40 14.37
C CYS A 53 -1.88 -2.55 15.23
N GLY A 54 -1.77 -1.27 14.90
CA GLY A 54 -0.91 -0.38 15.66
C GLY A 54 0.48 -0.28 15.07
N SER A 55 0.83 -1.20 14.18
CA SER A 55 2.15 -1.20 13.55
C SER A 55 2.15 -0.26 12.35
N GLU A 56 2.60 0.96 12.57
CA GLU A 56 2.65 1.95 11.50
C GLU A 56 4.11 2.20 11.07
N ARG A 57 4.36 2.12 9.77
CA ARG A 57 5.70 2.34 9.25
C ARG A 57 5.67 2.99 7.87
N PRO A 58 6.69 3.79 7.53
CA PRO A 58 6.78 4.47 6.24
C PRO A 58 7.08 3.50 5.12
N VAL A 59 6.34 3.60 4.02
CA VAL A 59 6.54 2.73 2.87
C VAL A 59 6.90 3.52 1.63
N ALA A 60 7.98 3.09 0.97
CA ALA A 60 8.44 3.74 -0.25
C ALA A 60 7.59 3.31 -1.44
N ASP A 61 7.35 4.23 -2.36
CA ASP A 61 6.54 3.93 -3.53
C ASP A 61 7.11 2.78 -4.35
N ASN A 62 8.37 2.42 -4.09
CA ASN A 62 9.00 1.34 -4.84
C ASN A 62 8.87 -0.01 -4.13
N GLU A 63 7.91 -0.11 -3.21
CA GLU A 63 7.69 -1.34 -2.45
C GLU A 63 6.70 -2.26 -3.17
N ARG A 64 7.05 -3.54 -3.29
CA ARG A 64 6.17 -4.51 -3.93
C ARG A 64 5.11 -4.99 -2.95
N MET A 65 3.87 -5.16 -3.44
CA MET A 65 2.76 -5.59 -2.61
C MET A 65 3.23 -6.46 -1.45
N PHE A 66 3.29 -7.76 -1.68
CA PHE A 66 3.74 -8.70 -0.66
C PHE A 66 5.08 -8.28 -0.06
N ASP A 67 5.93 -7.64 -0.87
CA ASP A 67 7.24 -7.20 -0.42
C ASP A 67 7.16 -6.53 0.93
N VAL A 68 6.22 -5.61 1.06
CA VAL A 68 6.02 -4.91 2.32
C VAL A 68 5.22 -5.78 3.27
N LEU A 69 4.37 -6.60 2.68
CA LEU A 69 3.51 -7.52 3.42
C LEU A 69 4.33 -8.51 4.24
N GLN A 70 5.61 -8.66 3.88
CA GLN A 70 6.50 -9.57 4.57
C GLN A 70 6.94 -8.99 5.92
N ARG A 71 6.94 -7.67 6.04
CA ARG A 71 7.37 -7.01 7.27
C ARG A 71 6.25 -6.98 8.31
N PHE A 72 5.00 -7.15 7.87
CA PHE A 72 3.87 -7.16 8.79
C PHE A 72 3.73 -8.53 9.46
N GLY A 73 4.81 -8.98 10.10
CA GLY A 73 4.80 -10.27 10.77
C GLY A 73 4.33 -11.39 9.86
N SER A 74 3.16 -11.95 10.15
CA SER A 74 2.60 -13.03 9.36
C SER A 74 1.14 -12.75 9.02
N GLN A 75 0.82 -11.47 8.86
CA GLN A 75 -0.53 -11.04 8.55
C GLN A 75 -0.54 -9.96 7.48
N ARG A 76 -0.52 -10.39 6.22
CA ARG A 76 -0.51 -9.46 5.09
C ARG A 76 -1.89 -8.83 4.88
N ASN A 77 -2.93 -9.53 5.32
CA ASN A 77 -4.29 -9.04 5.17
C ASN A 77 -4.75 -8.29 6.42
N GLU A 78 -3.81 -7.70 7.14
CA GLU A 78 -4.12 -6.96 8.37
C GLU A 78 -3.58 -5.53 8.31
N VAL A 79 -2.82 -5.22 7.26
CA VAL A 79 -2.23 -3.89 7.11
C VAL A 79 -3.10 -2.97 6.26
N ARG A 80 -2.88 -1.67 6.45
CA ARG A 80 -3.60 -0.65 5.71
C ARG A 80 -2.62 0.18 4.89
N PHE A 81 -2.97 0.44 3.64
CA PHE A 81 -2.13 1.25 2.77
C PHE A 81 -2.74 2.63 2.64
N PHE A 82 -1.92 3.67 2.75
CA PHE A 82 -2.42 5.04 2.68
C PHE A 82 -1.45 5.95 1.93
N LEU A 83 -1.99 6.90 1.18
CA LEU A 83 -1.14 7.82 0.42
C LEU A 83 -0.85 9.09 1.22
N ARG A 84 0.43 9.34 1.45
CA ARG A 84 0.85 10.52 2.21
C ARG A 84 1.45 11.57 1.27
N HIS A 85 0.88 12.78 1.31
CA HIS A 85 1.35 13.87 0.48
C HIS A 85 1.97 14.97 1.33
N GLU A 86 3.09 15.52 0.86
CA GLU A 86 3.78 16.59 1.58
C GLU A 86 3.81 17.87 0.76
N GLY A 1 11.42 -20.91 -4.09
CA GLY A 1 10.02 -20.73 -3.62
C GLY A 1 9.02 -21.42 -4.51
N GLY A 2 8.27 -22.36 -3.94
CA GLY A 2 7.26 -23.07 -4.71
C GLY A 2 5.85 -22.64 -4.37
N SER A 3 5.64 -22.21 -3.14
CA SER A 3 4.33 -21.77 -2.69
C SER A 3 4.25 -20.24 -2.64
N MET A 4 4.01 -19.64 -3.79
CA MET A 4 3.92 -18.18 -3.87
C MET A 4 2.73 -17.76 -4.76
N MET A 5 1.64 -17.37 -4.11
CA MET A 5 0.45 -16.95 -4.83
C MET A 5 0.33 -15.43 -4.84
N PRO A 6 -0.44 -14.87 -5.80
CA PRO A 6 -0.63 -13.42 -5.92
C PRO A 6 -1.43 -12.85 -4.76
N MET A 7 -1.41 -11.52 -4.63
CA MET A 7 -2.14 -10.84 -3.56
C MET A 7 -2.46 -9.41 -3.96
N PHE A 8 -2.92 -8.63 -3.00
CA PHE A 8 -3.28 -7.24 -3.28
C PHE A 8 -3.20 -6.38 -2.02
N LEU A 9 -3.16 -5.08 -2.20
CA LEU A 9 -3.08 -4.14 -1.09
C LEU A 9 -4.10 -3.02 -1.20
N THR A 10 -4.67 -2.62 -0.06
CA THR A 10 -5.66 -1.56 -0.02
C THR A 10 -5.02 -0.25 0.42
N VAL A 11 -5.06 0.75 -0.45
CA VAL A 11 -4.48 2.05 -0.16
C VAL A 11 -5.55 3.04 0.29
N TYR A 12 -5.11 4.12 0.94
CA TYR A 12 -6.03 5.14 1.44
C TYR A 12 -5.86 6.44 0.69
N LEU A 13 -6.99 6.95 0.20
CA LEU A 13 -7.04 8.20 -0.55
C LEU A 13 -7.20 9.38 0.39
N SER A 14 -6.42 10.42 0.15
CA SER A 14 -6.48 11.62 0.97
C SER A 14 -6.19 11.30 2.44
N ASN A 15 -6.54 12.23 3.32
CA ASN A 15 -6.31 12.04 4.75
C ASN A 15 -7.55 11.48 5.44
N ASN A 16 -8.22 10.54 4.77
CA ASN A 16 -9.42 9.92 5.31
C ASN A 16 -9.10 8.58 5.96
N GLU A 17 -10.09 7.99 6.63
CA GLU A 17 -9.92 6.71 7.29
C GLU A 17 -10.89 5.65 6.75
N GLN A 18 -11.78 6.07 5.86
CA GLN A 18 -12.76 5.16 5.28
C GLN A 18 -12.67 5.13 3.76
N HIS A 19 -11.88 6.02 3.17
CA HIS A 19 -11.73 5.99 1.72
C HIS A 19 -10.43 5.30 1.39
N PHE A 20 -10.54 4.23 0.63
CA PHE A 20 -9.39 3.46 0.23
C PHE A 20 -9.54 2.92 -1.17
N THR A 21 -8.43 2.58 -1.78
CA THR A 21 -8.47 1.98 -3.10
C THR A 21 -7.57 0.75 -3.11
N GLU A 22 -8.19 -0.40 -3.28
CA GLU A 22 -7.45 -1.67 -3.29
C GLU A 22 -7.10 -2.07 -4.71
N VAL A 23 -6.00 -2.80 -4.84
CA VAL A 23 -5.54 -3.23 -6.14
C VAL A 23 -4.63 -4.47 -6.07
N PRO A 24 -4.81 -5.42 -6.99
CA PRO A 24 -4.01 -6.63 -7.07
C PRO A 24 -2.76 -6.42 -7.92
N VAL A 25 -1.65 -7.01 -7.51
CA VAL A 25 -0.41 -6.86 -8.25
C VAL A 25 0.54 -8.02 -8.06
N THR A 26 1.41 -8.21 -9.03
CA THR A 26 2.43 -9.24 -8.97
C THR A 26 3.66 -8.59 -8.35
N PRO A 27 4.70 -9.35 -7.98
CA PRO A 27 5.88 -8.75 -7.39
C PRO A 27 6.74 -8.05 -8.42
N GLU A 28 6.10 -7.14 -9.17
CA GLU A 28 6.75 -6.36 -10.20
C GLU A 28 6.41 -4.89 -10.01
N THR A 29 5.12 -4.62 -9.79
CA THR A 29 4.66 -3.26 -9.55
C THR A 29 4.82 -2.90 -8.09
N ILE A 30 5.17 -1.66 -7.83
CA ILE A 30 5.34 -1.21 -6.44
C ILE A 30 4.77 0.19 -6.22
N CYS A 31 3.92 0.32 -5.21
CA CYS A 31 3.32 1.60 -4.83
C CYS A 31 2.97 2.45 -6.05
N ARG A 32 2.80 1.79 -7.19
CA ARG A 32 2.44 2.47 -8.42
C ARG A 32 0.94 2.64 -8.42
N ASP A 33 0.29 1.54 -8.07
CA ASP A 33 -1.16 1.52 -7.97
C ASP A 33 -1.56 2.26 -6.69
N VAL A 34 -0.69 2.19 -5.69
CA VAL A 34 -0.93 2.87 -4.42
C VAL A 34 -0.95 4.38 -4.62
N VAL A 35 0.10 4.91 -5.25
CA VAL A 35 0.19 6.34 -5.52
C VAL A 35 -0.76 6.78 -6.63
N ASP A 36 -0.74 6.05 -7.75
CA ASP A 36 -1.58 6.38 -8.89
C ASP A 36 -3.07 6.41 -8.50
N LEU A 37 -3.47 5.52 -7.59
CA LEU A 37 -4.85 5.45 -7.17
C LEU A 37 -5.16 6.47 -6.06
N CYS A 38 -4.20 6.71 -5.18
CA CYS A 38 -4.38 7.67 -4.10
C CYS A 38 -3.62 8.96 -4.35
N LYS A 39 -3.58 9.35 -5.61
CA LYS A 39 -2.89 10.57 -6.00
C LYS A 39 -3.83 11.77 -6.00
N GLU A 40 -3.27 12.97 -6.16
CA GLU A 40 -4.07 14.19 -6.17
C GLU A 40 -4.12 14.77 -7.59
N PRO A 41 -4.97 15.78 -7.81
CA PRO A 41 -5.11 16.43 -9.12
C PRO A 41 -3.76 16.79 -9.73
N GLY A 42 -2.76 17.01 -8.88
CA GLY A 42 -1.44 17.35 -9.36
C GLY A 42 -0.43 17.50 -8.24
N GLU A 43 0.15 16.39 -7.82
CA GLU A 43 1.14 16.41 -6.74
C GLU A 43 2.38 15.61 -7.12
N SER A 44 3.50 15.95 -6.49
CA SER A 44 4.76 15.27 -6.76
C SER A 44 5.51 14.98 -5.46
N ASP A 45 6.32 13.92 -5.47
CA ASP A 45 7.08 13.52 -4.30
C ASP A 45 6.16 13.09 -3.16
N CYS A 46 5.96 11.79 -3.03
CA CYS A 46 5.10 11.25 -1.98
C CYS A 46 5.54 9.85 -1.57
N HIS A 47 4.97 9.36 -0.48
CA HIS A 47 5.30 8.02 0.03
C HIS A 47 4.04 7.32 0.54
N LEU A 48 4.10 5.99 0.60
CA LEU A 48 2.97 5.21 1.08
C LEU A 48 3.25 4.77 2.52
N ALA A 49 2.21 4.72 3.35
CA ALA A 49 2.37 4.34 4.75
C ALA A 49 1.74 3.00 5.07
N GLU A 50 2.27 2.32 6.09
CA GLU A 50 1.75 1.02 6.51
C GLU A 50 1.36 1.04 7.99
N VAL A 51 0.07 0.96 8.27
CA VAL A 51 -0.42 0.93 9.65
C VAL A 51 -1.28 -0.29 9.92
N TRP A 52 -0.91 -1.10 10.90
CA TRP A 52 -1.69 -2.28 11.23
C TRP A 52 -1.67 -2.59 12.72
N CYS A 53 -2.85 -2.58 13.33
CA CYS A 53 -2.98 -2.87 14.77
C CYS A 53 -1.92 -2.16 15.60
N GLY A 54 -1.85 -0.84 15.46
CA GLY A 54 -0.88 -0.07 16.21
C GLY A 54 0.51 -0.10 15.59
N SER A 55 0.67 -0.86 14.51
CA SER A 55 1.95 -0.98 13.83
C SER A 55 1.99 -0.04 12.63
N GLU A 56 2.54 1.15 12.82
CA GLU A 56 2.64 2.12 11.75
C GLU A 56 4.09 2.32 11.33
N ARG A 57 4.35 2.24 10.03
CA ARG A 57 5.71 2.41 9.49
C ARG A 57 5.66 3.07 8.12
N PRO A 58 6.73 3.78 7.73
CA PRO A 58 6.82 4.46 6.44
C PRO A 58 7.16 3.48 5.32
N VAL A 59 6.32 3.44 4.28
CA VAL A 59 6.55 2.55 3.15
C VAL A 59 7.03 3.32 1.92
N ALA A 60 8.10 2.80 1.32
CA ALA A 60 8.66 3.40 0.12
C ALA A 60 7.84 3.03 -1.10
N ASP A 61 7.62 4.00 -1.98
CA ASP A 61 6.82 3.76 -3.16
C ASP A 61 7.44 2.71 -4.08
N ASN A 62 8.70 2.34 -3.83
CA ASN A 62 9.35 1.35 -4.66
C ASN A 62 9.32 -0.04 -4.03
N GLU A 63 8.41 -0.25 -3.08
CA GLU A 63 8.29 -1.55 -2.42
C GLU A 63 7.20 -2.41 -3.07
N ARG A 64 7.56 -3.65 -3.41
CA ARG A 64 6.61 -4.58 -4.04
C ARG A 64 5.45 -4.87 -3.10
N MET A 65 4.23 -4.87 -3.65
CA MET A 65 3.02 -5.12 -2.84
C MET A 65 3.30 -6.12 -1.74
N PHE A 66 3.32 -7.40 -2.08
CA PHE A 66 3.60 -8.43 -1.09
C PHE A 66 4.88 -8.12 -0.33
N ASP A 67 5.88 -7.57 -1.02
CA ASP A 67 7.16 -7.26 -0.37
C ASP A 67 6.91 -6.45 0.88
N VAL A 68 5.99 -5.50 0.78
CA VAL A 68 5.63 -4.66 1.91
C VAL A 68 4.69 -5.42 2.82
N LEU A 69 3.90 -6.30 2.22
CA LEU A 69 2.92 -7.09 2.94
C LEU A 69 3.53 -8.32 3.61
N GLN A 70 4.83 -8.50 3.46
CA GLN A 70 5.52 -9.64 4.06
C GLN A 70 6.19 -9.25 5.37
N ARG A 71 6.49 -7.95 5.52
CA ARG A 71 7.14 -7.46 6.74
C ARG A 71 6.15 -7.39 7.89
N PHE A 72 4.88 -7.15 7.58
CA PHE A 72 3.85 -7.07 8.60
C PHE A 72 3.79 -8.36 9.40
N GLY A 73 4.17 -9.47 8.77
CA GLY A 73 4.16 -10.75 9.44
C GLY A 73 3.23 -11.75 8.76
N SER A 74 2.41 -12.43 9.54
CA SER A 74 1.47 -13.41 9.00
C SER A 74 0.13 -12.76 8.66
N GLN A 75 -0.17 -11.66 9.33
CA GLN A 75 -1.42 -10.94 9.11
C GLN A 75 -1.26 -9.90 8.01
N ARG A 76 -1.47 -10.30 6.77
CA ARG A 76 -1.35 -9.41 5.63
C ARG A 76 -2.64 -8.63 5.41
N ASN A 77 -3.75 -9.20 5.88
CA ASN A 77 -5.05 -8.55 5.73
C ASN A 77 -5.40 -7.71 6.95
N GLU A 78 -4.37 -7.40 7.76
CA GLU A 78 -4.57 -6.59 8.96
C GLU A 78 -3.92 -5.22 8.80
N VAL A 79 -3.14 -5.05 7.74
CA VAL A 79 -2.46 -3.79 7.46
C VAL A 79 -3.27 -2.89 6.54
N ARG A 80 -2.97 -1.60 6.62
CA ARG A 80 -3.61 -0.61 5.77
C ARG A 80 -2.54 0.22 5.08
N PHE A 81 -2.79 0.58 3.83
CA PHE A 81 -1.85 1.37 3.07
C PHE A 81 -2.46 2.75 2.84
N PHE A 82 -1.67 3.79 3.01
CA PHE A 82 -2.19 5.16 2.91
C PHE A 82 -1.20 6.10 2.24
N LEU A 83 -1.69 6.97 1.37
CA LEU A 83 -0.81 7.91 0.68
C LEU A 83 -0.68 9.23 1.44
N ARG A 84 0.55 9.65 1.66
CA ARG A 84 0.82 10.91 2.36
C ARG A 84 1.29 11.98 1.40
N HIS A 85 0.50 13.03 1.25
CA HIS A 85 0.85 14.14 0.36
C HIS A 85 1.24 15.38 1.15
N GLU A 86 2.44 15.87 0.91
CA GLU A 86 2.95 17.06 1.59
C GLU A 86 2.42 18.32 0.94
N GLY A 1 6.53 -21.45 -1.89
CA GLY A 1 6.25 -22.75 -2.55
C GLY A 1 4.90 -23.32 -2.17
N GLY A 2 4.19 -23.87 -3.16
CA GLY A 2 2.89 -24.44 -2.90
C GLY A 2 1.76 -23.49 -3.24
N SER A 3 2.01 -22.20 -3.07
CA SER A 3 1.00 -21.18 -3.36
C SER A 3 1.34 -20.44 -4.64
N MET A 4 0.38 -20.39 -5.57
CA MET A 4 0.58 -19.71 -6.84
C MET A 4 -0.51 -18.67 -7.08
N MET A 5 -0.85 -17.94 -6.02
CA MET A 5 -1.87 -16.90 -6.11
C MET A 5 -1.35 -15.57 -5.55
N PRO A 6 -1.54 -14.47 -6.29
CA PRO A 6 -1.09 -13.14 -5.86
C PRO A 6 -1.98 -12.56 -4.75
N MET A 7 -1.76 -11.30 -4.43
CA MET A 7 -2.53 -10.63 -3.39
C MET A 7 -2.81 -9.18 -3.77
N PHE A 8 -3.44 -8.44 -2.86
CA PHE A 8 -3.77 -7.05 -3.12
C PHE A 8 -3.69 -6.23 -1.83
N LEU A 9 -3.53 -4.92 -1.99
CA LEU A 9 -3.44 -4.02 -0.85
C LEU A 9 -4.43 -2.87 -0.98
N THR A 10 -5.03 -2.49 0.14
CA THR A 10 -6.01 -1.40 0.16
C THR A 10 -5.35 -0.09 0.56
N VAL A 11 -5.25 0.83 -0.39
CA VAL A 11 -4.64 2.14 -0.14
C VAL A 11 -5.69 3.14 0.30
N TYR A 12 -5.26 4.21 0.95
CA TYR A 12 -6.19 5.22 1.43
C TYR A 12 -6.05 6.52 0.66
N LEU A 13 -7.18 6.96 0.12
CA LEU A 13 -7.24 8.17 -0.68
C LEU A 13 -7.43 9.40 0.19
N SER A 14 -6.76 10.48 -0.23
CA SER A 14 -6.81 11.78 0.44
C SER A 14 -8.10 11.98 1.22
N ASN A 15 -8.11 11.52 2.46
CA ASN A 15 -9.28 11.64 3.35
C ASN A 15 -9.12 10.68 4.52
N ASN A 16 -8.56 9.51 4.23
CA ASN A 16 -8.33 8.49 5.24
C ASN A 16 -9.63 8.15 5.98
N GLU A 17 -9.52 7.28 6.98
CA GLU A 17 -10.67 6.88 7.78
C GLU A 17 -11.54 5.86 7.04
N GLN A 18 -12.07 6.25 5.87
CA GLN A 18 -12.93 5.37 5.11
C GLN A 18 -12.72 5.47 3.60
N HIS A 19 -11.77 6.29 3.15
CA HIS A 19 -11.53 6.36 1.71
C HIS A 19 -10.32 5.52 1.39
N PHE A 20 -10.51 4.52 0.54
CA PHE A 20 -9.42 3.65 0.14
C PHE A 20 -9.54 3.21 -1.30
N THR A 21 -8.43 2.77 -1.84
CA THR A 21 -8.40 2.23 -3.18
C THR A 21 -7.55 0.97 -3.16
N GLU A 22 -8.17 -0.16 -3.40
CA GLU A 22 -7.48 -1.43 -3.37
C GLU A 22 -6.99 -1.84 -4.75
N VAL A 23 -5.90 -2.60 -4.78
CA VAL A 23 -5.31 -3.04 -6.04
C VAL A 23 -4.60 -4.38 -5.92
N PRO A 24 -4.84 -5.30 -6.88
CA PRO A 24 -4.20 -6.61 -6.91
C PRO A 24 -2.90 -6.55 -7.72
N VAL A 25 -1.77 -6.57 -7.01
CA VAL A 25 -0.47 -6.49 -7.67
C VAL A 25 0.35 -7.77 -7.52
N THR A 26 1.14 -8.05 -8.54
CA THR A 26 2.03 -9.19 -8.54
C THR A 26 3.42 -8.70 -8.15
N PRO A 27 4.38 -9.59 -7.87
CA PRO A 27 5.71 -9.15 -7.49
C PRO A 27 6.50 -8.60 -8.67
N GLU A 28 5.96 -7.54 -9.27
CA GLU A 28 6.57 -6.88 -10.41
C GLU A 28 6.39 -5.37 -10.28
N THR A 29 5.15 -4.96 -10.03
CA THR A 29 4.85 -3.55 -9.85
C THR A 29 4.94 -3.17 -8.38
N ILE A 30 5.29 -1.93 -8.10
CA ILE A 30 5.41 -1.50 -6.71
C ILE A 30 4.85 -0.10 -6.47
N CYS A 31 3.98 0.01 -5.47
CA CYS A 31 3.37 1.27 -5.06
C CYS A 31 3.02 2.16 -6.24
N ARG A 32 2.87 1.55 -7.41
CA ARG A 32 2.50 2.28 -8.61
C ARG A 32 1.00 2.41 -8.61
N ASP A 33 0.36 1.31 -8.25
CA ASP A 33 -1.09 1.28 -8.16
C ASP A 33 -1.51 2.08 -6.93
N VAL A 34 -0.67 2.02 -5.89
CA VAL A 34 -0.94 2.75 -4.65
C VAL A 34 -0.96 4.26 -4.90
N VAL A 35 0.10 4.76 -5.53
CA VAL A 35 0.20 6.18 -5.82
C VAL A 35 -0.72 6.57 -6.97
N ASP A 36 -0.67 5.80 -8.06
CA ASP A 36 -1.50 6.07 -9.24
C ASP A 36 -2.97 6.27 -8.87
N LEU A 37 -3.47 5.43 -7.96
CA LEU A 37 -4.88 5.52 -7.56
C LEU A 37 -5.10 6.56 -6.47
N CYS A 38 -4.13 6.71 -5.57
CA CYS A 38 -4.26 7.69 -4.49
C CYS A 38 -3.59 9.01 -4.83
N LYS A 39 -3.57 9.33 -6.11
CA LYS A 39 -2.99 10.57 -6.59
C LYS A 39 -4.03 11.42 -7.29
N GLU A 40 -3.93 12.74 -7.16
CA GLU A 40 -4.87 13.65 -7.78
C GLU A 40 -4.56 15.11 -7.44
N PRO A 41 -4.43 15.43 -6.13
CA PRO A 41 -4.13 16.78 -5.68
C PRO A 41 -2.91 17.39 -6.38
N GLY A 42 -2.04 16.51 -6.88
CA GLY A 42 -0.85 16.97 -7.57
C GLY A 42 0.25 17.40 -6.62
N GLU A 43 0.85 16.43 -5.94
CA GLU A 43 1.92 16.70 -4.99
C GLU A 43 3.24 16.12 -5.48
N SER A 44 4.32 16.90 -5.36
CA SER A 44 5.64 16.45 -5.77
C SER A 44 6.27 15.54 -4.73
N ASP A 45 6.70 14.36 -5.17
CA ASP A 45 7.31 13.39 -4.27
C ASP A 45 6.34 12.97 -3.18
N CYS A 46 5.95 11.69 -3.19
CA CYS A 46 5.03 11.17 -2.19
C CYS A 46 5.35 9.71 -1.87
N HIS A 47 5.17 9.34 -0.61
CA HIS A 47 5.43 7.97 -0.16
C HIS A 47 4.16 7.33 0.37
N LEU A 48 4.13 6.00 0.38
CA LEU A 48 2.98 5.27 0.88
C LEU A 48 3.22 4.84 2.32
N ALA A 49 2.16 4.76 3.12
CA ALA A 49 2.29 4.38 4.53
C ALA A 49 1.65 3.02 4.81
N GLU A 50 2.17 2.34 5.85
CA GLU A 50 1.63 1.04 6.25
C GLU A 50 1.36 1.02 7.76
N VAL A 51 0.08 0.97 8.13
CA VAL A 51 -0.31 0.92 9.54
C VAL A 51 -1.18 -0.28 9.83
N TRP A 52 -0.81 -1.08 10.82
CA TRP A 52 -1.59 -2.25 11.16
C TRP A 52 -1.58 -2.53 12.66
N CYS A 53 -2.76 -2.56 13.27
CA CYS A 53 -2.88 -2.84 14.70
C CYS A 53 -1.86 -2.05 15.51
N GLY A 54 -1.69 -0.78 15.17
CA GLY A 54 -0.75 0.06 15.90
C GLY A 54 0.63 0.05 15.29
N SER A 55 0.87 -0.84 14.33
CA SER A 55 2.17 -0.92 13.68
C SER A 55 2.19 -0.04 12.44
N GLU A 56 2.70 1.18 12.59
CA GLU A 56 2.78 2.12 11.49
C GLU A 56 4.22 2.28 11.03
N ARG A 57 4.43 2.21 9.71
CA ARG A 57 5.78 2.34 9.15
C ARG A 57 5.73 3.02 7.79
N PRO A 58 6.83 3.70 7.40
CA PRO A 58 6.92 4.40 6.12
C PRO A 58 7.23 3.43 4.98
N VAL A 59 6.30 3.34 4.01
CA VAL A 59 6.50 2.47 2.87
C VAL A 59 6.92 3.26 1.63
N ALA A 60 8.00 2.81 1.00
CA ALA A 60 8.53 3.44 -0.19
C ALA A 60 7.72 3.06 -1.41
N ASP A 61 7.60 4.00 -2.35
CA ASP A 61 6.83 3.74 -3.56
C ASP A 61 7.44 2.62 -4.39
N ASN A 62 8.66 2.21 -4.06
CA ASN A 62 9.32 1.15 -4.81
C ASN A 62 9.20 -0.21 -4.12
N GLU A 63 8.28 -0.33 -3.16
CA GLU A 63 8.09 -1.58 -2.45
C GLU A 63 7.04 -2.47 -3.14
N ARG A 64 7.43 -3.72 -3.44
CA ARG A 64 6.53 -4.66 -4.11
C ARG A 64 5.38 -5.06 -3.18
N MET A 65 4.19 -5.25 -3.75
CA MET A 65 3.01 -5.64 -2.98
C MET A 65 3.40 -6.53 -1.82
N PHE A 66 3.61 -7.81 -2.11
CA PHE A 66 3.99 -8.78 -1.09
C PHE A 66 5.24 -8.32 -0.36
N ASP A 67 6.13 -7.62 -1.05
CA ASP A 67 7.36 -7.15 -0.44
C ASP A 67 7.04 -6.37 0.82
N VAL A 68 6.00 -5.55 0.73
CA VAL A 68 5.55 -4.74 1.84
C VAL A 68 4.74 -5.60 2.82
N LEU A 69 4.12 -6.64 2.28
CA LEU A 69 3.29 -7.54 3.06
C LEU A 69 4.12 -8.50 3.92
N GLN A 70 5.42 -8.61 3.60
CA GLN A 70 6.30 -9.49 4.35
C GLN A 70 6.84 -8.84 5.62
N ARG A 71 6.77 -7.51 5.69
CA ARG A 71 7.26 -6.77 6.85
C ARG A 71 6.26 -6.81 8.00
N PHE A 72 4.97 -6.87 7.67
CA PHE A 72 3.94 -6.90 8.70
C PHE A 72 4.02 -8.18 9.53
N GLY A 73 4.48 -9.26 8.89
CA GLY A 73 4.60 -10.53 9.57
C GLY A 73 3.60 -11.56 9.06
N SER A 74 2.76 -12.05 9.96
CA SER A 74 1.76 -13.05 9.59
C SER A 74 0.36 -12.44 9.58
N GLN A 75 0.28 -11.15 9.27
CA GLN A 75 -1.00 -10.45 9.22
C GLN A 75 -1.06 -9.50 8.02
N ARG A 76 -1.41 -10.05 6.86
CA ARG A 76 -1.51 -9.26 5.65
C ARG A 76 -2.87 -8.56 5.56
N ASN A 77 -3.88 -9.17 6.16
CA ASN A 77 -5.23 -8.60 6.15
C ASN A 77 -5.48 -7.74 7.39
N GLU A 78 -4.40 -7.29 8.02
CA GLU A 78 -4.49 -6.45 9.22
C GLU A 78 -3.86 -5.08 8.98
N VAL A 79 -3.19 -4.93 7.85
CA VAL A 79 -2.51 -3.67 7.51
C VAL A 79 -3.39 -2.75 6.67
N ARG A 80 -3.01 -1.48 6.65
CA ARG A 80 -3.69 -0.46 5.87
C ARG A 80 -2.66 0.31 5.05
N PHE A 81 -3.02 0.61 3.80
CA PHE A 81 -2.14 1.37 2.93
C PHE A 81 -2.69 2.77 2.79
N PHE A 82 -1.83 3.77 2.86
CA PHE A 82 -2.31 5.16 2.79
C PHE A 82 -1.36 6.04 1.99
N LEU A 83 -1.91 7.03 1.29
CA LEU A 83 -1.09 7.93 0.49
C LEU A 83 -0.70 9.18 1.28
N ARG A 84 0.59 9.37 1.48
CA ARG A 84 1.10 10.53 2.22
C ARG A 84 1.80 11.51 1.29
N HIS A 85 1.60 12.80 1.54
CA HIS A 85 2.22 13.85 0.73
C HIS A 85 3.51 14.33 1.36
N GLU A 86 4.63 14.06 0.69
CA GLU A 86 5.94 14.48 1.20
C GLU A 86 7.04 14.12 0.20
N GLY A 1 1.63 -15.40 -15.84
CA GLY A 1 1.54 -16.71 -15.14
C GLY A 1 0.13 -17.03 -14.70
N GLY A 2 -0.03 -18.14 -13.98
CA GLY A 2 -1.34 -18.54 -13.51
C GLY A 2 -1.30 -19.82 -12.70
N SER A 3 -0.24 -19.98 -11.90
CA SER A 3 -0.08 -21.17 -11.08
C SER A 3 0.44 -20.80 -9.69
N MET A 4 -0.03 -19.67 -9.17
CA MET A 4 0.38 -19.22 -7.84
C MET A 4 -0.76 -18.51 -7.12
N MET A 5 -0.49 -18.03 -5.92
CA MET A 5 -1.49 -17.33 -5.13
C MET A 5 -1.06 -15.90 -4.80
N PRO A 6 -1.33 -14.96 -5.71
CA PRO A 6 -0.96 -13.55 -5.52
C PRO A 6 -1.72 -12.90 -4.37
N MET A 7 -1.66 -11.57 -4.30
CA MET A 7 -2.35 -10.83 -3.26
C MET A 7 -2.66 -9.41 -3.73
N PHE A 8 -3.12 -8.57 -2.82
CA PHE A 8 -3.46 -7.19 -3.15
C PHE A 8 -3.36 -6.28 -1.93
N LEU A 9 -3.28 -4.98 -2.19
CA LEU A 9 -3.19 -4.01 -1.10
C LEU A 9 -4.24 -2.91 -1.21
N THR A 10 -4.78 -2.50 -0.07
CA THR A 10 -5.80 -1.44 -0.02
C THR A 10 -5.18 -0.15 0.50
N VAL A 11 -5.21 0.88 -0.33
CA VAL A 11 -4.63 2.17 0.04
C VAL A 11 -5.73 3.19 0.36
N TYR A 12 -5.37 4.19 1.17
CA TYR A 12 -6.31 5.23 1.58
C TYR A 12 -6.04 6.53 0.86
N LEU A 13 -7.11 7.16 0.42
CA LEU A 13 -7.01 8.43 -0.29
C LEU A 13 -8.18 9.34 0.01
N SER A 14 -7.88 10.60 0.29
CA SER A 14 -8.91 11.59 0.62
C SER A 14 -9.77 11.13 1.79
N ASN A 15 -10.74 11.96 2.17
CA ASN A 15 -11.64 11.64 3.27
C ASN A 15 -10.86 11.41 4.56
N ASN A 16 -11.59 11.14 5.63
CA ASN A 16 -10.96 10.90 6.93
C ASN A 16 -10.15 9.61 6.91
N GLU A 17 -10.83 8.48 6.99
CA GLU A 17 -10.17 7.17 6.97
C GLU A 17 -11.13 6.08 6.52
N GLN A 18 -11.93 6.39 5.51
CA GLN A 18 -12.90 5.43 4.98
C GLN A 18 -12.83 5.31 3.48
N HIS A 19 -12.09 6.23 2.82
CA HIS A 19 -11.96 6.12 1.37
C HIS A 19 -10.63 5.49 1.07
N PHE A 20 -10.68 4.38 0.36
CA PHE A 20 -9.49 3.63 0.00
C PHE A 20 -9.64 3.06 -1.39
N THR A 21 -8.51 2.73 -1.99
CA THR A 21 -8.53 2.10 -3.29
C THR A 21 -7.66 0.85 -3.25
N GLU A 22 -8.30 -0.30 -3.39
CA GLU A 22 -7.58 -1.56 -3.36
C GLU A 22 -7.23 -2.01 -4.76
N VAL A 23 -6.15 -2.77 -4.87
CA VAL A 23 -5.70 -3.25 -6.17
C VAL A 23 -4.84 -4.51 -6.04
N PRO A 24 -5.09 -5.51 -6.91
CA PRO A 24 -4.34 -6.75 -6.94
C PRO A 24 -3.15 -6.66 -7.87
N VAL A 25 -1.98 -7.05 -7.39
CA VAL A 25 -0.77 -6.97 -8.19
C VAL A 25 0.15 -8.15 -7.98
N THR A 26 1.11 -8.26 -8.88
CA THR A 26 2.14 -9.29 -8.81
C THR A 26 3.38 -8.62 -8.25
N PRO A 27 4.43 -9.37 -7.87
CA PRO A 27 5.63 -8.76 -7.33
C PRO A 27 6.44 -8.06 -8.40
N GLU A 28 5.78 -7.13 -9.09
CA GLU A 28 6.40 -6.35 -10.15
C GLU A 28 6.04 -4.88 -9.98
N THR A 29 4.75 -4.61 -9.74
CA THR A 29 4.28 -3.25 -9.53
C THR A 29 4.47 -2.85 -8.07
N ILE A 30 4.84 -1.60 -7.85
CA ILE A 30 5.04 -1.12 -6.50
C ILE A 30 4.50 0.30 -6.30
N CYS A 31 3.68 0.46 -5.26
CA CYS A 31 3.10 1.76 -4.90
C CYS A 31 2.73 2.59 -6.12
N ARG A 32 2.52 1.91 -7.25
CA ARG A 32 2.13 2.57 -8.47
C ARG A 32 0.65 2.76 -8.44
N ASP A 33 -0.03 1.70 -8.05
CA ASP A 33 -1.47 1.73 -7.90
C ASP A 33 -1.83 2.52 -6.64
N VAL A 34 -0.95 2.43 -5.64
CA VAL A 34 -1.14 3.14 -4.38
C VAL A 34 -1.14 4.65 -4.61
N VAL A 35 -0.09 5.15 -5.25
CA VAL A 35 0.01 6.57 -5.53
C VAL A 35 -0.95 7.01 -6.64
N ASP A 36 -0.92 6.29 -7.76
CA ASP A 36 -1.76 6.62 -8.91
C ASP A 36 -3.23 6.79 -8.51
N LEU A 37 -3.76 5.87 -7.72
CA LEU A 37 -5.15 5.94 -7.30
C LEU A 37 -5.35 6.90 -6.13
N CYS A 38 -4.37 6.96 -5.23
CA CYS A 38 -4.47 7.83 -4.07
C CYS A 38 -3.71 9.13 -4.28
N LYS A 39 -3.68 9.58 -5.51
CA LYS A 39 -3.01 10.83 -5.88
C LYS A 39 -4.00 11.99 -5.92
N GLU A 40 -3.51 13.18 -6.22
CA GLU A 40 -4.35 14.37 -6.30
C GLU A 40 -3.53 15.60 -6.66
N PRO A 41 -2.51 15.93 -5.85
CA PRO A 41 -1.65 17.10 -6.09
C PRO A 41 -0.49 16.78 -7.03
N GLY A 42 -0.59 15.70 -7.78
CA GLY A 42 0.47 15.32 -8.69
C GLY A 42 1.61 14.61 -7.98
N GLU A 43 2.10 13.53 -8.59
CA GLU A 43 3.21 12.77 -8.02
C GLU A 43 4.44 13.64 -7.84
N SER A 44 4.63 14.17 -6.63
CA SER A 44 5.77 15.01 -6.33
C SER A 44 6.37 14.66 -4.97
N ASP A 45 7.45 13.88 -5.00
CA ASP A 45 8.13 13.47 -3.76
C ASP A 45 7.11 12.98 -2.73
N CYS A 46 6.44 11.89 -3.03
CA CYS A 46 5.44 11.32 -2.12
C CYS A 46 5.84 9.93 -1.67
N HIS A 47 5.13 9.42 -0.66
CA HIS A 47 5.41 8.09 -0.12
C HIS A 47 4.13 7.43 0.39
N LEU A 48 4.14 6.11 0.49
CA LEU A 48 2.97 5.38 0.98
C LEU A 48 3.23 4.91 2.40
N ALA A 49 2.19 4.89 3.24
CA ALA A 49 2.34 4.48 4.64
C ALA A 49 1.71 3.12 4.91
N GLU A 50 2.23 2.43 5.93
CA GLU A 50 1.69 1.12 6.31
C GLU A 50 1.44 1.05 7.81
N VAL A 51 0.16 1.00 8.19
CA VAL A 51 -0.23 0.90 9.59
C VAL A 51 -1.11 -0.31 9.83
N TRP A 52 -0.74 -1.16 10.78
CA TRP A 52 -1.55 -2.32 11.07
C TRP A 52 -1.51 -2.67 12.56
N CYS A 53 -2.70 -2.78 13.17
CA CYS A 53 -2.82 -3.11 14.58
C CYS A 53 -1.93 -2.21 15.44
N GLY A 54 -1.86 -0.94 15.07
CA GLY A 54 -1.05 0.00 15.82
C GLY A 54 0.37 0.10 15.29
N SER A 55 0.76 -0.84 14.43
CA SER A 55 2.10 -0.85 13.86
C SER A 55 2.16 0.04 12.63
N GLU A 56 2.59 1.28 12.82
CA GLU A 56 2.69 2.23 11.71
C GLU A 56 4.13 2.36 11.25
N ARG A 57 4.33 2.30 9.93
CA ARG A 57 5.67 2.41 9.35
C ARG A 57 5.61 3.08 7.99
N PRO A 58 6.71 3.74 7.58
CA PRO A 58 6.79 4.42 6.28
C PRO A 58 7.11 3.46 5.14
N VAL A 59 6.26 3.42 4.13
CA VAL A 59 6.47 2.55 2.98
C VAL A 59 6.98 3.33 1.77
N ALA A 60 8.02 2.78 1.14
CA ALA A 60 8.59 3.38 -0.04
C ALA A 60 7.74 3.04 -1.26
N ASP A 61 7.51 4.03 -2.11
CA ASP A 61 6.68 3.82 -3.29
C ASP A 61 7.26 2.75 -4.21
N ASN A 62 8.50 2.37 -3.99
CA ASN A 62 9.13 1.37 -4.83
C ASN A 62 9.12 -0.02 -4.19
N GLU A 63 8.21 -0.24 -3.24
CA GLU A 63 8.11 -1.53 -2.57
C GLU A 63 7.01 -2.39 -3.20
N ARG A 64 7.36 -3.64 -3.51
CA ARG A 64 6.40 -4.58 -4.11
C ARG A 64 5.28 -4.89 -3.14
N MET A 65 4.03 -4.88 -3.64
CA MET A 65 2.85 -5.15 -2.81
C MET A 65 3.15 -6.16 -1.72
N PHE A 66 3.15 -7.43 -2.08
CA PHE A 66 3.45 -8.46 -1.09
C PHE A 66 4.74 -8.16 -0.35
N ASP A 67 5.71 -7.60 -1.08
CA ASP A 67 7.01 -7.28 -0.48
C ASP A 67 6.79 -6.44 0.76
N VAL A 68 5.89 -5.48 0.65
CA VAL A 68 5.57 -4.62 1.78
C VAL A 68 4.76 -5.39 2.80
N LEU A 69 3.96 -6.34 2.28
CA LEU A 69 3.11 -7.17 3.12
C LEU A 69 3.91 -8.24 3.87
N GLN A 70 5.18 -8.40 3.50
CA GLN A 70 6.03 -9.38 4.14
C GLN A 70 6.78 -8.79 5.34
N ARG A 71 6.88 -7.47 5.39
CA ARG A 71 7.57 -6.80 6.49
C ARG A 71 6.71 -6.75 7.74
N PHE A 72 5.40 -6.69 7.57
CA PHE A 72 4.47 -6.64 8.69
C PHE A 72 4.63 -7.88 9.57
N GLY A 73 4.57 -9.05 8.96
CA GLY A 73 4.71 -10.29 9.70
C GLY A 73 3.86 -11.41 9.10
N SER A 74 3.40 -12.32 9.96
CA SER A 74 2.59 -13.43 9.51
C SER A 74 1.23 -12.94 9.00
N GLN A 75 0.76 -11.84 9.57
CA GLN A 75 -0.52 -11.27 9.17
C GLN A 75 -0.34 -10.23 8.07
N ARG A 76 -0.34 -10.70 6.82
CA ARG A 76 -0.17 -9.81 5.67
C ARG A 76 -1.49 -9.10 5.33
N ASN A 77 -2.61 -9.75 5.64
CA ASN A 77 -3.92 -9.17 5.36
C ASN A 77 -4.47 -8.46 6.60
N GLU A 78 -3.61 -7.73 7.29
CA GLU A 78 -4.00 -7.01 8.49
C GLU A 78 -3.51 -5.56 8.47
N VAL A 79 -2.83 -5.18 7.39
CA VAL A 79 -2.27 -3.83 7.27
C VAL A 79 -3.17 -2.91 6.46
N ARG A 80 -2.90 -1.62 6.61
CA ARG A 80 -3.62 -0.58 5.89
C ARG A 80 -2.60 0.28 5.15
N PHE A 81 -2.90 0.61 3.90
CA PHE A 81 -1.99 1.44 3.12
C PHE A 81 -2.62 2.81 2.94
N PHE A 82 -1.81 3.85 3.03
CA PHE A 82 -2.32 5.22 2.94
C PHE A 82 -1.36 6.13 2.17
N LEU A 83 -1.90 7.14 1.49
CA LEU A 83 -1.07 8.06 0.74
C LEU A 83 -0.69 9.27 1.56
N ARG A 84 0.61 9.52 1.68
CA ARG A 84 1.11 10.66 2.45
C ARG A 84 1.89 11.62 1.56
N HIS A 85 1.42 12.86 1.49
CA HIS A 85 2.06 13.88 0.67
C HIS A 85 2.77 14.91 1.54
N GLU A 86 4.08 15.01 1.39
CA GLU A 86 4.88 15.96 2.18
C GLU A 86 4.70 17.37 1.64
N GLY A 1 -8.10 -25.58 -5.19
CA GLY A 1 -8.07 -25.39 -3.71
C GLY A 1 -6.65 -25.34 -3.16
N GLY A 2 -6.37 -24.29 -2.38
CA GLY A 2 -5.04 -24.15 -1.81
C GLY A 2 -3.98 -23.87 -2.85
N SER A 3 -4.37 -23.16 -3.91
CA SER A 3 -3.45 -22.82 -4.98
C SER A 3 -2.76 -21.49 -4.70
N MET A 4 -1.44 -21.46 -4.89
CA MET A 4 -0.66 -20.24 -4.67
C MET A 4 -1.12 -19.13 -5.61
N MET A 5 -1.53 -18.01 -5.04
CA MET A 5 -1.99 -16.88 -5.83
C MET A 5 -1.55 -15.55 -5.20
N PRO A 6 -1.41 -14.49 -6.01
CA PRO A 6 -1.00 -13.18 -5.53
C PRO A 6 -1.96 -12.60 -4.48
N MET A 7 -1.76 -11.35 -4.12
CA MET A 7 -2.61 -10.69 -3.14
C MET A 7 -2.87 -9.24 -3.53
N PHE A 8 -3.48 -8.48 -2.63
CA PHE A 8 -3.78 -7.08 -2.92
C PHE A 8 -3.72 -6.22 -1.67
N LEU A 9 -3.58 -4.92 -1.87
CA LEU A 9 -3.52 -3.97 -0.77
C LEU A 9 -4.54 -2.84 -0.95
N THR A 10 -5.17 -2.42 0.14
CA THR A 10 -6.15 -1.34 0.08
C THR A 10 -5.55 -0.02 0.54
N VAL A 11 -5.40 0.90 -0.42
CA VAL A 11 -4.84 2.22 -0.11
C VAL A 11 -5.93 3.21 0.23
N TYR A 12 -5.56 4.28 0.92
CA TYR A 12 -6.51 5.30 1.32
C TYR A 12 -6.28 6.61 0.58
N LEU A 13 -7.37 7.15 0.06
CA LEU A 13 -7.34 8.40 -0.70
C LEU A 13 -7.73 9.58 0.19
N SER A 14 -6.95 10.65 0.12
CA SER A 14 -7.23 11.84 0.91
C SER A 14 -7.29 11.50 2.40
N ASN A 15 -7.97 12.34 3.18
CA ASN A 15 -8.11 12.10 4.61
C ASN A 15 -8.53 10.66 4.89
N ASN A 16 -7.54 9.81 5.13
CA ASN A 16 -7.81 8.39 5.39
C ASN A 16 -8.86 8.20 6.47
N GLU A 17 -9.87 7.39 6.16
CA GLU A 17 -10.95 7.12 7.10
C GLU A 17 -11.93 6.12 6.50
N GLN A 18 -12.45 6.44 5.33
CA GLN A 18 -13.41 5.56 4.66
C GLN A 18 -13.19 5.53 3.16
N HIS A 19 -12.31 6.39 2.62
CA HIS A 19 -12.06 6.34 1.19
C HIS A 19 -10.77 5.59 0.97
N PHE A 20 -10.86 4.52 0.21
CA PHE A 20 -9.70 3.70 -0.09
C PHE A 20 -9.77 3.15 -1.50
N THR A 21 -8.62 2.75 -2.00
CA THR A 21 -8.55 2.14 -3.31
C THR A 21 -7.69 0.89 -3.22
N GLU A 22 -8.31 -0.26 -3.43
CA GLU A 22 -7.60 -1.53 -3.34
C GLU A 22 -7.10 -1.96 -4.71
N VAL A 23 -6.02 -2.73 -4.72
CA VAL A 23 -5.43 -3.19 -5.97
C VAL A 23 -4.69 -4.51 -5.82
N PRO A 24 -4.94 -5.46 -6.76
CA PRO A 24 -4.28 -6.76 -6.77
C PRO A 24 -2.98 -6.69 -7.57
N VAL A 25 -1.86 -6.70 -6.85
CA VAL A 25 -0.56 -6.59 -7.50
C VAL A 25 0.30 -7.83 -7.30
N THR A 26 0.93 -8.27 -8.37
CA THR A 26 1.85 -9.39 -8.34
C THR A 26 3.23 -8.84 -8.06
N PRO A 27 4.24 -9.67 -7.76
CA PRO A 27 5.57 -9.15 -7.48
C PRO A 27 6.25 -8.62 -8.74
N GLU A 28 5.63 -7.62 -9.34
CA GLU A 28 6.14 -6.97 -10.54
C GLU A 28 6.00 -5.45 -10.40
N THR A 29 4.77 -5.01 -10.18
CA THR A 29 4.51 -3.59 -9.97
C THR A 29 4.58 -3.26 -8.49
N ILE A 30 4.99 -2.05 -8.15
CA ILE A 30 5.09 -1.69 -6.74
C ILE A 30 4.59 -0.27 -6.42
N CYS A 31 3.71 -0.20 -5.42
CA CYS A 31 3.15 1.07 -4.94
C CYS A 31 2.86 2.05 -6.07
N ARG A 32 2.70 1.52 -7.28
CA ARG A 32 2.37 2.34 -8.43
C ARG A 32 0.88 2.52 -8.45
N ASP A 33 0.21 1.42 -8.13
CA ASP A 33 -1.24 1.43 -8.04
C ASP A 33 -1.64 2.23 -6.81
N VAL A 34 -0.78 2.20 -5.79
CA VAL A 34 -1.02 2.94 -4.56
C VAL A 34 -1.00 4.44 -4.82
N VAL A 35 0.07 4.92 -5.44
CA VAL A 35 0.19 6.33 -5.75
C VAL A 35 -0.74 6.74 -6.90
N ASP A 36 -0.72 5.96 -7.98
CA ASP A 36 -1.54 6.25 -9.15
C ASP A 36 -3.02 6.43 -8.78
N LEU A 37 -3.53 5.54 -7.93
CA LEU A 37 -4.93 5.62 -7.53
C LEU A 37 -5.17 6.68 -6.45
N CYS A 38 -4.20 6.85 -5.55
CA CYS A 38 -4.35 7.82 -4.48
C CYS A 38 -3.66 9.14 -4.82
N LYS A 39 -3.58 9.43 -6.10
CA LYS A 39 -2.97 10.65 -6.58
C LYS A 39 -4.04 11.61 -7.12
N GLU A 40 -3.85 12.90 -6.89
CA GLU A 40 -4.80 13.91 -7.35
C GLU A 40 -4.22 15.32 -7.22
N PRO A 41 -3.82 15.72 -6.00
CA PRO A 41 -3.26 17.06 -5.76
C PRO A 41 -2.08 17.37 -6.68
N GLY A 42 -1.44 16.32 -7.19
CA GLY A 42 -0.31 16.50 -8.08
C GLY A 42 0.94 16.91 -7.34
N GLU A 43 1.19 16.26 -6.21
CA GLU A 43 2.37 16.56 -5.40
C GLU A 43 3.58 15.77 -5.86
N SER A 44 4.77 16.31 -5.63
CA SER A 44 6.00 15.66 -6.03
C SER A 44 6.74 15.09 -4.82
N ASP A 45 7.31 13.90 -4.98
CA ASP A 45 8.03 13.25 -3.90
C ASP A 45 7.11 12.92 -2.73
N CYS A 46 6.40 11.81 -2.84
CA CYS A 46 5.48 11.38 -1.79
C CYS A 46 5.71 9.91 -1.44
N HIS A 47 5.19 9.50 -0.29
CA HIS A 47 5.35 8.12 0.15
C HIS A 47 4.03 7.50 0.60
N LEU A 48 3.98 6.18 0.58
CA LEU A 48 2.79 5.45 1.00
C LEU A 48 2.95 5.04 2.45
N ALA A 49 1.86 4.97 3.20
CA ALA A 49 1.95 4.59 4.61
C ALA A 49 1.32 3.22 4.85
N GLU A 50 1.78 2.53 5.89
CA GLU A 50 1.24 1.21 6.21
C GLU A 50 1.05 1.04 7.72
N VAL A 51 -0.21 0.96 8.15
CA VAL A 51 -0.55 0.78 9.57
C VAL A 51 -1.42 -0.44 9.79
N TRP A 52 -1.03 -1.29 10.73
CA TRP A 52 -1.82 -2.46 11.03
C TRP A 52 -1.77 -2.82 12.52
N CYS A 53 -2.91 -2.75 13.18
CA CYS A 53 -3.00 -3.07 14.60
C CYS A 53 -2.12 -2.13 15.42
N GLY A 54 -2.06 -0.87 15.01
CA GLY A 54 -1.26 0.12 15.72
C GLY A 54 0.18 0.17 15.23
N SER A 55 0.55 -0.78 14.38
CA SER A 55 1.92 -0.83 13.85
C SER A 55 2.00 -0.07 12.53
N GLU A 56 2.49 1.15 12.58
CA GLU A 56 2.62 1.98 11.39
C GLU A 56 4.07 2.02 10.91
N ARG A 57 4.26 1.91 9.59
CA ARG A 57 5.59 1.94 9.01
C ARG A 57 5.59 2.69 7.68
N PRO A 58 6.75 3.27 7.30
CA PRO A 58 6.88 4.04 6.05
C PRO A 58 6.93 3.14 4.82
N VAL A 59 6.12 3.47 3.82
CA VAL A 59 6.06 2.71 2.58
C VAL A 59 6.69 3.47 1.43
N ALA A 60 7.47 2.75 0.65
CA ALA A 60 8.15 3.33 -0.51
C ALA A 60 7.41 3.01 -1.79
N ASP A 61 7.37 3.96 -2.71
CA ASP A 61 6.68 3.75 -3.97
C ASP A 61 7.30 2.62 -4.78
N ASN A 62 8.49 2.16 -4.37
CA ASN A 62 9.18 1.09 -5.07
C ASN A 62 9.13 -0.23 -4.29
N GLU A 63 8.16 -0.37 -3.38
CA GLU A 63 8.04 -1.60 -2.59
C GLU A 63 6.97 -2.54 -3.15
N ARG A 64 7.37 -3.77 -3.47
CA ARG A 64 6.45 -4.78 -4.02
C ARG A 64 5.30 -5.05 -3.04
N MET A 65 4.09 -5.20 -3.59
CA MET A 65 2.90 -5.48 -2.77
C MET A 65 3.26 -6.36 -1.58
N PHE A 66 3.46 -7.63 -1.85
CA PHE A 66 3.82 -8.60 -0.82
C PHE A 66 5.09 -8.15 -0.10
N ASP A 67 6.03 -7.54 -0.83
CA ASP A 67 7.28 -7.09 -0.23
C ASP A 67 6.99 -6.17 0.93
N VAL A 68 5.94 -5.37 0.76
CA VAL A 68 5.52 -4.45 1.80
C VAL A 68 4.72 -5.20 2.85
N LEU A 69 4.07 -6.28 2.42
CA LEU A 69 3.26 -7.11 3.30
C LEU A 69 4.13 -8.07 4.12
N GLN A 70 5.41 -8.16 3.77
CA GLN A 70 6.33 -9.05 4.46
C GLN A 70 6.95 -8.39 5.69
N ARG A 71 6.97 -7.06 5.71
CA ARG A 71 7.54 -6.33 6.83
C ARG A 71 6.62 -6.37 8.05
N PHE A 72 5.31 -6.46 7.82
CA PHE A 72 4.36 -6.50 8.91
C PHE A 72 4.56 -7.77 9.73
N GLY A 73 4.97 -8.85 9.06
CA GLY A 73 5.20 -10.11 9.74
C GLY A 73 4.33 -11.22 9.20
N SER A 74 3.89 -12.11 10.08
CA SER A 74 3.04 -13.23 9.68
C SER A 74 1.56 -12.90 9.91
N GLN A 75 1.19 -11.65 9.65
CA GLN A 75 -0.18 -11.22 9.83
C GLN A 75 -0.65 -10.38 8.65
N ARG A 76 -0.24 -10.78 7.44
CA ARG A 76 -0.62 -10.06 6.24
C ARG A 76 -2.13 -9.94 6.12
N ASN A 77 -2.59 -9.13 5.16
CA ASN A 77 -4.02 -8.92 4.97
C ASN A 77 -4.64 -8.25 6.20
N GLU A 78 -3.81 -7.65 7.04
CA GLU A 78 -4.27 -6.98 8.24
C GLU A 78 -3.79 -5.53 8.29
N VAL A 79 -3.04 -5.12 7.27
CA VAL A 79 -2.49 -3.77 7.20
C VAL A 79 -3.40 -2.82 6.42
N ARG A 80 -3.11 -1.54 6.55
CA ARG A 80 -3.85 -0.49 5.86
C ARG A 80 -2.88 0.35 5.04
N PHE A 81 -3.24 0.63 3.79
CA PHE A 81 -2.40 1.45 2.93
C PHE A 81 -3.00 2.84 2.81
N PHE A 82 -2.16 3.86 2.91
CA PHE A 82 -2.64 5.24 2.85
C PHE A 82 -1.66 6.13 2.08
N LEU A 83 -2.18 7.14 1.40
CA LEU A 83 -1.33 8.04 0.62
C LEU A 83 -0.90 9.26 1.45
N ARG A 84 0.40 9.39 1.67
CA ARG A 84 0.94 10.50 2.44
C ARG A 84 1.69 11.49 1.54
N HIS A 85 1.53 12.77 1.82
CA HIS A 85 2.19 13.82 1.05
C HIS A 85 3.40 14.37 1.78
N GLU A 86 4.54 14.41 1.10
CA GLU A 86 5.78 14.91 1.69
C GLU A 86 6.36 16.03 0.84
N GLY A 1 -1.68 -25.13 2.74
CA GLY A 1 -0.33 -24.57 2.40
C GLY A 1 0.05 -24.84 0.96
N GLY A 2 0.91 -23.98 0.42
CA GLY A 2 1.35 -24.15 -0.96
C GLY A 2 1.25 -22.85 -1.75
N SER A 3 1.69 -22.91 -3.02
CA SER A 3 1.65 -21.74 -3.89
C SER A 3 0.23 -21.24 -4.05
N MET A 4 0.10 -19.98 -4.47
CA MET A 4 -1.21 -19.37 -4.67
C MET A 4 -1.11 -18.10 -5.51
N MET A 5 -2.25 -17.63 -6.00
CA MET A 5 -2.29 -16.42 -6.84
C MET A 5 -1.73 -15.22 -6.07
N PRO A 6 -1.44 -14.12 -6.78
CA PRO A 6 -0.91 -12.90 -6.16
C PRO A 6 -1.82 -12.38 -5.06
N MET A 7 -1.54 -11.16 -4.59
CA MET A 7 -2.35 -10.56 -3.54
C MET A 7 -2.67 -9.11 -3.87
N PHE A 8 -3.37 -8.43 -2.95
CA PHE A 8 -3.75 -7.05 -3.17
C PHE A 8 -3.70 -6.26 -1.86
N LEU A 9 -3.55 -4.95 -1.99
CA LEU A 9 -3.50 -4.07 -0.83
C LEU A 9 -4.51 -2.94 -0.95
N THR A 10 -5.14 -2.59 0.18
CA THR A 10 -6.12 -1.52 0.18
C THR A 10 -5.50 -0.21 0.64
N VAL A 11 -5.38 0.73 -0.29
CA VAL A 11 -4.80 2.04 0.01
C VAL A 11 -5.89 3.04 0.37
N TYR A 12 -5.51 4.11 1.05
CA TYR A 12 -6.47 5.13 1.46
C TYR A 12 -6.24 6.44 0.72
N LEU A 13 -7.34 7.00 0.23
CA LEU A 13 -7.32 8.26 -0.52
C LEU A 13 -7.62 9.44 0.38
N SER A 14 -6.79 10.47 0.28
CA SER A 14 -6.96 11.69 1.07
C SER A 14 -7.12 11.37 2.55
N ASN A 15 -7.53 12.37 3.32
CA ASN A 15 -7.72 12.20 4.75
C ASN A 15 -8.83 11.19 5.04
N ASN A 16 -9.35 11.21 6.27
CA ASN A 16 -10.40 10.29 6.66
C ASN A 16 -9.87 8.86 6.74
N GLU A 17 -10.79 7.90 6.86
CA GLU A 17 -10.41 6.50 6.94
C GLU A 17 -11.50 5.59 6.36
N GLN A 18 -12.24 6.11 5.40
CA GLN A 18 -13.31 5.35 4.77
C GLN A 18 -13.14 5.28 3.26
N HIS A 19 -12.31 6.15 2.69
CA HIS A 19 -12.09 6.09 1.26
C HIS A 19 -10.77 5.38 1.02
N PHE A 20 -10.84 4.29 0.29
CA PHE A 20 -9.67 3.50 0.00
C PHE A 20 -9.72 2.93 -1.40
N THR A 21 -8.57 2.56 -1.92
CA THR A 21 -8.51 1.93 -3.22
C THR A 21 -7.62 0.70 -3.13
N GLU A 22 -8.23 -0.46 -3.33
CA GLU A 22 -7.50 -1.71 -3.27
C GLU A 22 -7.01 -2.13 -4.64
N VAL A 23 -5.92 -2.89 -4.68
CA VAL A 23 -5.34 -3.32 -5.94
C VAL A 23 -4.51 -4.59 -5.83
N PRO A 24 -4.62 -5.50 -6.81
CA PRO A 24 -3.85 -6.74 -6.86
C PRO A 24 -2.55 -6.51 -7.63
N VAL A 25 -1.43 -6.47 -6.91
CA VAL A 25 -0.14 -6.21 -7.54
C VAL A 25 0.79 -7.41 -7.48
N THR A 26 1.74 -7.43 -8.41
CA THR A 26 2.75 -8.47 -8.49
C THR A 26 4.09 -7.84 -8.15
N PRO A 27 5.13 -8.63 -7.83
CA PRO A 27 6.43 -8.08 -7.50
C PRO A 27 6.99 -7.19 -8.62
N GLU A 28 6.39 -7.27 -9.80
CA GLU A 28 6.82 -6.46 -10.93
C GLU A 28 6.51 -4.99 -10.69
N THR A 29 5.26 -4.70 -10.35
CA THR A 29 4.84 -3.33 -10.08
C THR A 29 4.93 -3.01 -8.60
N ILE A 30 5.20 -1.75 -8.28
CA ILE A 30 5.31 -1.36 -6.87
C ILE A 30 4.63 -0.02 -6.58
N CYS A 31 3.76 0.00 -5.57
CA CYS A 31 3.08 1.21 -5.13
C CYS A 31 2.69 2.11 -6.31
N ARG A 32 2.55 1.53 -7.48
CA ARG A 32 2.16 2.27 -8.67
C ARG A 32 0.67 2.45 -8.66
N ASP A 33 0.00 1.39 -8.25
CA ASP A 33 -1.44 1.39 -8.14
C ASP A 33 -1.84 2.17 -6.88
N VAL A 34 -0.99 2.10 -5.87
CA VAL A 34 -1.22 2.80 -4.61
C VAL A 34 -1.19 4.31 -4.81
N VAL A 35 -0.11 4.81 -5.40
CA VAL A 35 0.04 6.24 -5.65
C VAL A 35 -0.88 6.70 -6.77
N ASP A 36 -0.87 5.98 -7.88
CA ASP A 36 -1.69 6.33 -9.04
C ASP A 36 -3.17 6.47 -8.66
N LEU A 37 -3.66 5.56 -7.83
CA LEU A 37 -5.06 5.59 -7.41
C LEU A 37 -5.30 6.58 -6.27
N CYS A 38 -4.30 6.76 -5.42
CA CYS A 38 -4.43 7.67 -4.29
C CYS A 38 -3.67 8.96 -4.54
N LYS A 39 -3.60 9.33 -5.80
CA LYS A 39 -2.90 10.53 -6.23
C LYS A 39 -3.78 11.76 -6.04
N GLU A 40 -3.23 12.93 -6.35
CA GLU A 40 -3.96 14.19 -6.21
C GLU A 40 -3.29 15.29 -7.03
N PRO A 41 -3.99 16.44 -7.20
CA PRO A 41 -3.45 17.57 -7.98
C PRO A 41 -2.05 17.97 -7.54
N GLY A 42 -1.07 17.67 -8.37
CA GLY A 42 0.31 18.00 -8.06
C GLY A 42 1.05 16.83 -7.43
N GLU A 43 1.84 16.14 -8.24
CA GLU A 43 2.61 14.99 -7.76
C GLU A 43 4.07 15.38 -7.53
N SER A 44 4.41 15.66 -6.28
CA SER A 44 5.78 16.04 -5.93
C SER A 44 6.23 15.34 -4.65
N ASP A 45 7.01 14.27 -4.80
CA ASP A 45 7.51 13.52 -3.67
C ASP A 45 6.35 12.95 -2.85
N CYS A 46 5.97 11.71 -3.14
CA CYS A 46 4.88 11.05 -2.44
C CYS A 46 5.30 9.67 -1.97
N HIS A 47 4.68 9.21 -0.87
CA HIS A 47 4.99 7.91 -0.31
C HIS A 47 3.74 7.25 0.27
N LEU A 48 3.78 5.93 0.39
CA LEU A 48 2.65 5.18 0.93
C LEU A 48 2.98 4.73 2.36
N ALA A 49 1.95 4.64 3.20
CA ALA A 49 2.15 4.24 4.60
C ALA A 49 1.52 2.89 4.88
N GLU A 50 2.07 2.19 5.88
CA GLU A 50 1.54 0.88 6.28
C GLU A 50 1.29 0.86 7.78
N VAL A 51 0.01 0.79 8.17
CA VAL A 51 -0.37 0.75 9.57
C VAL A 51 -1.24 -0.47 9.87
N TRP A 52 -0.86 -1.24 10.88
CA TRP A 52 -1.65 -2.41 11.24
C TRP A 52 -1.63 -2.66 12.74
N CYS A 53 -2.82 -2.65 13.34
CA CYS A 53 -2.97 -2.89 14.77
C CYS A 53 -1.92 -2.12 15.59
N GLY A 54 -1.71 -0.87 15.23
CA GLY A 54 -0.75 -0.05 15.95
C GLY A 54 0.62 -0.05 15.31
N SER A 55 0.86 -0.98 14.38
CA SER A 55 2.14 -1.06 13.70
C SER A 55 2.15 -0.19 12.46
N GLU A 56 2.67 1.02 12.59
CA GLU A 56 2.72 1.96 11.48
C GLU A 56 4.16 2.13 10.98
N ARG A 57 4.34 2.08 9.67
CA ARG A 57 5.66 2.22 9.08
C ARG A 57 5.58 2.92 7.71
N PRO A 58 6.65 3.61 7.30
CA PRO A 58 6.68 4.31 6.02
C PRO A 58 7.02 3.38 4.86
N VAL A 59 6.06 3.21 3.94
CA VAL A 59 6.27 2.35 2.78
C VAL A 59 6.66 3.17 1.56
N ALA A 60 7.74 2.74 0.90
CA ALA A 60 8.23 3.40 -0.30
C ALA A 60 7.41 3.01 -1.51
N ASP A 61 7.37 3.89 -2.51
CA ASP A 61 6.61 3.63 -3.71
C ASP A 61 7.17 2.44 -4.50
N ASN A 62 8.37 2.00 -4.15
CA ASN A 62 8.99 0.88 -4.85
C ASN A 62 8.89 -0.42 -4.05
N GLU A 63 8.05 -0.44 -3.03
CA GLU A 63 7.88 -1.64 -2.21
C GLU A 63 6.87 -2.59 -2.85
N ARG A 64 7.35 -3.75 -3.28
CA ARG A 64 6.50 -4.75 -3.92
C ARG A 64 5.38 -5.20 -2.98
N MET A 65 4.17 -5.31 -3.54
CA MET A 65 2.99 -5.73 -2.77
C MET A 65 3.38 -6.68 -1.64
N PHE A 66 3.59 -7.94 -2.00
CA PHE A 66 3.98 -8.96 -1.03
C PHE A 66 5.21 -8.53 -0.25
N ASP A 67 6.15 -7.86 -0.91
CA ASP A 67 7.37 -7.41 -0.26
C ASP A 67 7.02 -6.58 0.97
N VAL A 68 5.98 -5.77 0.84
CA VAL A 68 5.52 -4.94 1.94
C VAL A 68 4.69 -5.79 2.88
N LEU A 69 4.06 -6.82 2.33
CA LEU A 69 3.22 -7.72 3.11
C LEU A 69 4.05 -8.70 3.93
N GLN A 70 5.35 -8.74 3.65
CA GLN A 70 6.26 -9.64 4.36
C GLN A 70 6.88 -8.95 5.57
N ARG A 71 6.88 -7.62 5.58
CA ARG A 71 7.45 -6.87 6.70
C ARG A 71 6.52 -6.84 7.90
N PHE A 72 5.21 -6.89 7.64
CA PHE A 72 4.24 -6.87 8.72
C PHE A 72 4.41 -8.09 9.63
N GLY A 73 5.09 -9.12 9.12
CA GLY A 73 5.31 -10.32 9.91
C GLY A 73 4.54 -11.51 9.36
N SER A 74 3.22 -11.40 9.35
CA SER A 74 2.37 -12.46 8.86
C SER A 74 0.95 -11.95 8.60
N GLN A 75 0.45 -11.15 9.53
CA GLN A 75 -0.89 -10.59 9.40
C GLN A 75 -0.97 -9.65 8.20
N ARG A 76 -1.32 -10.20 7.04
CA ARG A 76 -1.43 -9.42 5.82
C ARG A 76 -2.81 -8.76 5.72
N ASN A 77 -3.80 -9.37 6.35
CA ASN A 77 -5.15 -8.84 6.33
C ASN A 77 -5.43 -7.96 7.54
N GLU A 78 -4.35 -7.46 8.16
CA GLU A 78 -4.46 -6.60 9.33
C GLU A 78 -3.86 -5.23 9.08
N VAL A 79 -3.17 -5.08 7.95
CA VAL A 79 -2.51 -3.82 7.60
C VAL A 79 -3.40 -2.92 6.75
N ARG A 80 -3.03 -1.65 6.69
CA ARG A 80 -3.73 -0.65 5.90
C ARG A 80 -2.73 0.15 5.08
N PHE A 81 -3.12 0.51 3.87
CA PHE A 81 -2.27 1.30 2.99
C PHE A 81 -2.84 2.69 2.90
N PHE A 82 -1.99 3.71 2.98
CA PHE A 82 -2.47 5.09 2.96
C PHE A 82 -1.52 6.00 2.18
N LEU A 83 -2.10 6.92 1.40
CA LEU A 83 -1.29 7.83 0.61
C LEU A 83 -1.03 9.13 1.35
N ARG A 84 0.25 9.46 1.52
CA ARG A 84 0.66 10.67 2.23
C ARG A 84 1.30 11.66 1.27
N HIS A 85 0.86 12.91 1.34
CA HIS A 85 1.41 13.95 0.47
C HIS A 85 2.57 14.66 1.15
N GLU A 86 3.79 14.35 0.72
CA GLU A 86 4.98 14.94 1.29
C GLU A 86 5.29 16.28 0.62
N GLY A 1 -4.73 -22.90 -15.85
CA GLY A 1 -4.61 -23.31 -14.42
C GLY A 1 -3.19 -23.63 -14.03
N GLY A 2 -2.30 -22.65 -14.17
CA GLY A 2 -0.91 -22.85 -13.82
C GLY A 2 -0.61 -22.44 -12.39
N SER A 3 0.34 -21.53 -12.22
CA SER A 3 0.73 -21.05 -10.91
C SER A 3 0.93 -19.54 -10.91
N MET A 4 -0.09 -18.82 -10.46
CA MET A 4 -0.03 -17.36 -10.41
C MET A 4 -1.23 -16.79 -9.67
N MET A 5 -1.08 -16.59 -8.36
CA MET A 5 -2.15 -16.05 -7.53
C MET A 5 -1.65 -14.86 -6.71
N PRO A 6 -1.42 -13.71 -7.37
CA PRO A 6 -0.95 -12.50 -6.69
C PRO A 6 -1.87 -12.05 -5.56
N MET A 7 -1.51 -10.96 -4.91
CA MET A 7 -2.30 -10.42 -3.81
C MET A 7 -2.65 -8.96 -4.08
N PHE A 8 -3.30 -8.32 -3.11
CA PHE A 8 -3.70 -6.92 -3.26
C PHE A 8 -3.64 -6.18 -1.93
N LEU A 9 -3.50 -4.86 -2.01
CA LEU A 9 -3.43 -4.01 -0.83
C LEU A 9 -4.48 -2.92 -0.87
N THR A 10 -5.07 -2.62 0.27
CA THR A 10 -6.09 -1.58 0.36
C THR A 10 -5.44 -0.23 0.67
N VAL A 11 -5.47 0.65 -0.33
CA VAL A 11 -4.87 1.98 -0.18
C VAL A 11 -5.90 2.99 0.31
N TYR A 12 -5.42 4.05 0.96
CA TYR A 12 -6.29 5.09 1.47
C TYR A 12 -6.11 6.39 0.73
N LEU A 13 -7.23 6.94 0.28
CA LEU A 13 -7.25 8.20 -0.46
C LEU A 13 -7.40 9.39 0.49
N SER A 14 -6.60 10.41 0.26
CA SER A 14 -6.65 11.62 1.08
C SER A 14 -6.49 11.27 2.55
N ASN A 15 -6.85 12.22 3.42
CA ASN A 15 -6.73 12.01 4.86
C ASN A 15 -8.03 11.44 5.43
N ASN A 16 -8.55 10.41 4.79
CA ASN A 16 -9.79 9.78 5.22
C ASN A 16 -9.51 8.46 5.93
N GLU A 17 -10.52 7.93 6.62
CA GLU A 17 -10.38 6.67 7.34
C GLU A 17 -11.31 5.60 6.79
N GLN A 18 -12.23 5.99 5.90
CA GLN A 18 -13.18 5.05 5.31
C GLN A 18 -13.08 5.03 3.79
N HIS A 19 -12.30 5.94 3.21
CA HIS A 19 -12.15 5.91 1.77
C HIS A 19 -10.83 5.24 1.45
N PHE A 20 -10.91 4.17 0.69
CA PHE A 20 -9.72 3.43 0.31
C PHE A 20 -9.85 2.88 -1.09
N THR A 21 -8.73 2.56 -1.69
CA THR A 21 -8.72 1.95 -2.99
C THR A 21 -7.78 0.76 -2.98
N GLU A 22 -8.34 -0.42 -3.18
CA GLU A 22 -7.55 -1.64 -3.15
C GLU A 22 -7.08 -2.01 -4.54
N VAL A 23 -5.96 -2.72 -4.61
CA VAL A 23 -5.38 -3.09 -5.89
C VAL A 23 -4.51 -4.36 -5.81
N PRO A 24 -4.60 -5.22 -6.83
CA PRO A 24 -3.81 -6.45 -6.91
C PRO A 24 -2.53 -6.21 -7.70
N VAL A 25 -1.38 -6.36 -7.04
CA VAL A 25 -0.10 -6.14 -7.70
C VAL A 25 0.83 -7.34 -7.60
N THR A 26 1.46 -7.67 -8.71
CA THR A 26 2.42 -8.76 -8.75
C THR A 26 3.77 -8.21 -8.33
N PRO A 27 4.77 -9.06 -8.08
CA PRO A 27 6.09 -8.57 -7.67
C PRO A 27 6.85 -7.96 -8.83
N GLU A 28 6.27 -6.91 -9.40
CA GLU A 28 6.88 -6.19 -10.52
C GLU A 28 6.64 -4.69 -10.35
N THR A 29 5.39 -4.33 -10.08
CA THR A 29 5.02 -2.94 -9.87
C THR A 29 5.11 -2.59 -8.39
N ILE A 30 5.35 -1.33 -8.07
CA ILE A 30 5.47 -0.95 -6.66
C ILE A 30 4.76 0.37 -6.35
N CYS A 31 3.90 0.34 -5.34
CA CYS A 31 3.19 1.53 -4.88
C CYS A 31 2.73 2.43 -6.02
N ARG A 32 2.61 1.85 -7.20
CA ARG A 32 2.14 2.59 -8.36
C ARG A 32 0.65 2.66 -8.29
N ASP A 33 0.08 1.58 -7.76
CA ASP A 33 -1.34 1.48 -7.57
C ASP A 33 -1.78 2.37 -6.41
N VAL A 34 -1.01 2.33 -5.31
CA VAL A 34 -1.34 3.15 -4.16
C VAL A 34 -1.31 4.63 -4.51
N VAL A 35 -0.23 5.08 -5.18
CA VAL A 35 -0.12 6.48 -5.55
C VAL A 35 -1.05 6.85 -6.71
N ASP A 36 -1.03 6.07 -7.78
CA ASP A 36 -1.86 6.36 -8.95
C ASP A 36 -3.35 6.44 -8.60
N LEU A 37 -3.79 5.67 -7.61
CA LEU A 37 -5.20 5.67 -7.22
C LEU A 37 -5.50 6.68 -6.12
N CYS A 38 -4.56 6.85 -5.19
CA CYS A 38 -4.78 7.77 -4.08
C CYS A 38 -4.18 9.16 -4.35
N LYS A 39 -4.11 9.51 -5.62
CA LYS A 39 -3.60 10.82 -6.03
C LYS A 39 -4.71 11.64 -6.69
N GLU A 40 -4.34 12.77 -7.27
CA GLU A 40 -5.29 13.64 -7.94
C GLU A 40 -4.58 14.82 -8.61
N PRO A 41 -3.88 15.66 -7.82
CA PRO A 41 -3.17 16.82 -8.35
C PRO A 41 -1.79 16.45 -8.89
N GLY A 42 -0.98 17.46 -9.17
CA GLY A 42 0.36 17.21 -9.69
C GLY A 42 1.38 17.15 -8.57
N GLU A 43 1.09 16.34 -7.55
CA GLU A 43 2.00 16.19 -6.41
C GLU A 43 3.30 15.52 -6.83
N SER A 44 4.37 15.83 -6.10
CA SER A 44 5.68 15.25 -6.39
C SER A 44 6.37 14.84 -5.10
N ASP A 45 7.12 13.73 -5.17
CA ASP A 45 7.83 13.22 -4.00
C ASP A 45 6.87 12.80 -2.91
N CYS A 46 6.19 11.68 -3.13
CA CYS A 46 5.23 11.15 -2.16
C CYS A 46 5.60 9.73 -1.76
N HIS A 47 5.09 9.29 -0.60
CA HIS A 47 5.36 7.95 -0.11
C HIS A 47 4.09 7.26 0.37
N LEU A 48 4.11 5.95 0.41
CA LEU A 48 2.96 5.17 0.86
C LEU A 48 3.18 4.74 2.31
N ALA A 49 2.10 4.62 3.06
CA ALA A 49 2.21 4.24 4.48
C ALA A 49 1.59 2.88 4.78
N GLU A 50 2.11 2.23 5.83
CA GLU A 50 1.61 0.92 6.25
C GLU A 50 1.31 0.93 7.76
N VAL A 51 0.03 0.84 8.11
CA VAL A 51 -0.40 0.80 9.51
C VAL A 51 -1.23 -0.43 9.80
N TRP A 52 -0.86 -1.19 10.82
CA TRP A 52 -1.63 -2.38 11.17
C TRP A 52 -1.63 -2.64 12.67
N CYS A 53 -2.83 -2.65 13.26
CA CYS A 53 -2.98 -2.89 14.69
C CYS A 53 -1.96 -2.11 15.52
N GLY A 54 -1.86 -0.81 15.25
CA GLY A 54 -0.93 0.02 15.98
C GLY A 54 0.46 0.02 15.36
N SER A 55 0.69 -0.88 14.41
CA SER A 55 1.98 -0.98 13.74
C SER A 55 2.01 -0.10 12.50
N GLU A 56 2.53 1.12 12.66
CA GLU A 56 2.61 2.05 11.55
C GLU A 56 4.06 2.30 11.15
N ARG A 57 4.33 2.23 9.85
CA ARG A 57 5.69 2.46 9.34
C ARG A 57 5.64 3.12 7.96
N PRO A 58 6.70 3.87 7.61
CA PRO A 58 6.77 4.55 6.32
C PRO A 58 7.15 3.59 5.18
N VAL A 59 6.31 3.52 4.16
CA VAL A 59 6.56 2.63 3.03
C VAL A 59 6.98 3.43 1.79
N ALA A 60 8.05 2.97 1.15
CA ALA A 60 8.56 3.61 -0.05
C ALA A 60 7.73 3.22 -1.27
N ASP A 61 7.54 4.15 -2.19
CA ASP A 61 6.75 3.90 -3.39
C ASP A 61 7.30 2.73 -4.20
N ASN A 62 8.52 2.29 -3.90
CA ASN A 62 9.13 1.19 -4.65
C ASN A 62 9.04 -0.12 -3.88
N GLU A 63 8.10 -0.22 -2.95
CA GLU A 63 7.91 -1.44 -2.16
C GLU A 63 6.91 -2.38 -2.83
N ARG A 64 7.40 -3.53 -3.31
CA ARG A 64 6.55 -4.51 -3.97
C ARG A 64 5.43 -4.98 -3.07
N MET A 65 4.23 -5.11 -3.63
CA MET A 65 3.04 -5.55 -2.89
C MET A 65 3.42 -6.53 -1.79
N PHE A 66 3.63 -7.77 -2.17
CA PHE A 66 4.01 -8.82 -1.21
C PHE A 66 5.25 -8.40 -0.43
N ASP A 67 6.17 -7.69 -1.08
CA ASP A 67 7.39 -7.24 -0.43
C ASP A 67 7.03 -6.45 0.81
N VAL A 68 6.01 -5.63 0.69
CA VAL A 68 5.54 -4.83 1.81
C VAL A 68 4.71 -5.68 2.75
N LEU A 69 4.10 -6.74 2.19
CA LEU A 69 3.25 -7.63 2.95
C LEU A 69 4.09 -8.66 3.73
N GLN A 70 5.38 -8.71 3.45
CA GLN A 70 6.27 -9.65 4.13
C GLN A 70 6.90 -9.02 5.37
N ARG A 71 6.77 -7.70 5.51
CA ARG A 71 7.34 -7.01 6.66
C ARG A 71 6.37 -6.98 7.84
N PHE A 72 5.07 -6.99 7.54
CA PHE A 72 4.05 -6.97 8.58
C PHE A 72 4.13 -8.24 9.42
N GLY A 73 4.04 -9.39 8.76
CA GLY A 73 4.10 -10.67 9.46
C GLY A 73 3.06 -11.65 8.96
N SER A 74 2.71 -12.62 9.80
CA SER A 74 1.73 -13.63 9.42
C SER A 74 0.40 -12.97 9.06
N GLN A 75 0.05 -11.92 9.80
CA GLN A 75 -1.20 -11.21 9.56
C GLN A 75 -1.03 -10.18 8.46
N ARG A 76 -1.23 -10.62 7.21
CA ARG A 76 -1.10 -9.74 6.06
C ARG A 76 -2.39 -8.99 5.78
N ASN A 77 -3.50 -9.52 6.28
CA ASN A 77 -4.81 -8.89 6.07
C ASN A 77 -5.19 -8.02 7.26
N GLU A 78 -4.18 -7.48 7.94
CA GLU A 78 -4.39 -6.62 9.10
C GLU A 78 -3.79 -5.23 8.90
N VAL A 79 -3.08 -5.05 7.79
CA VAL A 79 -2.42 -3.78 7.48
C VAL A 79 -3.29 -2.88 6.62
N ARG A 80 -2.91 -1.61 6.57
CA ARG A 80 -3.60 -0.63 5.76
C ARG A 80 -2.59 0.18 4.95
N PHE A 81 -2.94 0.50 3.72
CA PHE A 81 -2.08 1.27 2.85
C PHE A 81 -2.66 2.66 2.73
N PHE A 82 -1.81 3.69 2.80
CA PHE A 82 -2.29 5.06 2.74
C PHE A 82 -1.35 5.96 1.96
N LEU A 83 -1.91 6.90 1.21
CA LEU A 83 -1.10 7.82 0.41
C LEU A 83 -0.80 9.10 1.18
N ARG A 84 0.49 9.38 1.37
CA ARG A 84 0.92 10.57 2.08
C ARG A 84 1.52 11.59 1.11
N HIS A 85 0.93 12.77 1.07
CA HIS A 85 1.40 13.84 0.19
C HIS A 85 2.11 14.92 1.00
N GLU A 86 3.19 15.47 0.42
CA GLU A 86 3.95 16.52 1.08
C GLU A 86 5.02 17.08 0.14
#